data_1EN2
# 
_entry.id   1EN2 
# 
_audit_conform.dict_name       mmcif_pdbx.dic 
_audit_conform.dict_version    5.397 
_audit_conform.dict_location   http://mmcif.pdb.org/dictionaries/ascii/mmcif_pdbx.dic 
# 
loop_
_database_2.database_id 
_database_2.database_code 
_database_2.pdbx_database_accession 
_database_2.pdbx_DOI 
PDB   1EN2         pdb_00001en2 10.2210/pdb1en2/pdb 
RCSB  RCSB010738   ?            ?                   
WWPDB D_1000010738 ?            ?                   
# 
loop_
_pdbx_audit_revision_history.ordinal 
_pdbx_audit_revision_history.data_content_type 
_pdbx_audit_revision_history.major_revision 
_pdbx_audit_revision_history.minor_revision 
_pdbx_audit_revision_history.revision_date 
1 'Structure model' 1 0 2000-06-21 
2 'Structure model' 1 1 2008-04-27 
3 'Structure model' 1 2 2011-07-13 
4 'Structure model' 1 3 2014-02-05 
5 'Structure model' 2 0 2019-12-25 
6 'Structure model' 3 0 2020-07-29 
7 'Structure model' 3 1 2023-08-09 
8 'Structure model' 3 2 2024-10-09 
# 
loop_
_pdbx_audit_revision_details.ordinal 
_pdbx_audit_revision_details.revision_ordinal 
_pdbx_audit_revision_details.data_content_type 
_pdbx_audit_revision_details.provider 
_pdbx_audit_revision_details.type 
_pdbx_audit_revision_details.description 
_pdbx_audit_revision_details.details 
1 1 'Structure model' repository 'Initial release' ?                          ? 
2 6 'Structure model' repository Remediation       'Carbohydrate remediation' ? 
# 
loop_
_pdbx_audit_revision_group.ordinal 
_pdbx_audit_revision_group.revision_ordinal 
_pdbx_audit_revision_group.data_content_type 
_pdbx_audit_revision_group.group 
1  2 'Structure model' 'Version format compliance' 
2  3 'Structure model' 'Non-polymer description'   
3  3 'Structure model' 'Version format compliance' 
4  4 'Structure model' Other                       
5  5 'Structure model' Advisory                    
6  5 'Structure model' 'Database references'       
7  5 'Structure model' 'Derived calculations'      
8  5 'Structure model' 'Polymer sequence'          
9  6 'Structure model' Advisory                    
10 6 'Structure model' 'Atomic model'              
11 6 'Structure model' 'Data collection'           
12 6 'Structure model' 'Derived calculations'      
13 6 'Structure model' 'Structure summary'         
14 7 'Structure model' Advisory                    
15 7 'Structure model' 'Data collection'           
16 7 'Structure model' 'Database references'       
17 7 'Structure model' 'Refinement description'    
18 7 'Structure model' 'Structure summary'         
19 8 'Structure model' 'Structure summary'         
# 
loop_
_pdbx_audit_revision_category.ordinal 
_pdbx_audit_revision_category.revision_ordinal 
_pdbx_audit_revision_category.data_content_type 
_pdbx_audit_revision_category.category 
1  5 'Structure model' entity_poly                   
2  5 'Structure model' pdbx_struct_mod_residue       
3  5 'Structure model' pdbx_unobs_or_zero_occ_atoms  
4  5 'Structure model' struct_conn                   
5  5 'Structure model' struct_ref_seq_dif            
6  6 'Structure model' atom_site                     
7  6 'Structure model' chem_comp                     
8  6 'Structure model' entity                        
9  6 'Structure model' pdbx_branch_scheme            
10 6 'Structure model' pdbx_chem_comp_identifier     
11 6 'Structure model' pdbx_entity_branch            
12 6 'Structure model' pdbx_entity_branch_descriptor 
13 6 'Structure model' pdbx_entity_branch_link       
14 6 'Structure model' pdbx_entity_branch_list       
15 6 'Structure model' pdbx_entity_nonpoly           
16 6 'Structure model' pdbx_nonpoly_scheme           
17 6 'Structure model' pdbx_struct_assembly_gen      
18 6 'Structure model' pdbx_unobs_or_zero_occ_atoms  
19 6 'Structure model' pdbx_validate_close_contact   
20 6 'Structure model' struct_asym                   
21 6 'Structure model' struct_conn                   
22 6 'Structure model' struct_site                   
23 6 'Structure model' struct_site_gen               
24 7 'Structure model' chem_comp                     
25 7 'Structure model' chem_comp_atom                
26 7 'Structure model' chem_comp_bond                
27 7 'Structure model' database_2                    
28 7 'Structure model' pdbx_initial_refinement_model 
29 7 'Structure model' pdbx_unobs_or_zero_occ_atoms  
30 8 'Structure model' pdbx_entry_details            
31 8 'Structure model' pdbx_modification_feature     
# 
loop_
_pdbx_audit_revision_item.ordinal 
_pdbx_audit_revision_item.revision_ordinal 
_pdbx_audit_revision_item.data_content_type 
_pdbx_audit_revision_item.item 
1  5 'Structure model' '_entity_poly.pdbx_seq_one_letter_code_can'    
2  5 'Structure model' '_pdbx_struct_mod_residue.parent_comp_id'      
3  5 'Structure model' '_struct_conn.pdbx_leaving_atom_flag'          
4  6 'Structure model' '_atom_site.B_iso_or_equiv'                    
5  6 'Structure model' '_atom_site.Cartn_x'                           
6  6 'Structure model' '_atom_site.Cartn_y'                           
7  6 'Structure model' '_atom_site.Cartn_z'                           
8  6 'Structure model' '_atom_site.auth_asym_id'                      
9  6 'Structure model' '_atom_site.auth_seq_id'                       
10 6 'Structure model' '_atom_site.label_asym_id'                     
11 6 'Structure model' '_atom_site.occupancy'                         
12 6 'Structure model' '_chem_comp.name'                              
13 6 'Structure model' '_chem_comp.type'                              
14 6 'Structure model' '_entity.formula_weight'                       
15 6 'Structure model' '_entity.pdbx_description'                     
16 6 'Structure model' '_entity.pdbx_number_of_molecules'             
17 6 'Structure model' '_entity.type'                                 
18 6 'Structure model' '_pdbx_struct_assembly_gen.asym_id_list'       
19 6 'Structure model' '_pdbx_unobs_or_zero_occ_atoms.auth_asym_id'   
20 6 'Structure model' '_pdbx_unobs_or_zero_occ_atoms.auth_seq_id'    
21 6 'Structure model' '_pdbx_unobs_or_zero_occ_atoms.label_seq_id'   
22 6 'Structure model' '_pdbx_validate_close_contact.auth_asym_id_1'  
23 6 'Structure model' '_pdbx_validate_close_contact.auth_seq_id_1'   
24 6 'Structure model' '_struct_conn.pdbx_dist_value'                 
25 6 'Structure model' '_struct_conn.ptnr1_auth_asym_id'              
26 6 'Structure model' '_struct_conn.ptnr1_auth_comp_id'              
27 6 'Structure model' '_struct_conn.ptnr1_auth_seq_id'               
28 6 'Structure model' '_struct_conn.ptnr1_label_asym_id'             
29 6 'Structure model' '_struct_conn.ptnr1_label_atom_id'             
30 6 'Structure model' '_struct_conn.ptnr1_label_comp_id'             
31 6 'Structure model' '_struct_conn.ptnr1_label_seq_id'              
32 6 'Structure model' '_struct_conn.ptnr2_auth_asym_id'              
33 6 'Structure model' '_struct_conn.ptnr2_auth_comp_id'              
34 6 'Structure model' '_struct_conn.ptnr2_auth_seq_id'               
35 6 'Structure model' '_struct_conn.ptnr2_label_asym_id'             
36 6 'Structure model' '_struct_conn.ptnr2_label_atom_id'             
37 6 'Structure model' '_struct_conn.ptnr2_label_comp_id'             
38 6 'Structure model' '_struct_conn.ptnr2_label_seq_id'              
39 7 'Structure model' '_chem_comp.pdbx_synonyms'                     
40 7 'Structure model' '_database_2.pdbx_DOI'                         
41 7 'Structure model' '_database_2.pdbx_database_accession'          
42 8 'Structure model' '_pdbx_entry_details.has_protein_modification' 
# 
_pdbx_database_status.status_code                     REL 
_pdbx_database_status.entry_id                        1EN2 
_pdbx_database_status.recvd_initial_deposition_date   2000-03-20 
_pdbx_database_status.deposit_site                    RCSB 
_pdbx_database_status.process_site                    RCSB 
_pdbx_database_status.status_code_sf                  REL 
_pdbx_database_status.SG_entry                        . 
_pdbx_database_status.status_code_mr                  ? 
_pdbx_database_status.status_code_cs                  ? 
_pdbx_database_status.pdb_format_compatible           Y 
_pdbx_database_status.methods_development_category    ? 
_pdbx_database_status.status_code_nmr_data            ? 
# 
loop_
_pdbx_database_related.db_name 
_pdbx_database_related.db_id 
_pdbx_database_related.details 
_pdbx_database_related.content_type 
PDB 1EIS 'UDA uncomplexed form'      unspecified 
PDB 1ENM 'UDA trisaccharide complex' unspecified 
# 
loop_
_audit_author.name 
_audit_author.pdbx_ordinal 
'Saul, F.A.'        1 
'Rovira, P.'        2 
'Boulot, G.'        3 
'Van Damme, E.J.M.' 4 
'Peumans, W.J.'     5 
'Truffa-Bachi, P.'  6 
'Bentley, G.A.'     7 
# 
loop_
_citation.id 
_citation.title 
_citation.journal_abbrev 
_citation.journal_volume 
_citation.page_first 
_citation.page_last 
_citation.year 
_citation.journal_id_ASTM 
_citation.country 
_citation.journal_id_ISSN 
_citation.journal_id_CSD 
_citation.book_publisher 
_citation.pdbx_database_id_PubMed 
_citation.pdbx_database_id_DOI 
primary 'Crystal structure of Urtica dioica agglutinin, a superantigen presented by MHC molecules of class I and class II.' 
'Structure Fold.Des.' 8  593 603 2000 FODEFH UK 0969-2126 1263 ? 10873861 '10.1016/S0969-2126(00)00142-8' 
1       'Characterisation of Urtica dioica Agglutinin Isolectins and the Encoding Gene Family'                              
'Plant Mol.Biol.'     39 335 347 1999 PMBIDB NE 0167-4412 2006 ? ?        10.1023/A:1006134932290         
# 
loop_
_citation_author.citation_id 
_citation_author.name 
_citation_author.ordinal 
_citation_author.identifier_ORCID 
primary 'Saul, F.A.'          1  ? 
primary 'Rovira, P.'          2  ? 
primary 'Boulot, G.'          3  ? 
primary 'Damme, E.J.'         4  ? 
primary 'Peumans, W.J.'       5  ? 
primary 'Truffa-Bachi, P.'    6  ? 
primary 'Bentley, G.A.'       7  ? 
1       'Does, M.P.'          8  ? 
1       'Ng, D.K.'            9  ? 
1       'Dekker, H.L.'        10 ? 
1       'Peumans, W.J.'       11 ? 
1       'Houterman, P.M.'     12 ? 
1       'Van Damme, E.J.'     13 ? 
1       'Cornelissen, B.J.C.' 14 ? 
# 
loop_
_entity.id 
_entity.type 
_entity.src_method 
_entity.pdbx_description 
_entity.formula_weight 
_entity.pdbx_number_of_molecules 
_entity.pdbx_ec 
_entity.pdbx_mutation 
_entity.pdbx_fragment 
_entity.details 
1 polymer  nat 'AGGLUTININ ISOLECTIN I/AGGLUTININ ISOLECTIN V/ AGGLUTININ ISOLECTIN VI' 9350.269 1  ? ? ? 
'THREE ISOFORMS ARE PRESENT IN THE CRYSTAL: ISOLECTIN I, V, AND VI' 
2 branched man 
;2-acetamido-2-deoxy-beta-D-glucopyranose-(1-4)-2-acetamido-2-deoxy-beta-D-glucopyranose-(1-4)-2-acetamido-2-deoxy-beta-D-glucopyranose-(1-4)-2-acetamido-2-deoxy-beta-D-glucopyranose
;
830.786  1  ? ? ? ?                                                                   
3 water    nat water 18.015   76 ? ? ? ?                                                                   
# 
_entity_name_com.entity_id   1 
_entity_name_com.name        UDA 
# 
_entity_poly.entity_id                      1 
_entity_poly.type                           'polypeptide(L)' 
_entity_poly.nstd_linkage                   no 
_entity_poly.nstd_monomer                   yes 
_entity_poly.pdbx_seq_one_letter_code       
;(PCA)RCGSQGGGSTCPGLRCCSIWGWCGDSEPYCGRTCENKCWSGERSDHRCGAAVGNPPCGQDRCCSVHGWCGGGNDY
CSGGNCQYRCSSS
;
_entity_poly.pdbx_seq_one_letter_code_can   
;QRCGSQGGGSTCPGLRCCSIWGWCGDSEPYCGRTCENKCWSGERSDHRCGAAVGNPPCGQDRCCSVHGWCGGGNDYCSGG
NCQYRCSSS
;
_entity_poly.pdbx_strand_id                 A 
_entity_poly.pdbx_target_identifier         ? 
# 
_pdbx_entity_nonpoly.entity_id   3 
_pdbx_entity_nonpoly.name        water 
_pdbx_entity_nonpoly.comp_id     HOH 
# 
loop_
_entity_poly_seq.entity_id 
_entity_poly_seq.num 
_entity_poly_seq.mon_id 
_entity_poly_seq.hetero 
1 1  PCA n 
1 2  ARG n 
1 3  CYS n 
1 4  GLY n 
1 5  SER n 
1 6  GLN n 
1 7  GLY n 
1 8  GLY n 
1 9  GLY n 
1 10 SER y 
1 10 GLY y 
1 11 THR n 
1 12 CYS n 
1 13 PRO n 
1 14 GLY y 
1 14 ALA y 
1 15 LEU n 
1 16 ARG y 
1 16 TRP y 
1 17 CYS n 
1 18 CYS n 
1 19 SER n 
1 20 ILE n 
1 21 TRP n 
1 22 GLY n 
1 23 TRP n 
1 24 CYS n 
1 25 GLY n 
1 26 ASP n 
1 27 SER n 
1 28 GLU n 
1 29 PRO n 
1 30 TYR n 
1 31 CYS n 
1 32 GLY n 
1 33 ARG n 
1 34 THR n 
1 35 CYS n 
1 36 GLU n 
1 37 ASN n 
1 38 LYS n 
1 39 CYS n 
1 40 TRP n 
1 41 SER n 
1 42 GLY n 
1 43 GLU n 
1 44 ARG n 
1 45 SER n 
1 46 ASP n 
1 47 HIS n 
1 48 ARG n 
1 49 CYS n 
1 50 GLY n 
1 51 ALA n 
1 52 ALA n 
1 53 VAL n 
1 54 GLY n 
1 55 ASN n 
1 56 PRO n 
1 57 PRO n 
1 58 CYS n 
1 59 GLY n 
1 60 GLN n 
1 61 ASP n 
1 62 ARG n 
1 63 CYS n 
1 64 CYS n 
1 65 SER n 
1 66 VAL n 
1 67 HIS n 
1 68 GLY n 
1 69 TRP n 
1 70 CYS n 
1 71 GLY n 
1 72 GLY n 
1 73 GLY n 
1 74 ASN n 
1 75 ASP n 
1 76 TYR n 
1 77 CYS n 
1 78 SER n 
1 79 GLY n 
1 80 GLY y 
1 80 SER y 
1 81 ASN y 
1 81 LYS y 
1 82 CYS n 
1 83 GLN n 
1 84 TYR n 
1 85 ARG n 
1 86 CYS n 
1 87 SER n 
1 88 SER n 
1 89 SER n 
# 
_entity_src_nat.entity_id                  1 
_entity_src_nat.pdbx_src_id                1 
_entity_src_nat.pdbx_alt_source_flag       sample 
_entity_src_nat.pdbx_beg_seq_num           ? 
_entity_src_nat.pdbx_end_seq_num           ? 
_entity_src_nat.common_name                'great nettle' 
_entity_src_nat.pdbx_organism_scientific   'Urtica dioica' 
_entity_src_nat.pdbx_ncbi_taxonomy_id      3501 
_entity_src_nat.genus                      Urtica 
_entity_src_nat.species                    ? 
_entity_src_nat.strain                     ? 
_entity_src_nat.tissue                     ? 
_entity_src_nat.tissue_fraction            ? 
_entity_src_nat.pdbx_secretion             ? 
_entity_src_nat.pdbx_fragment              ? 
_entity_src_nat.pdbx_variant               ? 
_entity_src_nat.pdbx_cell_line             ? 
_entity_src_nat.pdbx_atcc                  ? 
_entity_src_nat.pdbx_cellular_location     ? 
_entity_src_nat.pdbx_organ                 ? 
_entity_src_nat.pdbx_organelle             ? 
_entity_src_nat.pdbx_cell                  ? 
_entity_src_nat.pdbx_plasmid_name          ? 
_entity_src_nat.pdbx_plasmid_details       ? 
_entity_src_nat.details                    'PURIFIED FROM THE RHIZOMES' 
# 
_pdbx_entity_branch.entity_id   2 
_pdbx_entity_branch.type        oligosaccharide 
# 
loop_
_pdbx_entity_branch_descriptor.ordinal 
_pdbx_entity_branch_descriptor.entity_id 
_pdbx_entity_branch_descriptor.descriptor 
_pdbx_entity_branch_descriptor.type 
_pdbx_entity_branch_descriptor.program 
_pdbx_entity_branch_descriptor.program_version 
1 2 DGlcpNAcb1-4DGlcpNAcb1-4DGlcpNAcb1-4DGlcpNAcb1-ROH                                          'Glycam Condensed Sequence' GMML 
1.0   
2 2 'WURCS=2.0/1,4,3/[a2122h-1b_1-5_2*NCC/3=O]/1-1-1-1/a4-b1_b4-c1_c4-d1'                       WURCS                       
PDB2Glycan 1.1.0 
3 2 '[][D-1-deoxy-GlcpNAc]{[(4+1)][b-D-GlcpNAc]{[(4+1)][b-D-GlcpNAc]{[(4+1)][b-D-GlcpNAc]{}}}}' LINUCS                      
PDB-CARE   ?     
# 
loop_
_pdbx_entity_branch_link.link_id 
_pdbx_entity_branch_link.entity_id 
_pdbx_entity_branch_link.entity_branch_list_num_1 
_pdbx_entity_branch_link.comp_id_1 
_pdbx_entity_branch_link.atom_id_1 
_pdbx_entity_branch_link.leaving_atom_id_1 
_pdbx_entity_branch_link.entity_branch_list_num_2 
_pdbx_entity_branch_link.comp_id_2 
_pdbx_entity_branch_link.atom_id_2 
_pdbx_entity_branch_link.leaving_atom_id_2 
_pdbx_entity_branch_link.value_order 
_pdbx_entity_branch_link.details 
1 2 2 NAG C1 O1 1 NAG O4 HO4 sing ? 
2 2 3 NAG C1 O1 2 NAG O4 HO4 sing ? 
3 2 4 NAG C1 O1 3 NAG O4 HO4 sing ? 
# 
loop_
_chem_comp.id 
_chem_comp.type 
_chem_comp.mon_nstd_flag 
_chem_comp.name 
_chem_comp.pdbx_synonyms 
_chem_comp.formula 
_chem_comp.formula_weight 
ALA 'L-peptide linking'          y ALANINE                                  ? 'C3 H7 N O2'     89.093  
ARG 'L-peptide linking'          y ARGININE                                 ? 'C6 H15 N4 O2 1' 175.209 
ASN 'L-peptide linking'          y ASPARAGINE                               ? 'C4 H8 N2 O3'    132.118 
ASP 'L-peptide linking'          y 'ASPARTIC ACID'                          ? 'C4 H7 N O4'     133.103 
CYS 'L-peptide linking'          y CYSTEINE                                 ? 'C3 H7 N O2 S'   121.158 
GLN 'L-peptide linking'          y GLUTAMINE                                ? 'C5 H10 N2 O3'   146.144 
GLU 'L-peptide linking'          y 'GLUTAMIC ACID'                          ? 'C5 H9 N O4'     147.129 
GLY 'peptide linking'            y GLYCINE                                  ? 'C2 H5 N O2'     75.067  
HIS 'L-peptide linking'          y HISTIDINE                                ? 'C6 H10 N3 O2 1' 156.162 
HOH non-polymer                  . WATER                                    ? 'H2 O'           18.015  
ILE 'L-peptide linking'          y ISOLEUCINE                               ? 'C6 H13 N O2'    131.173 
LEU 'L-peptide linking'          y LEUCINE                                  ? 'C6 H13 N O2'    131.173 
LYS 'L-peptide linking'          y LYSINE                                   ? 'C6 H15 N2 O2 1' 147.195 
NAG 'D-saccharide, beta linking' . 2-acetamido-2-deoxy-beta-D-glucopyranose 
;N-acetyl-beta-D-glucosamine; 2-acetamido-2-deoxy-beta-D-glucose; 2-acetamido-2-deoxy-D-glucose; 2-acetamido-2-deoxy-glucose; N-ACETYL-D-GLUCOSAMINE
;
'C8 H15 N O6'    221.208 
PCA 'L-peptide linking'          n 'PYROGLUTAMIC ACID'                      ? 'C5 H7 N O3'     129.114 
PRO 'L-peptide linking'          y PROLINE                                  ? 'C5 H9 N O2'     115.130 
SER 'L-peptide linking'          y SERINE                                   ? 'C3 H7 N O3'     105.093 
THR 'L-peptide linking'          y THREONINE                                ? 'C4 H9 N O3'     119.119 
TRP 'L-peptide linking'          y TRYPTOPHAN                               ? 'C11 H12 N2 O2'  204.225 
TYR 'L-peptide linking'          y TYROSINE                                 ? 'C9 H11 N O3'    181.189 
VAL 'L-peptide linking'          y VALINE                                   ? 'C5 H11 N O2'    117.146 
# 
loop_
_pdbx_chem_comp_identifier.comp_id 
_pdbx_chem_comp_identifier.type 
_pdbx_chem_comp_identifier.program 
_pdbx_chem_comp_identifier.program_version 
_pdbx_chem_comp_identifier.identifier 
NAG 'CONDENSED IUPAC CARBOHYDRATE SYMBOL' GMML     1.0 DGlcpNAcb                      
NAG 'COMMON NAME'                         GMML     1.0 N-acetyl-b-D-glucopyranosamine 
NAG 'IUPAC CARBOHYDRATE SYMBOL'           PDB-CARE 1.0 b-D-GlcpNAc                    
NAG 'SNFG CARBOHYDRATE SYMBOL'            GMML     1.0 GlcNAc                         
# 
loop_
_pdbx_poly_seq_scheme.asym_id 
_pdbx_poly_seq_scheme.entity_id 
_pdbx_poly_seq_scheme.seq_id 
_pdbx_poly_seq_scheme.mon_id 
_pdbx_poly_seq_scheme.ndb_seq_num 
_pdbx_poly_seq_scheme.pdb_seq_num 
_pdbx_poly_seq_scheme.auth_seq_num 
_pdbx_poly_seq_scheme.pdb_mon_id 
_pdbx_poly_seq_scheme.auth_mon_id 
_pdbx_poly_seq_scheme.pdb_strand_id 
_pdbx_poly_seq_scheme.pdb_ins_code 
_pdbx_poly_seq_scheme.hetero 
A 1 1  PCA 1  1  1  PCA PCA A . n 
A 1 2  ARG 2  2  2  ARG ARG A . n 
A 1 3  CYS 3  3  3  CYS CYS A . n 
A 1 4  GLY 4  4  4  GLY GLY A . n 
A 1 5  SER 5  5  5  SER SER A . n 
A 1 6  GLN 6  6  6  GLN GLN A . n 
A 1 7  GLY 7  7  7  GLY GLY A . n 
A 1 8  GLY 8  8  8  GLY GLY A . n 
A 1 9  GLY 9  9  9  GLY GLY A . n 
A 1 10 SER 10 10 10 SER SER A . y 
A 1 10 GLY 10 10 10 GLY GLY A . y 
A 1 11 THR 11 11 11 THR THR A . n 
A 1 12 CYS 12 12 12 CYS CYS A . n 
A 1 13 PRO 13 13 13 PRO PRO A . n 
A 1 14 GLY 14 14 14 GLY GLY A . y 
A 1 14 ALA 14 14 14 ALA ALA A . y 
A 1 15 LEU 15 15 15 LEU LEU A . n 
A 1 16 ARG 16 16 16 ARG ARG A . y 
A 1 16 TRP 16 16 16 TRP TRP A . y 
A 1 17 CYS 17 17 17 CYS CYS A . n 
A 1 18 CYS 18 18 18 CYS CYS A . n 
A 1 19 SER 19 19 19 SER SER A . n 
A 1 20 ILE 20 20 20 ILE ILE A . n 
A 1 21 TRP 21 21 21 TRP TRP A . n 
A 1 22 GLY 22 22 22 GLY GLY A . n 
A 1 23 TRP 23 23 23 TRP TRP A . n 
A 1 24 CYS 24 24 24 CYS CYS A . n 
A 1 25 GLY 25 25 25 GLY GLY A . n 
A 1 26 ASP 26 26 26 ASP ASP A . n 
A 1 27 SER 27 27 27 SER SER A . n 
A 1 28 GLU 28 28 28 GLU GLU A . n 
A 1 29 PRO 29 29 29 PRO PRO A . n 
A 1 30 TYR 30 30 30 TYR TYR A . n 
A 1 31 CYS 31 31 31 CYS CYS A . n 
A 1 32 GLY 32 32 32 GLY GLY A . n 
A 1 33 ARG 33 33 33 ARG ARG A . n 
A 1 34 THR 34 34 34 THR THR A . n 
A 1 35 CYS 35 35 35 CYS CYS A . n 
A 1 36 GLU 36 36 36 GLU GLU A . n 
A 1 37 ASN 37 37 37 ASN ASN A . n 
A 1 38 LYS 38 38 38 LYS LYS A . n 
A 1 39 CYS 39 39 39 CYS CYS A . n 
A 1 40 TRP 40 40 40 TRP TRP A . n 
A 1 41 SER 41 41 41 SER SER A . n 
A 1 42 GLY 42 42 42 GLY GLY A . n 
A 1 43 GLU 43 43 43 GLU GLU A . n 
A 1 44 ARG 44 44 44 ARG ARG A . n 
A 1 45 SER 45 45 45 SER SER A . n 
A 1 46 ASP 46 46 46 ASP ASP A . n 
A 1 47 HIS 47 47 47 HIS HIS A . n 
A 1 48 ARG 48 48 48 ARG ARG A . n 
A 1 49 CYS 49 49 49 CYS CYS A . n 
A 1 50 GLY 50 50 50 GLY GLY A . n 
A 1 51 ALA 51 51 51 ALA ALA A . n 
A 1 52 ALA 52 52 52 ALA ALA A . n 
A 1 53 VAL 53 53 53 VAL VAL A . n 
A 1 54 GLY 54 54 54 GLY GLY A . n 
A 1 55 ASN 55 55 55 ASN ASN A . n 
A 1 56 PRO 56 56 56 PRO PRO A . n 
A 1 57 PRO 57 57 57 PRO PRO A . n 
A 1 58 CYS 58 58 58 CYS CYS A . n 
A 1 59 GLY 59 59 59 GLY GLY A . n 
A 1 60 GLN 60 60 60 GLN GLN A . n 
A 1 61 ASP 61 61 61 ASP ASP A . n 
A 1 62 ARG 62 62 62 ARG ARG A . n 
A 1 63 CYS 63 63 63 CYS CYS A . n 
A 1 64 CYS 64 64 64 CYS CYS A . n 
A 1 65 SER 65 65 65 SER SER A . n 
A 1 66 VAL 66 66 66 VAL VAL A . n 
A 1 67 HIS 67 67 67 HIS HIS A . n 
A 1 68 GLY 68 68 68 GLY GLY A . n 
A 1 69 TRP 69 69 69 TRP TRP A . n 
A 1 70 CYS 70 70 70 CYS CYS A . n 
A 1 71 GLY 71 71 71 GLY GLY A . n 
A 1 72 GLY 72 72 72 GLY GLY A . n 
A 1 73 GLY 73 73 73 GLY GLY A . n 
A 1 74 ASN 74 74 74 ASN ASN A . n 
A 1 75 ASP 75 75 75 ASP ASP A . n 
A 1 76 TYR 76 76 76 TYR TYR A . n 
A 1 77 CYS 77 77 77 CYS CYS A . n 
A 1 78 SER 78 78 78 SER SER A . n 
A 1 79 GLY 79 79 79 GLY GLY A . n 
A 1 80 GLY 80 80 80 GLY GLY A . y 
A 1 80 SER 80 80 80 SER SER A . y 
A 1 81 ASN 81 81 81 ASN ASN A . y 
A 1 81 LYS 81 81 81 LYS LYS A . y 
A 1 82 CYS 82 82 82 CYS CYS A . n 
A 1 83 GLN 83 83 83 GLN GLN A . n 
A 1 84 TYR 84 84 84 TYR TYR A . n 
A 1 85 ARG 85 85 85 ARG ARG A . n 
A 1 86 CYS 86 86 86 CYS CYS A . n 
A 1 87 SER 87 87 ?  ?   ?   A . n 
A 1 88 SER 88 88 ?  ?   ?   A . n 
A 1 89 SER 89 89 ?  ?   ?   A . n 
# 
loop_
_pdbx_branch_scheme.asym_id 
_pdbx_branch_scheme.entity_id 
_pdbx_branch_scheme.mon_id 
_pdbx_branch_scheme.num 
_pdbx_branch_scheme.pdb_asym_id 
_pdbx_branch_scheme.pdb_mon_id 
_pdbx_branch_scheme.pdb_seq_num 
_pdbx_branch_scheme.auth_asym_id 
_pdbx_branch_scheme.auth_mon_id 
_pdbx_branch_scheme.auth_seq_num 
_pdbx_branch_scheme.hetero 
B 2 NAG 1 B NAG 1 E NAG 4 n 
B 2 NAG 2 B NAG 2 D NAG 3 n 
B 2 NAG 3 B NAG 3 C NAG 2 n 
B 2 NAG 4 B NAG 4 B NAG 1 n 
# 
loop_
_pdbx_nonpoly_scheme.asym_id 
_pdbx_nonpoly_scheme.entity_id 
_pdbx_nonpoly_scheme.mon_id 
_pdbx_nonpoly_scheme.ndb_seq_num 
_pdbx_nonpoly_scheme.pdb_seq_num 
_pdbx_nonpoly_scheme.auth_seq_num 
_pdbx_nonpoly_scheme.pdb_mon_id 
_pdbx_nonpoly_scheme.auth_mon_id 
_pdbx_nonpoly_scheme.pdb_strand_id 
_pdbx_nonpoly_scheme.pdb_ins_code 
C 3 HOH 1  94  1  HOH WAT A . 
C 3 HOH 2  95  2  HOH WAT A . 
C 3 HOH 3  96  3  HOH WAT A . 
C 3 HOH 4  97  4  HOH WAT A . 
C 3 HOH 5  98  5  HOH WAT A . 
C 3 HOH 6  99  6  HOH WAT A . 
C 3 HOH 7  100 7  HOH WAT A . 
C 3 HOH 8  101 8  HOH WAT A . 
C 3 HOH 9  102 9  HOH WAT A . 
C 3 HOH 10 103 10 HOH WAT A . 
C 3 HOH 11 104 11 HOH WAT A . 
C 3 HOH 12 105 12 HOH WAT A . 
C 3 HOH 13 106 13 HOH WAT A . 
C 3 HOH 14 107 14 HOH WAT A . 
C 3 HOH 15 108 15 HOH WAT A . 
C 3 HOH 16 109 16 HOH WAT A . 
C 3 HOH 17 110 17 HOH WAT A . 
C 3 HOH 18 111 18 HOH WAT A . 
C 3 HOH 19 112 19 HOH WAT A . 
C 3 HOH 20 113 20 HOH WAT A . 
C 3 HOH 21 114 21 HOH WAT A . 
C 3 HOH 22 115 22 HOH WAT A . 
C 3 HOH 23 116 23 HOH WAT A . 
C 3 HOH 24 117 24 HOH WAT A . 
C 3 HOH 25 118 25 HOH WAT A . 
C 3 HOH 26 119 26 HOH WAT A . 
C 3 HOH 27 120 27 HOH WAT A . 
C 3 HOH 28 121 28 HOH WAT A . 
C 3 HOH 29 122 29 HOH WAT A . 
C 3 HOH 30 123 30 HOH WAT A . 
C 3 HOH 31 124 31 HOH WAT A . 
C 3 HOH 32 125 32 HOH WAT A . 
C 3 HOH 33 126 33 HOH WAT A . 
C 3 HOH 34 127 34 HOH WAT A . 
C 3 HOH 35 128 35 HOH WAT A . 
C 3 HOH 36 129 36 HOH WAT A . 
C 3 HOH 37 130 37 HOH WAT A . 
C 3 HOH 38 131 38 HOH WAT A . 
C 3 HOH 39 132 39 HOH WAT A . 
C 3 HOH 40 133 40 HOH WAT A . 
C 3 HOH 41 134 41 HOH WAT A . 
C 3 HOH 42 135 42 HOH WAT A . 
C 3 HOH 43 136 43 HOH WAT A . 
C 3 HOH 44 137 44 HOH WAT A . 
C 3 HOH 45 138 45 HOH WAT A . 
C 3 HOH 46 139 46 HOH WAT A . 
C 3 HOH 47 140 47 HOH WAT A . 
C 3 HOH 48 141 48 HOH WAT A . 
C 3 HOH 49 142 49 HOH WAT A . 
C 3 HOH 50 143 50 HOH WAT A . 
C 3 HOH 51 144 51 HOH WAT A . 
C 3 HOH 52 145 52 HOH WAT A . 
C 3 HOH 53 146 53 HOH WAT A . 
C 3 HOH 54 147 54 HOH WAT A . 
C 3 HOH 55 148 55 HOH WAT A . 
C 3 HOH 56 149 56 HOH WAT A . 
C 3 HOH 57 150 57 HOH WAT A . 
C 3 HOH 58 151 58 HOH WAT A . 
C 3 HOH 59 152 59 HOH WAT A . 
C 3 HOH 60 153 60 HOH WAT A . 
C 3 HOH 61 154 61 HOH WAT A . 
C 3 HOH 62 155 62 HOH WAT A . 
C 3 HOH 63 156 63 HOH WAT A . 
C 3 HOH 64 157 64 HOH WAT A . 
C 3 HOH 65 158 65 HOH WAT A . 
C 3 HOH 66 159 66 HOH WAT A . 
C 3 HOH 67 160 67 HOH WAT A . 
C 3 HOH 68 161 68 HOH WAT A . 
C 3 HOH 69 162 69 HOH WAT A . 
C 3 HOH 70 163 70 HOH WAT A . 
C 3 HOH 71 164 71 HOH WAT A . 
C 3 HOH 72 165 72 HOH WAT A . 
C 3 HOH 73 166 73 HOH WAT A . 
C 3 HOH 74 167 74 HOH WAT A . 
C 3 HOH 75 168 76 HOH WAT A . 
C 3 HOH 76 169 77 HOH WAT A . 
# 
loop_
_pdbx_unobs_or_zero_occ_atoms.id 
_pdbx_unobs_or_zero_occ_atoms.PDB_model_num 
_pdbx_unobs_or_zero_occ_atoms.polymer_flag 
_pdbx_unobs_or_zero_occ_atoms.occupancy_flag 
_pdbx_unobs_or_zero_occ_atoms.auth_asym_id 
_pdbx_unobs_or_zero_occ_atoms.auth_comp_id 
_pdbx_unobs_or_zero_occ_atoms.auth_seq_id 
_pdbx_unobs_or_zero_occ_atoms.PDB_ins_code 
_pdbx_unobs_or_zero_occ_atoms.auth_atom_id 
_pdbx_unobs_or_zero_occ_atoms.label_alt_id 
_pdbx_unobs_or_zero_occ_atoms.label_asym_id 
_pdbx_unobs_or_zero_occ_atoms.label_comp_id 
_pdbx_unobs_or_zero_occ_atoms.label_seq_id 
_pdbx_unobs_or_zero_occ_atoms.label_atom_id 
1  1 Y 0 A ARG 33 ? CG  ? A ARG 33 CG  
2  1 Y 0 A ARG 33 ? CD  ? A ARG 33 CD  
3  1 Y 0 A ARG 33 ? NE  ? A ARG 33 NE  
4  1 Y 0 A ARG 33 ? CZ  ? A ARG 33 CZ  
5  1 Y 0 A ARG 33 ? NH1 ? A ARG 33 NH1 
6  1 Y 0 A ARG 33 ? NH2 ? A ARG 33 NH2 
7  1 N 1 B NAG 1  ? O1  ? B NAG 1  O1  
8  1 N 0 B NAG 1  ? C7  ? B NAG ?  C7  
9  1 N 0 B NAG 1  ? C8  ? B NAG ?  C8  
10 1 N 0 B NAG 1  ? O7  ? B NAG ?  O7  
# 
loop_
_software.name 
_software.classification 
_software.version 
_software.citation_id 
_software.pdbx_ordinal 
DENZO     'data reduction' . ? 1 
SCALEPACK 'data scaling'   . ? 2 
AMoRE     phasing          . ? 3 
REFMAC    refinement       . ? 4 
# 
_cell.entry_id           1EN2 
_cell.length_a           31.820 
_cell.length_b           39.600 
_cell.length_c           63.640 
_cell.angle_alpha        90.00 
_cell.angle_beta         90.00 
_cell.angle_gamma        90.00 
_cell.Z_PDB              4 
_cell.pdbx_unique_axis   ? 
# 
_symmetry.entry_id                         1EN2 
_symmetry.space_group_name_H-M             'P 21 21 21' 
_symmetry.pdbx_full_space_group_name_H-M   ? 
_symmetry.cell_setting                     ? 
_symmetry.Int_Tables_number                19 
# 
_exptl.entry_id          1EN2 
_exptl.method            'X-RAY DIFFRACTION' 
_exptl.crystals_number   1 
# 
_exptl_crystal.id                    1 
_exptl_crystal.density_meas          ? 
_exptl_crystal.density_percent_sol   42.25 
_exptl_crystal.density_Matthews      2.13 
_exptl_crystal.description           ? 
_exptl_crystal.F_000                 ? 
_exptl_crystal.preparation           ? 
# 
_exptl_crystal_grow.crystal_id      1 
_exptl_crystal_grow.method          'VAPOR DIFFUSION, SITTING DROP' 
_exptl_crystal_grow.pH              6.0 
_exptl_crystal_grow.temp            290.0 
_exptl_crystal_grow.temp_details    ? 
_exptl_crystal_grow.pdbx_details    
'PEG 6000, sodium acetate, sodium chloride, pH 6.0, VAPOR DIFFUSION, SITTING DROP, temperature 290.0K' 
_exptl_crystal_grow.pdbx_pH_range   ? 
# 
loop_
_diffrn.id 
_diffrn.ambient_temp 
_diffrn.ambient_temp_details 
_diffrn.crystal_id 
1 298.0 ? 1 
2 298.0 ? 1 
# 
loop_
_diffrn_detector.diffrn_id 
_diffrn_detector.detector 
_diffrn_detector.type 
_diffrn_detector.pdbx_collection_date 
_diffrn_detector.details 
1 'IMAGE PLATE' MARRESEARCH 1999-07-06 ? 
2 'IMAGE PLATE' MARRESEARCH 1999-07-16 ? 
# 
_diffrn_radiation.diffrn_id                        1 
_diffrn_radiation.wavelength_id                    1 
_diffrn_radiation.monochromator                    ? 
_diffrn_radiation.pdbx_monochromatic_or_laue_m_l   M 
_diffrn_radiation.pdbx_diffrn_protocol             'SINGLE WAVELENGTH' 
_diffrn_radiation.pdbx_scattering_type             x-ray 
# 
loop_
_diffrn_radiation_wavelength.id 
_diffrn_radiation_wavelength.wavelength 
_diffrn_radiation_wavelength.wt 
1 1.375 1.0 
2 0.966 1.0 
# 
loop_
_diffrn_source.diffrn_id 
_diffrn_source.source 
_diffrn_source.type 
_diffrn_source.pdbx_wavelength 
_diffrn_source.pdbx_synchrotron_site 
_diffrn_source.pdbx_synchrotron_beamline 
_diffrn_source.pdbx_wavelength_list 
1 SYNCHROTRON 'LURE BEAMLINE D41A' 1.375 LURE D41A ? 
2 SYNCHROTRON 'LURE BEAMLINE DW32' 0.966 LURE DW32 ? 
# 
_reflns.entry_id                     1EN2 
_reflns.observed_criterion_sigma_I   ? 
_reflns.observed_criterion_sigma_F   0.0 
_reflns.d_resolution_low             25.0 
_reflns.d_resolution_high            1.4 
_reflns.number_obs                   15524 
_reflns.number_all                   15524 
_reflns.percent_possible_obs         96.5 
_reflns.pdbx_Rmerge_I_obs            0.049 
_reflns.pdbx_Rsym_value              ? 
_reflns.pdbx_netI_over_sigmaI        25.5 
_reflns.B_iso_Wilson_estimate        22.3 
_reflns.pdbx_redundancy              9.4 
_reflns.R_free_details               ? 
_reflns.limit_h_max                  ? 
_reflns.limit_h_min                  ? 
_reflns.limit_k_max                  ? 
_reflns.limit_k_min                  ? 
_reflns.limit_l_max                  ? 
_reflns.limit_l_min                  ? 
_reflns.observed_criterion_F_max     ? 
_reflns.observed_criterion_F_min     ? 
_reflns.pdbx_chi_squared             ? 
_reflns.pdbx_scaling_rejects         ? 
_reflns.pdbx_ordinal                 1 
_reflns.pdbx_diffrn_id               1 
# 
_reflns_shell.d_res_high             1.40 
_reflns_shell.d_res_low              1.45 
_reflns_shell.percent_possible_obs   ? 
_reflns_shell.percent_possible_all   94.2 
_reflns_shell.Rmerge_I_obs           0.328 
_reflns_shell.meanI_over_sigI_obs    ? 
_reflns_shell.pdbx_Rsym_value        ? 
_reflns_shell.pdbx_redundancy        7.3 
_reflns_shell.number_unique_all      1473 
_reflns_shell.number_measured_all    ? 
_reflns_shell.number_measured_obs    ? 
_reflns_shell.number_unique_obs      ? 
_reflns_shell.pdbx_chi_squared       ? 
_reflns_shell.pdbx_ordinal           1 
_reflns_shell.pdbx_diffrn_id         1 
# 
_refine.entry_id                                 1EN2 
_refine.ls_number_reflns_obs                     15499 
_refine.ls_number_reflns_all                     15499 
_refine.pdbx_ls_sigma_I                          0.0 
_refine.pdbx_ls_sigma_F                          0.0 
_refine.pdbx_data_cutoff_high_absF               ? 
_refine.pdbx_data_cutoff_low_absF                ? 
_refine.ls_d_res_low                             25.0 
_refine.ls_d_res_high                            1.4 
_refine.ls_percent_reflns_obs                    96.2 
_refine.ls_R_factor_obs                          0.198 
_refine.ls_R_factor_all                          0.198 
_refine.ls_R_factor_R_work                       0.189 
_refine.ls_R_factor_R_free                       0.203 
_refine.ls_R_factor_R_free_error                 ? 
_refine.ls_R_factor_R_free_error_details         ? 
_refine.ls_percent_reflns_R_free                 ? 
_refine.ls_number_reflns_R_free                  766 
_refine.ls_number_parameters                     ? 
_refine.ls_number_restraints                     ? 
_refine.occupancy_min                            ? 
_refine.occupancy_max                            ? 
_refine.B_iso_mean                               ? 
_refine.aniso_B[1][1]                            ? 
_refine.aniso_B[2][2]                            ? 
_refine.aniso_B[3][3]                            ? 
_refine.aniso_B[1][2]                            ? 
_refine.aniso_B[1][3]                            ? 
_refine.aniso_B[2][3]                            ? 
_refine.solvent_model_details                    ? 
_refine.solvent_model_param_ksol                 ? 
_refine.solvent_model_param_bsol                 ? 
_refine.pdbx_ls_cross_valid_method               ? 
_refine.details                                  
;The structure was determined by molecular replacement methods based on the uncomplexed UDA structure (1EIS).  A bulk solvent correction was applied.
;
_refine.pdbx_starting_model                      1EIS 
_refine.pdbx_method_to_determine_struct          'MOLECULAR REPLACEMENT' 
_refine.pdbx_isotropic_thermal_model             ? 
_refine.pdbx_stereochemistry_target_values       'Engh & Huber' 
_refine.pdbx_stereochem_target_val_spec_case     ? 
_refine.pdbx_R_Free_selection_details            RANDOM 
_refine.pdbx_overall_ESU_R_Free                  ? 
_refine.overall_SU_B                             ? 
_refine.ls_redundancy_reflns_obs                 ? 
_refine.B_iso_min                                ? 
_refine.B_iso_max                                ? 
_refine.overall_SU_ML                            ? 
_refine.pdbx_data_cutoff_high_rms_absF           ? 
_refine.pdbx_refine_id                           'X-RAY DIFFRACTION' 
_refine.pdbx_overall_phase_error                 ? 
_refine.correlation_coeff_Fo_to_Fc               ? 
_refine.correlation_coeff_Fo_to_Fc_free          ? 
_refine.pdbx_solvent_vdw_probe_radii             ? 
_refine.pdbx_solvent_ion_probe_radii             ? 
_refine.pdbx_solvent_shrinkage_radii             ? 
_refine.overall_SU_R_Cruickshank_DPI             ? 
_refine.overall_SU_R_free                        ? 
_refine.ls_wR_factor_R_free                      ? 
_refine.ls_wR_factor_R_work                      ? 
_refine.overall_FOM_free_R_set                   ? 
_refine.overall_FOM_work_R_set                   ? 
_refine.pdbx_diffrn_id                           1 
_refine.pdbx_overall_ESU_R                       ? 
_refine.pdbx_TLS_residual_ADP_flag               ? 
_refine.pdbx_overall_SU_R_free_Cruickshank_DPI   ? 
_refine.pdbx_overall_SU_R_Blow_DPI               ? 
_refine.pdbx_overall_SU_R_free_Blow_DPI          ? 
# 
_refine_hist.pdbx_refine_id                   'X-RAY DIFFRACTION' 
_refine_hist.cycle_id                         LAST 
_refine_hist.pdbx_number_atoms_protein        660 
_refine_hist.pdbx_number_atoms_nucleic_acid   0 
_refine_hist.pdbx_number_atoms_ligand         56 
_refine_hist.number_atoms_solvent             76 
_refine_hist.number_atoms_total               792 
_refine_hist.d_res_high                       1.4 
_refine_hist.d_res_low                        25.0 
# 
loop_
_refine_ls_restr.type 
_refine_ls_restr.dev_ideal 
_refine_ls_restr.dev_ideal_target 
_refine_ls_restr.weight 
_refine_ls_restr.number 
_refine_ls_restr.pdbx_refine_id 
_refine_ls_restr.pdbx_restraint_function 
p_bond_d            0.014  0.020  ? ? 'X-RAY DIFFRACTION' ? 
p_angle_d           0.015  0.020  ? ? 'X-RAY DIFFRACTION' ? 
p_planar_d          0.017  0.030  ? ? 'X-RAY DIFFRACTION' ? 
p_hb_or_metal_coord ?      ?      ? ? 'X-RAY DIFFRACTION' ? 
p_plane_restr       ?      0.020  ? ? 'X-RAY DIFFRACTION' ? 
p_chiral_restr      0.132  0.150  ? ? 'X-RAY DIFFRACTION' ? 
p_singtor_nbd       0.152  0.300  ? ? 'X-RAY DIFFRACTION' ? 
p_multtor_nbd       0.210  0.300  ? ? 'X-RAY DIFFRACTION' ? 
p_xhyhbond_nbd      ?      ?      ? ? 'X-RAY DIFFRACTION' ? 
p_xyhbond_nbd       ?      ?      ? ? 'X-RAY DIFFRACTION' ? 
p_special_tor       0.000  15.000 ? ? 'X-RAY DIFFRACTION' ? 
p_planar_tor        4.900  7.000  ? ? 'X-RAY DIFFRACTION' ? 
p_staggered_tor     16.700 15.000 ? ? 'X-RAY DIFFRACTION' ? 
p_orthonormal_tor   ?      ?      ? ? 'X-RAY DIFFRACTION' ? 
p_transverse_tor    27.800 20.000 ? ? 'X-RAY DIFFRACTION' ? 
p_mcbond_it         1.466  2.000  ? ? 'X-RAY DIFFRACTION' ? 
p_mcangle_it        2.291  3.000  ? ? 'X-RAY DIFFRACTION' ? 
p_scbond_it         2.387  3.000  ? ? 'X-RAY DIFFRACTION' ? 
p_scangle_it        3.555  4.000  ? ? 'X-RAY DIFFRACTION' ? 
# 
_struct.entry_id                  1EN2 
_struct.title                     
;UDA TETRASACCHARIDE COMPLEX. CRYSTAL STRUCTURE OF URTICA DIOICA AGGLUTININ, A SUPERANTIGEN PRESENTED BY MHC MOLECULES OF CLASS I AND CLASS II
;
_struct.pdbx_model_details        ? 
_struct.pdbx_CASP_flag            ? 
_struct.pdbx_model_type_details   ? 
# 
_struct_keywords.entry_id        1EN2 
_struct_keywords.pdbx_keywords   'SUGAR BINDING PROTEIN' 
_struct_keywords.text            'LECTIN, HEVEIN DOMAIN, UDA, SUPERANTIGEN, SACCHARIDE BINDING, SUGAR BINDING PROTEIN' 
# 
loop_
_struct_asym.id 
_struct_asym.pdbx_blank_PDB_chainid_flag 
_struct_asym.pdbx_modified 
_struct_asym.entity_id 
_struct_asym.details 
A N N 1 ? 
B N N 2 ? 
C N N 3 ? 
# 
_struct_ref.id                         1 
_struct_ref.db_code                    AAD03614 
_struct_ref.db_name                    GB 
_struct_ref.entity_id                  1 
_struct_ref.pdbx_db_accession          4138900 
_struct_ref.pdbx_align_begin           24 
_struct_ref.pdbx_seq_one_letter_code   
;QRCGSQGGGGTCPALWCCSIWGWCGDSEPYCGRTCENKCWSGERSDHRCGAAVGNPPCGQDRCCSVHGWCGGGNDYCSGS
KCQYRCSSS
;
_struct_ref.pdbx_db_isoform            ? 
# 
_struct_ref_seq.align_id                      1 
_struct_ref_seq.ref_id                        1 
_struct_ref_seq.pdbx_PDB_id_code              1EN2 
_struct_ref_seq.pdbx_strand_id                A 
_struct_ref_seq.seq_align_beg                 1 
_struct_ref_seq.pdbx_seq_align_beg_ins_code   ? 
_struct_ref_seq.seq_align_end                 89 
_struct_ref_seq.pdbx_seq_align_end_ins_code   ? 
_struct_ref_seq.pdbx_db_accession             4138900 
_struct_ref_seq.db_align_beg                  24 
_struct_ref_seq.pdbx_db_align_beg_ins_code    ? 
_struct_ref_seq.db_align_end                  112 
_struct_ref_seq.pdbx_db_align_end_ins_code    ? 
_struct_ref_seq.pdbx_auth_seq_align_beg       1 
_struct_ref_seq.pdbx_auth_seq_align_end       89 
# 
loop_
_struct_ref_seq_dif.align_id 
_struct_ref_seq_dif.pdbx_pdb_id_code 
_struct_ref_seq_dif.mon_id 
_struct_ref_seq_dif.pdbx_pdb_strand_id 
_struct_ref_seq_dif.seq_num 
_struct_ref_seq_dif.pdbx_pdb_ins_code 
_struct_ref_seq_dif.pdbx_seq_db_name 
_struct_ref_seq_dif.pdbx_seq_db_accession_code 
_struct_ref_seq_dif.db_mon_id 
_struct_ref_seq_dif.pdbx_seq_db_seq_num 
_struct_ref_seq_dif.details 
_struct_ref_seq_dif.pdbx_auth_seq_num 
_struct_ref_seq_dif.pdbx_ordinal 
1 1EN2 SER A 10 ? GB 4138900 GLY 33  microheterogeneity 10 1 
1 1EN2 GLY A 14 ? GB 4138900 ALA 37  microheterogeneity 14 2 
1 1EN2 ARG A 16 ? GB 4138900 TRP 39  microheterogeneity 16 3 
1 1EN2 GLY A 80 ? GB 4138900 SER 103 microheterogeneity 80 4 
1 1EN2 ASN A 81 ? GB 4138900 LYS 104 microheterogeneity 81 5 
# 
_pdbx_struct_assembly.id                   1 
_pdbx_struct_assembly.details              author_defined_assembly 
_pdbx_struct_assembly.method_details       ? 
_pdbx_struct_assembly.oligomeric_details   monomeric 
_pdbx_struct_assembly.oligomeric_count     1 
# 
_pdbx_struct_assembly_gen.assembly_id       1 
_pdbx_struct_assembly_gen.oper_expression   1 
_pdbx_struct_assembly_gen.asym_id_list      A,B,C 
# 
_pdbx_struct_oper_list.id                   1 
_pdbx_struct_oper_list.type                 'identity operation' 
_pdbx_struct_oper_list.name                 1_555 
_pdbx_struct_oper_list.symmetry_operation   x,y,z 
_pdbx_struct_oper_list.matrix[1][1]         1.0000000000 
_pdbx_struct_oper_list.matrix[1][2]         0.0000000000 
_pdbx_struct_oper_list.matrix[1][3]         0.0000000000 
_pdbx_struct_oper_list.vector[1]            0.0000000000 
_pdbx_struct_oper_list.matrix[2][1]         0.0000000000 
_pdbx_struct_oper_list.matrix[2][2]         1.0000000000 
_pdbx_struct_oper_list.matrix[2][3]         0.0000000000 
_pdbx_struct_oper_list.vector[2]            0.0000000000 
_pdbx_struct_oper_list.matrix[3][1]         0.0000000000 
_pdbx_struct_oper_list.matrix[3][2]         0.0000000000 
_pdbx_struct_oper_list.matrix[3][3]         1.0000000000 
_pdbx_struct_oper_list.vector[3]            0.0000000000 
# 
_struct_biol.id        1 
_struct_biol.details   ? 
# 
loop_
_struct_conf.conf_type_id 
_struct_conf.id 
_struct_conf.pdbx_PDB_helix_id 
_struct_conf.beg_label_comp_id 
_struct_conf.beg_label_asym_id 
_struct_conf.beg_label_seq_id 
_struct_conf.pdbx_beg_PDB_ins_code 
_struct_conf.end_label_comp_id 
_struct_conf.end_label_asym_id 
_struct_conf.end_label_seq_id 
_struct_conf.pdbx_end_PDB_ins_code 
_struct_conf.beg_auth_comp_id 
_struct_conf.beg_auth_asym_id 
_struct_conf.beg_auth_seq_id 
_struct_conf.end_auth_comp_id 
_struct_conf.end_auth_asym_id 
_struct_conf.end_auth_seq_id 
_struct_conf.pdbx_PDB_helix_class 
_struct_conf.details 
_struct_conf.pdbx_PDB_helix_length 
HELX_P HELX_P1 1 CYS A 12 ? ARG A 16 ? CYS A 12 ARG A 16 5 ? 5 
HELX_P HELX_P2 2 SER A 27 ? GLY A 32 ? SER A 27 GLY A 32 1 ? 6 
HELX_P HELX_P3 3 CYS A 39 ? GLU A 43 ? CYS A 39 GLU A 43 5 ? 5 
HELX_P HELX_P4 4 GLY A 50 ? GLY A 54 ? GLY A 50 GLY A 54 5 ? 5 
HELX_P HELX_P5 5 GLY A 73 ? SER A 78 ? GLY A 73 SER A 78 1 ? 6 
# 
_struct_conf_type.id          HELX_P 
_struct_conf_type.criteria    ? 
_struct_conf_type.reference   ? 
# 
loop_
_struct_conn.id 
_struct_conn.conn_type_id 
_struct_conn.pdbx_leaving_atom_flag 
_struct_conn.pdbx_PDB_id 
_struct_conn.ptnr1_label_asym_id 
_struct_conn.ptnr1_label_comp_id 
_struct_conn.ptnr1_label_seq_id 
_struct_conn.ptnr1_label_atom_id 
_struct_conn.pdbx_ptnr1_label_alt_id 
_struct_conn.pdbx_ptnr1_PDB_ins_code 
_struct_conn.pdbx_ptnr1_standard_comp_id 
_struct_conn.ptnr1_symmetry 
_struct_conn.ptnr2_label_asym_id 
_struct_conn.ptnr2_label_comp_id 
_struct_conn.ptnr2_label_seq_id 
_struct_conn.ptnr2_label_atom_id 
_struct_conn.pdbx_ptnr2_label_alt_id 
_struct_conn.pdbx_ptnr2_PDB_ins_code 
_struct_conn.ptnr1_auth_asym_id 
_struct_conn.ptnr1_auth_comp_id 
_struct_conn.ptnr1_auth_seq_id 
_struct_conn.ptnr2_auth_asym_id 
_struct_conn.ptnr2_auth_comp_id 
_struct_conn.ptnr2_auth_seq_id 
_struct_conn.ptnr2_symmetry 
_struct_conn.pdbx_ptnr3_label_atom_id 
_struct_conn.pdbx_ptnr3_label_seq_id 
_struct_conn.pdbx_ptnr3_label_comp_id 
_struct_conn.pdbx_ptnr3_label_asym_id 
_struct_conn.pdbx_ptnr3_label_alt_id 
_struct_conn.pdbx_ptnr3_PDB_ins_code 
_struct_conn.details 
_struct_conn.pdbx_dist_value 
_struct_conn.pdbx_value_order 
_struct_conn.pdbx_role 
disulf1 disulf ?    ? A CYS 3  SG ? ? ? 1_555 A CYS 18 SG ? ? A CYS 3  A CYS 18 1_555 ? ? ? ? ? ? ? 2.051 ? ? 
disulf2 disulf ?    ? A CYS 12 SG ? ? ? 1_555 A CYS 24 SG ? ? A CYS 12 A CYS 24 1_555 ? ? ? ? ? ? ? 2.029 ? ? 
disulf3 disulf ?    ? A CYS 17 SG ? ? ? 1_555 A CYS 31 SG ? ? A CYS 17 A CYS 31 1_555 ? ? ? ? ? ? ? 2.063 ? ? 
disulf4 disulf ?    ? A CYS 35 SG ? ? ? 1_555 A CYS 39 SG ? ? A CYS 35 A CYS 39 1_555 ? ? ? ? ? ? ? 2.031 ? ? 
disulf5 disulf ?    ? A CYS 49 SG ? ? ? 1_555 A CYS 64 SG ? ? A CYS 49 A CYS 64 1_555 ? ? ? ? ? ? ? 2.020 ? ? 
disulf6 disulf ?    ? A CYS 58 SG ? ? ? 1_555 A CYS 70 SG ? ? A CYS 58 A CYS 70 1_555 ? ? ? ? ? ? ? 2.042 ? ? 
disulf7 disulf ?    ? A CYS 63 SG ? ? ? 1_555 A CYS 77 SG ? ? A CYS 63 A CYS 77 1_555 ? ? ? ? ? ? ? 2.039 ? ? 
disulf8 disulf ?    ? A CYS 82 SG ? ? ? 1_555 A CYS 86 SG ? ? A CYS 82 A CYS 86 1_555 ? ? ? ? ? ? ? 2.020 ? ? 
covale1 covale both ? A PCA 1  C  ? ? ? 1_555 A ARG 2  N  ? ? A PCA 1  A ARG 2  1_555 ? ? ? ? ? ? ? 1.314 ? ? 
covale2 covale both ? B NAG .  O4 ? ? ? 1_555 B NAG .  C1 ? ? B NAG 1  B NAG 2  1_555 ? ? ? ? ? ? ? 1.437 ? ? 
covale3 covale both ? B NAG .  O4 ? ? ? 1_555 B NAG .  C1 ? ? B NAG 2  B NAG 3  1_555 ? ? ? ? ? ? ? 1.444 ? ? 
covale4 covale both ? B NAG .  O4 ? ? ? 1_555 B NAG .  C1 ? ? B NAG 3  B NAG 4  1_555 ? ? ? ? ? ? ? 1.386 ? ? 
# 
loop_
_struct_conn_type.id 
_struct_conn_type.criteria 
_struct_conn_type.reference 
disulf ? ? 
covale ? ? 
# 
loop_
_pdbx_modification_feature.ordinal 
_pdbx_modification_feature.label_comp_id 
_pdbx_modification_feature.label_asym_id 
_pdbx_modification_feature.label_seq_id 
_pdbx_modification_feature.label_alt_id 
_pdbx_modification_feature.modified_residue_label_comp_id 
_pdbx_modification_feature.modified_residue_label_asym_id 
_pdbx_modification_feature.modified_residue_label_seq_id 
_pdbx_modification_feature.modified_residue_label_alt_id 
_pdbx_modification_feature.auth_comp_id 
_pdbx_modification_feature.auth_asym_id 
_pdbx_modification_feature.auth_seq_id 
_pdbx_modification_feature.PDB_ins_code 
_pdbx_modification_feature.symmetry 
_pdbx_modification_feature.modified_residue_auth_comp_id 
_pdbx_modification_feature.modified_residue_auth_asym_id 
_pdbx_modification_feature.modified_residue_auth_seq_id 
_pdbx_modification_feature.modified_residue_PDB_ins_code 
_pdbx_modification_feature.modified_residue_symmetry 
_pdbx_modification_feature.comp_id_linking_atom 
_pdbx_modification_feature.modified_residue_id_linking_atom 
_pdbx_modification_feature.modified_residue_id 
_pdbx_modification_feature.ref_pcm_id 
_pdbx_modification_feature.ref_comp_id 
_pdbx_modification_feature.type 
_pdbx_modification_feature.category 
1 PCA A 1  ? .   . .  . PCA A 1  ? 1_555 .   . .  . .     .  .  GLN 1 PCA 'Pyrrolidone carboxylic acid' 
'Named protein modification' 
2 CYS A 3  ? CYS A 18 ? CYS A 3  ? 1_555 CYS A 18 ? 1_555 SG SG .   . .   None                          'Disulfide bridge' 
3 CYS A 12 ? CYS A 24 ? CYS A 12 ? 1_555 CYS A 24 ? 1_555 SG SG .   . .   None                          'Disulfide bridge' 
4 CYS A 17 ? CYS A 31 ? CYS A 17 ? 1_555 CYS A 31 ? 1_555 SG SG .   . .   None                          'Disulfide bridge' 
5 CYS A 35 ? CYS A 39 ? CYS A 35 ? 1_555 CYS A 39 ? 1_555 SG SG .   . .   None                          'Disulfide bridge' 
6 CYS A 49 ? CYS A 64 ? CYS A 49 ? 1_555 CYS A 64 ? 1_555 SG SG .   . .   None                          'Disulfide bridge' 
7 CYS A 58 ? CYS A 70 ? CYS A 58 ? 1_555 CYS A 70 ? 1_555 SG SG .   . .   None                          'Disulfide bridge' 
8 CYS A 63 ? CYS A 77 ? CYS A 63 ? 1_555 CYS A 77 ? 1_555 SG SG .   . .   None                          'Disulfide bridge' 
9 CYS A 82 ? CYS A 86 ? CYS A 82 ? 1_555 CYS A 86 ? 1_555 SG SG .   . .   None                          'Disulfide bridge' 
# 
loop_
_struct_sheet.id 
_struct_sheet.type 
_struct_sheet.number_strands 
_struct_sheet.details 
A ? 3 ? 
B ? 3 ? 
# 
loop_
_struct_sheet_order.sheet_id 
_struct_sheet_order.range_id_1 
_struct_sheet_order.range_id_2 
_struct_sheet_order.offset 
_struct_sheet_order.sense 
A 1 2 ? anti-parallel 
A 2 3 ? anti-parallel 
B 1 2 ? anti-parallel 
B 2 3 ? anti-parallel 
# 
loop_
_struct_sheet_range.sheet_id 
_struct_sheet_range.id 
_struct_sheet_range.beg_label_comp_id 
_struct_sheet_range.beg_label_asym_id 
_struct_sheet_range.beg_label_seq_id 
_struct_sheet_range.pdbx_beg_PDB_ins_code 
_struct_sheet_range.end_label_comp_id 
_struct_sheet_range.end_label_asym_id 
_struct_sheet_range.end_label_seq_id 
_struct_sheet_range.pdbx_end_PDB_ins_code 
_struct_sheet_range.beg_auth_comp_id 
_struct_sheet_range.beg_auth_asym_id 
_struct_sheet_range.beg_auth_seq_id 
_struct_sheet_range.end_auth_comp_id 
_struct_sheet_range.end_auth_asym_id 
_struct_sheet_range.end_auth_seq_id 
A 1 CYS A 24 ? GLY A 25 ? CYS A 24 GLY A 25 
A 2 CYS A 17 ? SER A 19 ? CYS A 17 SER A 19 
A 3 CYS A 35 ? ASN A 37 ? CYS A 35 ASN A 37 
B 1 CYS A 70 ? GLY A 71 ? CYS A 70 GLY A 71 
B 2 CYS A 63 ? SER A 65 ? CYS A 63 SER A 65 
B 3 CYS A 82 ? TYR A 84 ? CYS A 82 TYR A 84 
# 
loop_
_pdbx_struct_sheet_hbond.sheet_id 
_pdbx_struct_sheet_hbond.range_id_1 
_pdbx_struct_sheet_hbond.range_id_2 
_pdbx_struct_sheet_hbond.range_1_label_atom_id 
_pdbx_struct_sheet_hbond.range_1_label_comp_id 
_pdbx_struct_sheet_hbond.range_1_label_asym_id 
_pdbx_struct_sheet_hbond.range_1_label_seq_id 
_pdbx_struct_sheet_hbond.range_1_PDB_ins_code 
_pdbx_struct_sheet_hbond.range_1_auth_atom_id 
_pdbx_struct_sheet_hbond.range_1_auth_comp_id 
_pdbx_struct_sheet_hbond.range_1_auth_asym_id 
_pdbx_struct_sheet_hbond.range_1_auth_seq_id 
_pdbx_struct_sheet_hbond.range_2_label_atom_id 
_pdbx_struct_sheet_hbond.range_2_label_comp_id 
_pdbx_struct_sheet_hbond.range_2_label_asym_id 
_pdbx_struct_sheet_hbond.range_2_label_seq_id 
_pdbx_struct_sheet_hbond.range_2_PDB_ins_code 
_pdbx_struct_sheet_hbond.range_2_auth_atom_id 
_pdbx_struct_sheet_hbond.range_2_auth_comp_id 
_pdbx_struct_sheet_hbond.range_2_auth_asym_id 
_pdbx_struct_sheet_hbond.range_2_auth_seq_id 
A 1 2 N GLY A 25 ? N GLY A 25 O CYS A 17 ? O CYS A 17 
A 2 3 O CYS A 18 ? O CYS A 18 N GLU A 36 ? N GLU A 36 
B 1 2 O GLY A 71 ? O GLY A 71 N CYS A 63 ? N CYS A 63 
B 2 3 O CYS A 64 ? O CYS A 64 N GLN A 83 ? N GLN A 83 
# 
_pdbx_entry_details.entry_id                   1EN2 
_pdbx_entry_details.compound_details           
;The structure comprises two hevein-like domains,
each containing a distinct saccharide-binding site.
The two binding sites are located at opposite
extremities of the molecule.
THE N-TERMINAL RESIDUE IS PYRROLIDONE CARBOXYLIC
ACID (PCA). A DUAL CONFORMATION IS SEEN for all or
part of the residue at LEU15, GLU28, SER45, ASN74.
NO INTERPRETABLE DENSITY IS SEEN FOR C-TERMINAL
RESIDUES SER87, SER88, AND SER89.
The principal binding-site residues are SER 19,
TRP 21, TRP 23, and TYR 30 on the first domain,
and the homologous residues SER 65, HIS 67,
TRP 69, and TYR 76 on the second domain.

The crystallographic asymmetric unit contains one
molecule of UDA and a single tetrasaccharide ligand.
The ligand interacts simultaneously with the
binding site on the N-terminal domain of one
molecule and that of the C-terminal domain of
a symmetry-related molecule.
;
_pdbx_entry_details.source_details             ? 
_pdbx_entry_details.nonpolymer_details         ? 
_pdbx_entry_details.sequence_details           ? 
_pdbx_entry_details.has_ligand_of_interest     ? 
_pdbx_entry_details.has_protein_modification   Y 
# 
loop_
_pdbx_validate_close_contact.id 
_pdbx_validate_close_contact.PDB_model_num 
_pdbx_validate_close_contact.auth_atom_id_1 
_pdbx_validate_close_contact.auth_asym_id_1 
_pdbx_validate_close_contact.auth_comp_id_1 
_pdbx_validate_close_contact.auth_seq_id_1 
_pdbx_validate_close_contact.PDB_ins_code_1 
_pdbx_validate_close_contact.label_alt_id_1 
_pdbx_validate_close_contact.auth_atom_id_2 
_pdbx_validate_close_contact.auth_asym_id_2 
_pdbx_validate_close_contact.auth_comp_id_2 
_pdbx_validate_close_contact.auth_seq_id_2 
_pdbx_validate_close_contact.PDB_ins_code_2 
_pdbx_validate_close_contact.label_alt_id_2 
_pdbx_validate_close_contact.dist 
1 1 O  A HOH 167 ? ? O A HOH 168 ? ? 2.16 
2 1 O7 B NAG 1   ? ? O A HOH 166 ? ? 2.18 
# 
loop_
_pdbx_validate_rmsd_bond.id 
_pdbx_validate_rmsd_bond.PDB_model_num 
_pdbx_validate_rmsd_bond.auth_atom_id_1 
_pdbx_validate_rmsd_bond.auth_asym_id_1 
_pdbx_validate_rmsd_bond.auth_comp_id_1 
_pdbx_validate_rmsd_bond.auth_seq_id_1 
_pdbx_validate_rmsd_bond.PDB_ins_code_1 
_pdbx_validate_rmsd_bond.label_alt_id_1 
_pdbx_validate_rmsd_bond.auth_atom_id_2 
_pdbx_validate_rmsd_bond.auth_asym_id_2 
_pdbx_validate_rmsd_bond.auth_comp_id_2 
_pdbx_validate_rmsd_bond.auth_seq_id_2 
_pdbx_validate_rmsd_bond.PDB_ins_code_2 
_pdbx_validate_rmsd_bond.label_alt_id_2 
_pdbx_validate_rmsd_bond.bond_value 
_pdbx_validate_rmsd_bond.bond_target_value 
_pdbx_validate_rmsd_bond.bond_deviation 
_pdbx_validate_rmsd_bond.bond_standard_deviation 
_pdbx_validate_rmsd_bond.linker_flag 
1 1 C A GLY 79 ? A N A GLY 80 ? A 1.132 1.336 -0.204 0.023 Y 
2 1 C A GLY 79 ? B N A SER 80 ? B 0.843 1.336 -0.493 0.023 Y 
# 
loop_
_pdbx_validate_rmsd_angle.id 
_pdbx_validate_rmsd_angle.PDB_model_num 
_pdbx_validate_rmsd_angle.auth_atom_id_1 
_pdbx_validate_rmsd_angle.auth_asym_id_1 
_pdbx_validate_rmsd_angle.auth_comp_id_1 
_pdbx_validate_rmsd_angle.auth_seq_id_1 
_pdbx_validate_rmsd_angle.PDB_ins_code_1 
_pdbx_validate_rmsd_angle.label_alt_id_1 
_pdbx_validate_rmsd_angle.auth_atom_id_2 
_pdbx_validate_rmsd_angle.auth_asym_id_2 
_pdbx_validate_rmsd_angle.auth_comp_id_2 
_pdbx_validate_rmsd_angle.auth_seq_id_2 
_pdbx_validate_rmsd_angle.PDB_ins_code_2 
_pdbx_validate_rmsd_angle.label_alt_id_2 
_pdbx_validate_rmsd_angle.auth_atom_id_3 
_pdbx_validate_rmsd_angle.auth_asym_id_3 
_pdbx_validate_rmsd_angle.auth_comp_id_3 
_pdbx_validate_rmsd_angle.auth_seq_id_3 
_pdbx_validate_rmsd_angle.PDB_ins_code_3 
_pdbx_validate_rmsd_angle.label_alt_id_3 
_pdbx_validate_rmsd_angle.angle_value 
_pdbx_validate_rmsd_angle.angle_target_value 
_pdbx_validate_rmsd_angle.angle_deviation 
_pdbx_validate_rmsd_angle.angle_standard_deviation 
_pdbx_validate_rmsd_angle.linker_flag 
1 1 NE A ARG 33 ? ? CZ A ARG 33 ? ? NH2 A ARG 33 ? ? 123.93 120.30 3.63   0.50 N 
2 1 CA A GLY 79 ? A C  A GLY 79 ? A N   A GLY 80 ? A 139.10 116.20 22.90  2.00 Y 
3 1 O  A GLY 79 ? A C  A GLY 79 ? A N   A GLY 80 ? A 96.95  123.20 -26.25 1.70 Y 
4 1 C  A GLY 79 ? A N  A GLY 80 ? A CA  A GLY 80 ? A 154.03 122.30 31.73  2.10 Y 
5 1 CA A GLY 79 ? B C  A GLY 79 ? B N   A SER 80 ? B 137.63 117.20 20.43  2.20 Y 
6 1 O  A GLY 79 ? B C  A GLY 79 ? B N   A SER 80 ? B 100.20 122.70 -22.50 1.60 Y 
7 1 C  A GLY 79 ? B N  A SER 80 ? B CA  A SER 80 ? B 158.78 121.70 37.08  2.50 Y 
8 1 NE A ARG 85 ? ? CZ A ARG 85 ? ? NH2 A ARG 85 ? ? 115.77 120.30 -4.53  0.50 N 
# 
_pdbx_validate_torsion.id              1 
_pdbx_validate_torsion.PDB_model_num   1 
_pdbx_validate_torsion.auth_comp_id    SER 
_pdbx_validate_torsion.auth_asym_id    A 
_pdbx_validate_torsion.auth_seq_id     80 
_pdbx_validate_torsion.PDB_ins_code    ? 
_pdbx_validate_torsion.label_alt_id    B 
_pdbx_validate_torsion.phi             47.98 
_pdbx_validate_torsion.psi             -0.68 
# 
_pdbx_validate_peptide_omega.id               1 
_pdbx_validate_peptide_omega.PDB_model_num    1 
_pdbx_validate_peptide_omega.auth_comp_id_1   GLY 
_pdbx_validate_peptide_omega.auth_asym_id_1   A 
_pdbx_validate_peptide_omega.auth_seq_id_1    79 
_pdbx_validate_peptide_omega.PDB_ins_code_1   ? 
_pdbx_validate_peptide_omega.label_alt_id_1   A 
_pdbx_validate_peptide_omega.auth_comp_id_2   GLY 
_pdbx_validate_peptide_omega.auth_asym_id_2   A 
_pdbx_validate_peptide_omega.auth_seq_id_2    80 
_pdbx_validate_peptide_omega.PDB_ins_code_2   ? 
_pdbx_validate_peptide_omega.label_alt_id_2   A 
_pdbx_validate_peptide_omega.omega            148.64 
# 
loop_
_pdbx_validate_main_chain_plane.id 
_pdbx_validate_main_chain_plane.PDB_model_num 
_pdbx_validate_main_chain_plane.auth_comp_id 
_pdbx_validate_main_chain_plane.auth_asym_id 
_pdbx_validate_main_chain_plane.auth_seq_id 
_pdbx_validate_main_chain_plane.PDB_ins_code 
_pdbx_validate_main_chain_plane.label_alt_id 
_pdbx_validate_main_chain_plane.improper_torsion_angle 
1 1 GLY A 79 ? A 16.01  
2 1 LYS A 81 ? B -11.33 
# 
loop_
_pdbx_validate_polymer_linkage.id 
_pdbx_validate_polymer_linkage.PDB_model_num 
_pdbx_validate_polymer_linkage.auth_atom_id_1 
_pdbx_validate_polymer_linkage.auth_asym_id_1 
_pdbx_validate_polymer_linkage.auth_comp_id_1 
_pdbx_validate_polymer_linkage.auth_seq_id_1 
_pdbx_validate_polymer_linkage.PDB_ins_code_1 
_pdbx_validate_polymer_linkage.label_alt_id_1 
_pdbx_validate_polymer_linkage.auth_atom_id_2 
_pdbx_validate_polymer_linkage.auth_asym_id_2 
_pdbx_validate_polymer_linkage.auth_comp_id_2 
_pdbx_validate_polymer_linkage.auth_seq_id_2 
_pdbx_validate_polymer_linkage.PDB_ins_code_2 
_pdbx_validate_polymer_linkage.label_alt_id_2 
_pdbx_validate_polymer_linkage.dist 
1 1 C A GLY 79 ? A N A GLY 80 ? A 1.13 
2 1 C A GLY 79 ? B N A SER 80 ? B 0.84 
# 
_pdbx_struct_mod_residue.id               1 
_pdbx_struct_mod_residue.label_asym_id    A 
_pdbx_struct_mod_residue.label_comp_id    PCA 
_pdbx_struct_mod_residue.label_seq_id     1 
_pdbx_struct_mod_residue.auth_asym_id     A 
_pdbx_struct_mod_residue.auth_comp_id     PCA 
_pdbx_struct_mod_residue.auth_seq_id      1 
_pdbx_struct_mod_residue.PDB_ins_code     ? 
_pdbx_struct_mod_residue.parent_comp_id   GLN 
_pdbx_struct_mod_residue.details          'PYROGLUTAMIC ACID' 
# 
loop_
_pdbx_unobs_or_zero_occ_residues.id 
_pdbx_unobs_or_zero_occ_residues.PDB_model_num 
_pdbx_unobs_or_zero_occ_residues.polymer_flag 
_pdbx_unobs_or_zero_occ_residues.occupancy_flag 
_pdbx_unobs_or_zero_occ_residues.auth_asym_id 
_pdbx_unobs_or_zero_occ_residues.auth_comp_id 
_pdbx_unobs_or_zero_occ_residues.auth_seq_id 
_pdbx_unobs_or_zero_occ_residues.PDB_ins_code 
_pdbx_unobs_or_zero_occ_residues.label_asym_id 
_pdbx_unobs_or_zero_occ_residues.label_comp_id 
_pdbx_unobs_or_zero_occ_residues.label_seq_id 
1 1 Y 1 A SER 87 ? A SER 87 
2 1 Y 1 A SER 88 ? A SER 88 
3 1 Y 1 A SER 89 ? A SER 89 
# 
loop_
_chem_comp_atom.comp_id 
_chem_comp_atom.atom_id 
_chem_comp_atom.type_symbol 
_chem_comp_atom.pdbx_aromatic_flag 
_chem_comp_atom.pdbx_stereo_config 
_chem_comp_atom.pdbx_ordinal 
ALA N    N N N 1   
ALA CA   C N S 2   
ALA C    C N N 3   
ALA O    O N N 4   
ALA CB   C N N 5   
ALA OXT  O N N 6   
ALA H    H N N 7   
ALA H2   H N N 8   
ALA HA   H N N 9   
ALA HB1  H N N 10  
ALA HB2  H N N 11  
ALA HB3  H N N 12  
ALA HXT  H N N 13  
ARG N    N N N 14  
ARG CA   C N S 15  
ARG C    C N N 16  
ARG O    O N N 17  
ARG CB   C N N 18  
ARG CG   C N N 19  
ARG CD   C N N 20  
ARG NE   N N N 21  
ARG CZ   C N N 22  
ARG NH1  N N N 23  
ARG NH2  N N N 24  
ARG OXT  O N N 25  
ARG H    H N N 26  
ARG H2   H N N 27  
ARG HA   H N N 28  
ARG HB2  H N N 29  
ARG HB3  H N N 30  
ARG HG2  H N N 31  
ARG HG3  H N N 32  
ARG HD2  H N N 33  
ARG HD3  H N N 34  
ARG HE   H N N 35  
ARG HH11 H N N 36  
ARG HH12 H N N 37  
ARG HH21 H N N 38  
ARG HH22 H N N 39  
ARG HXT  H N N 40  
ASN N    N N N 41  
ASN CA   C N S 42  
ASN C    C N N 43  
ASN O    O N N 44  
ASN CB   C N N 45  
ASN CG   C N N 46  
ASN OD1  O N N 47  
ASN ND2  N N N 48  
ASN OXT  O N N 49  
ASN H    H N N 50  
ASN H2   H N N 51  
ASN HA   H N N 52  
ASN HB2  H N N 53  
ASN HB3  H N N 54  
ASN HD21 H N N 55  
ASN HD22 H N N 56  
ASN HXT  H N N 57  
ASP N    N N N 58  
ASP CA   C N S 59  
ASP C    C N N 60  
ASP O    O N N 61  
ASP CB   C N N 62  
ASP CG   C N N 63  
ASP OD1  O N N 64  
ASP OD2  O N N 65  
ASP OXT  O N N 66  
ASP H    H N N 67  
ASP H2   H N N 68  
ASP HA   H N N 69  
ASP HB2  H N N 70  
ASP HB3  H N N 71  
ASP HD2  H N N 72  
ASP HXT  H N N 73  
CYS N    N N N 74  
CYS CA   C N R 75  
CYS C    C N N 76  
CYS O    O N N 77  
CYS CB   C N N 78  
CYS SG   S N N 79  
CYS OXT  O N N 80  
CYS H    H N N 81  
CYS H2   H N N 82  
CYS HA   H N N 83  
CYS HB2  H N N 84  
CYS HB3  H N N 85  
CYS HG   H N N 86  
CYS HXT  H N N 87  
GLN N    N N N 88  
GLN CA   C N S 89  
GLN C    C N N 90  
GLN O    O N N 91  
GLN CB   C N N 92  
GLN CG   C N N 93  
GLN CD   C N N 94  
GLN OE1  O N N 95  
GLN NE2  N N N 96  
GLN OXT  O N N 97  
GLN H    H N N 98  
GLN H2   H N N 99  
GLN HA   H N N 100 
GLN HB2  H N N 101 
GLN HB3  H N N 102 
GLN HG2  H N N 103 
GLN HG3  H N N 104 
GLN HE21 H N N 105 
GLN HE22 H N N 106 
GLN HXT  H N N 107 
GLU N    N N N 108 
GLU CA   C N S 109 
GLU C    C N N 110 
GLU O    O N N 111 
GLU CB   C N N 112 
GLU CG   C N N 113 
GLU CD   C N N 114 
GLU OE1  O N N 115 
GLU OE2  O N N 116 
GLU OXT  O N N 117 
GLU H    H N N 118 
GLU H2   H N N 119 
GLU HA   H N N 120 
GLU HB2  H N N 121 
GLU HB3  H N N 122 
GLU HG2  H N N 123 
GLU HG3  H N N 124 
GLU HE2  H N N 125 
GLU HXT  H N N 126 
GLY N    N N N 127 
GLY CA   C N N 128 
GLY C    C N N 129 
GLY O    O N N 130 
GLY OXT  O N N 131 
GLY H    H N N 132 
GLY H2   H N N 133 
GLY HA2  H N N 134 
GLY HA3  H N N 135 
GLY HXT  H N N 136 
HIS N    N N N 137 
HIS CA   C N S 138 
HIS C    C N N 139 
HIS O    O N N 140 
HIS CB   C N N 141 
HIS CG   C Y N 142 
HIS ND1  N Y N 143 
HIS CD2  C Y N 144 
HIS CE1  C Y N 145 
HIS NE2  N Y N 146 
HIS OXT  O N N 147 
HIS H    H N N 148 
HIS H2   H N N 149 
HIS HA   H N N 150 
HIS HB2  H N N 151 
HIS HB3  H N N 152 
HIS HD1  H N N 153 
HIS HD2  H N N 154 
HIS HE1  H N N 155 
HIS HE2  H N N 156 
HIS HXT  H N N 157 
HOH O    O N N 158 
HOH H1   H N N 159 
HOH H2   H N N 160 
ILE N    N N N 161 
ILE CA   C N S 162 
ILE C    C N N 163 
ILE O    O N N 164 
ILE CB   C N S 165 
ILE CG1  C N N 166 
ILE CG2  C N N 167 
ILE CD1  C N N 168 
ILE OXT  O N N 169 
ILE H    H N N 170 
ILE H2   H N N 171 
ILE HA   H N N 172 
ILE HB   H N N 173 
ILE HG12 H N N 174 
ILE HG13 H N N 175 
ILE HG21 H N N 176 
ILE HG22 H N N 177 
ILE HG23 H N N 178 
ILE HD11 H N N 179 
ILE HD12 H N N 180 
ILE HD13 H N N 181 
ILE HXT  H N N 182 
LEU N    N N N 183 
LEU CA   C N S 184 
LEU C    C N N 185 
LEU O    O N N 186 
LEU CB   C N N 187 
LEU CG   C N N 188 
LEU CD1  C N N 189 
LEU CD2  C N N 190 
LEU OXT  O N N 191 
LEU H    H N N 192 
LEU H2   H N N 193 
LEU HA   H N N 194 
LEU HB2  H N N 195 
LEU HB3  H N N 196 
LEU HG   H N N 197 
LEU HD11 H N N 198 
LEU HD12 H N N 199 
LEU HD13 H N N 200 
LEU HD21 H N N 201 
LEU HD22 H N N 202 
LEU HD23 H N N 203 
LEU HXT  H N N 204 
LYS N    N N N 205 
LYS CA   C N S 206 
LYS C    C N N 207 
LYS O    O N N 208 
LYS CB   C N N 209 
LYS CG   C N N 210 
LYS CD   C N N 211 
LYS CE   C N N 212 
LYS NZ   N N N 213 
LYS OXT  O N N 214 
LYS H    H N N 215 
LYS H2   H N N 216 
LYS HA   H N N 217 
LYS HB2  H N N 218 
LYS HB3  H N N 219 
LYS HG2  H N N 220 
LYS HG3  H N N 221 
LYS HD2  H N N 222 
LYS HD3  H N N 223 
LYS HE2  H N N 224 
LYS HE3  H N N 225 
LYS HZ1  H N N 226 
LYS HZ2  H N N 227 
LYS HZ3  H N N 228 
LYS HXT  H N N 229 
NAG C1   C N R 230 
NAG C2   C N R 231 
NAG C3   C N R 232 
NAG C4   C N S 233 
NAG C5   C N R 234 
NAG C6   C N N 235 
NAG C7   C N N 236 
NAG C8   C N N 237 
NAG N2   N N N 238 
NAG O1   O N N 239 
NAG O3   O N N 240 
NAG O4   O N N 241 
NAG O5   O N N 242 
NAG O6   O N N 243 
NAG O7   O N N 244 
NAG H1   H N N 245 
NAG H2   H N N 246 
NAG H3   H N N 247 
NAG H4   H N N 248 
NAG H5   H N N 249 
NAG H61  H N N 250 
NAG H62  H N N 251 
NAG H81  H N N 252 
NAG H82  H N N 253 
NAG H83  H N N 254 
NAG HN2  H N N 255 
NAG HO1  H N N 256 
NAG HO3  H N N 257 
NAG HO4  H N N 258 
NAG HO6  H N N 259 
PCA N    N N N 260 
PCA CA   C N S 261 
PCA CB   C N N 262 
PCA CG   C N N 263 
PCA CD   C N N 264 
PCA OE   O N N 265 
PCA C    C N N 266 
PCA O    O N N 267 
PCA OXT  O N N 268 
PCA H    H N N 269 
PCA HA   H N N 270 
PCA HB2  H N N 271 
PCA HB3  H N N 272 
PCA HG2  H N N 273 
PCA HG3  H N N 274 
PCA HXT  H N N 275 
PRO N    N N N 276 
PRO CA   C N S 277 
PRO C    C N N 278 
PRO O    O N N 279 
PRO CB   C N N 280 
PRO CG   C N N 281 
PRO CD   C N N 282 
PRO OXT  O N N 283 
PRO H    H N N 284 
PRO HA   H N N 285 
PRO HB2  H N N 286 
PRO HB3  H N N 287 
PRO HG2  H N N 288 
PRO HG3  H N N 289 
PRO HD2  H N N 290 
PRO HD3  H N N 291 
PRO HXT  H N N 292 
SER N    N N N 293 
SER CA   C N S 294 
SER C    C N N 295 
SER O    O N N 296 
SER CB   C N N 297 
SER OG   O N N 298 
SER OXT  O N N 299 
SER H    H N N 300 
SER H2   H N N 301 
SER HA   H N N 302 
SER HB2  H N N 303 
SER HB3  H N N 304 
SER HG   H N N 305 
SER HXT  H N N 306 
THR N    N N N 307 
THR CA   C N S 308 
THR C    C N N 309 
THR O    O N N 310 
THR CB   C N R 311 
THR OG1  O N N 312 
THR CG2  C N N 313 
THR OXT  O N N 314 
THR H    H N N 315 
THR H2   H N N 316 
THR HA   H N N 317 
THR HB   H N N 318 
THR HG1  H N N 319 
THR HG21 H N N 320 
THR HG22 H N N 321 
THR HG23 H N N 322 
THR HXT  H N N 323 
TRP N    N N N 324 
TRP CA   C N S 325 
TRP C    C N N 326 
TRP O    O N N 327 
TRP CB   C N N 328 
TRP CG   C Y N 329 
TRP CD1  C Y N 330 
TRP CD2  C Y N 331 
TRP NE1  N Y N 332 
TRP CE2  C Y N 333 
TRP CE3  C Y N 334 
TRP CZ2  C Y N 335 
TRP CZ3  C Y N 336 
TRP CH2  C Y N 337 
TRP OXT  O N N 338 
TRP H    H N N 339 
TRP H2   H N N 340 
TRP HA   H N N 341 
TRP HB2  H N N 342 
TRP HB3  H N N 343 
TRP HD1  H N N 344 
TRP HE1  H N N 345 
TRP HE3  H N N 346 
TRP HZ2  H N N 347 
TRP HZ3  H N N 348 
TRP HH2  H N N 349 
TRP HXT  H N N 350 
TYR N    N N N 351 
TYR CA   C N S 352 
TYR C    C N N 353 
TYR O    O N N 354 
TYR CB   C N N 355 
TYR CG   C Y N 356 
TYR CD1  C Y N 357 
TYR CD2  C Y N 358 
TYR CE1  C Y N 359 
TYR CE2  C Y N 360 
TYR CZ   C Y N 361 
TYR OH   O N N 362 
TYR OXT  O N N 363 
TYR H    H N N 364 
TYR H2   H N N 365 
TYR HA   H N N 366 
TYR HB2  H N N 367 
TYR HB3  H N N 368 
TYR HD1  H N N 369 
TYR HD2  H N N 370 
TYR HE1  H N N 371 
TYR HE2  H N N 372 
TYR HH   H N N 373 
TYR HXT  H N N 374 
VAL N    N N N 375 
VAL CA   C N S 376 
VAL C    C N N 377 
VAL O    O N N 378 
VAL CB   C N N 379 
VAL CG1  C N N 380 
VAL CG2  C N N 381 
VAL OXT  O N N 382 
VAL H    H N N 383 
VAL H2   H N N 384 
VAL HA   H N N 385 
VAL HB   H N N 386 
VAL HG11 H N N 387 
VAL HG12 H N N 388 
VAL HG13 H N N 389 
VAL HG21 H N N 390 
VAL HG22 H N N 391 
VAL HG23 H N N 392 
VAL HXT  H N N 393 
# 
loop_
_chem_comp_bond.comp_id 
_chem_comp_bond.atom_id_1 
_chem_comp_bond.atom_id_2 
_chem_comp_bond.value_order 
_chem_comp_bond.pdbx_aromatic_flag 
_chem_comp_bond.pdbx_stereo_config 
_chem_comp_bond.pdbx_ordinal 
ALA N   CA   sing N N 1   
ALA N   H    sing N N 2   
ALA N   H2   sing N N 3   
ALA CA  C    sing N N 4   
ALA CA  CB   sing N N 5   
ALA CA  HA   sing N N 6   
ALA C   O    doub N N 7   
ALA C   OXT  sing N N 8   
ALA CB  HB1  sing N N 9   
ALA CB  HB2  sing N N 10  
ALA CB  HB3  sing N N 11  
ALA OXT HXT  sing N N 12  
ARG N   CA   sing N N 13  
ARG N   H    sing N N 14  
ARG N   H2   sing N N 15  
ARG CA  C    sing N N 16  
ARG CA  CB   sing N N 17  
ARG CA  HA   sing N N 18  
ARG C   O    doub N N 19  
ARG C   OXT  sing N N 20  
ARG CB  CG   sing N N 21  
ARG CB  HB2  sing N N 22  
ARG CB  HB3  sing N N 23  
ARG CG  CD   sing N N 24  
ARG CG  HG2  sing N N 25  
ARG CG  HG3  sing N N 26  
ARG CD  NE   sing N N 27  
ARG CD  HD2  sing N N 28  
ARG CD  HD3  sing N N 29  
ARG NE  CZ   sing N N 30  
ARG NE  HE   sing N N 31  
ARG CZ  NH1  sing N N 32  
ARG CZ  NH2  doub N N 33  
ARG NH1 HH11 sing N N 34  
ARG NH1 HH12 sing N N 35  
ARG NH2 HH21 sing N N 36  
ARG NH2 HH22 sing N N 37  
ARG OXT HXT  sing N N 38  
ASN N   CA   sing N N 39  
ASN N   H    sing N N 40  
ASN N   H2   sing N N 41  
ASN CA  C    sing N N 42  
ASN CA  CB   sing N N 43  
ASN CA  HA   sing N N 44  
ASN C   O    doub N N 45  
ASN C   OXT  sing N N 46  
ASN CB  CG   sing N N 47  
ASN CB  HB2  sing N N 48  
ASN CB  HB3  sing N N 49  
ASN CG  OD1  doub N N 50  
ASN CG  ND2  sing N N 51  
ASN ND2 HD21 sing N N 52  
ASN ND2 HD22 sing N N 53  
ASN OXT HXT  sing N N 54  
ASP N   CA   sing N N 55  
ASP N   H    sing N N 56  
ASP N   H2   sing N N 57  
ASP CA  C    sing N N 58  
ASP CA  CB   sing N N 59  
ASP CA  HA   sing N N 60  
ASP C   O    doub N N 61  
ASP C   OXT  sing N N 62  
ASP CB  CG   sing N N 63  
ASP CB  HB2  sing N N 64  
ASP CB  HB3  sing N N 65  
ASP CG  OD1  doub N N 66  
ASP CG  OD2  sing N N 67  
ASP OD2 HD2  sing N N 68  
ASP OXT HXT  sing N N 69  
CYS N   CA   sing N N 70  
CYS N   H    sing N N 71  
CYS N   H2   sing N N 72  
CYS CA  C    sing N N 73  
CYS CA  CB   sing N N 74  
CYS CA  HA   sing N N 75  
CYS C   O    doub N N 76  
CYS C   OXT  sing N N 77  
CYS CB  SG   sing N N 78  
CYS CB  HB2  sing N N 79  
CYS CB  HB3  sing N N 80  
CYS SG  HG   sing N N 81  
CYS OXT HXT  sing N N 82  
GLN N   CA   sing N N 83  
GLN N   H    sing N N 84  
GLN N   H2   sing N N 85  
GLN CA  C    sing N N 86  
GLN CA  CB   sing N N 87  
GLN CA  HA   sing N N 88  
GLN C   O    doub N N 89  
GLN C   OXT  sing N N 90  
GLN CB  CG   sing N N 91  
GLN CB  HB2  sing N N 92  
GLN CB  HB3  sing N N 93  
GLN CG  CD   sing N N 94  
GLN CG  HG2  sing N N 95  
GLN CG  HG3  sing N N 96  
GLN CD  OE1  doub N N 97  
GLN CD  NE2  sing N N 98  
GLN NE2 HE21 sing N N 99  
GLN NE2 HE22 sing N N 100 
GLN OXT HXT  sing N N 101 
GLU N   CA   sing N N 102 
GLU N   H    sing N N 103 
GLU N   H2   sing N N 104 
GLU CA  C    sing N N 105 
GLU CA  CB   sing N N 106 
GLU CA  HA   sing N N 107 
GLU C   O    doub N N 108 
GLU C   OXT  sing N N 109 
GLU CB  CG   sing N N 110 
GLU CB  HB2  sing N N 111 
GLU CB  HB3  sing N N 112 
GLU CG  CD   sing N N 113 
GLU CG  HG2  sing N N 114 
GLU CG  HG3  sing N N 115 
GLU CD  OE1  doub N N 116 
GLU CD  OE2  sing N N 117 
GLU OE2 HE2  sing N N 118 
GLU OXT HXT  sing N N 119 
GLY N   CA   sing N N 120 
GLY N   H    sing N N 121 
GLY N   H2   sing N N 122 
GLY CA  C    sing N N 123 
GLY CA  HA2  sing N N 124 
GLY CA  HA3  sing N N 125 
GLY C   O    doub N N 126 
GLY C   OXT  sing N N 127 
GLY OXT HXT  sing N N 128 
HIS N   CA   sing N N 129 
HIS N   H    sing N N 130 
HIS N   H2   sing N N 131 
HIS CA  C    sing N N 132 
HIS CA  CB   sing N N 133 
HIS CA  HA   sing N N 134 
HIS C   O    doub N N 135 
HIS C   OXT  sing N N 136 
HIS CB  CG   sing N N 137 
HIS CB  HB2  sing N N 138 
HIS CB  HB3  sing N N 139 
HIS CG  ND1  sing Y N 140 
HIS CG  CD2  doub Y N 141 
HIS ND1 CE1  doub Y N 142 
HIS ND1 HD1  sing N N 143 
HIS CD2 NE2  sing Y N 144 
HIS CD2 HD2  sing N N 145 
HIS CE1 NE2  sing Y N 146 
HIS CE1 HE1  sing N N 147 
HIS NE2 HE2  sing N N 148 
HIS OXT HXT  sing N N 149 
HOH O   H1   sing N N 150 
HOH O   H2   sing N N 151 
ILE N   CA   sing N N 152 
ILE N   H    sing N N 153 
ILE N   H2   sing N N 154 
ILE CA  C    sing N N 155 
ILE CA  CB   sing N N 156 
ILE CA  HA   sing N N 157 
ILE C   O    doub N N 158 
ILE C   OXT  sing N N 159 
ILE CB  CG1  sing N N 160 
ILE CB  CG2  sing N N 161 
ILE CB  HB   sing N N 162 
ILE CG1 CD1  sing N N 163 
ILE CG1 HG12 sing N N 164 
ILE CG1 HG13 sing N N 165 
ILE CG2 HG21 sing N N 166 
ILE CG2 HG22 sing N N 167 
ILE CG2 HG23 sing N N 168 
ILE CD1 HD11 sing N N 169 
ILE CD1 HD12 sing N N 170 
ILE CD1 HD13 sing N N 171 
ILE OXT HXT  sing N N 172 
LEU N   CA   sing N N 173 
LEU N   H    sing N N 174 
LEU N   H2   sing N N 175 
LEU CA  C    sing N N 176 
LEU CA  CB   sing N N 177 
LEU CA  HA   sing N N 178 
LEU C   O    doub N N 179 
LEU C   OXT  sing N N 180 
LEU CB  CG   sing N N 181 
LEU CB  HB2  sing N N 182 
LEU CB  HB3  sing N N 183 
LEU CG  CD1  sing N N 184 
LEU CG  CD2  sing N N 185 
LEU CG  HG   sing N N 186 
LEU CD1 HD11 sing N N 187 
LEU CD1 HD12 sing N N 188 
LEU CD1 HD13 sing N N 189 
LEU CD2 HD21 sing N N 190 
LEU CD2 HD22 sing N N 191 
LEU CD2 HD23 sing N N 192 
LEU OXT HXT  sing N N 193 
LYS N   CA   sing N N 194 
LYS N   H    sing N N 195 
LYS N   H2   sing N N 196 
LYS CA  C    sing N N 197 
LYS CA  CB   sing N N 198 
LYS CA  HA   sing N N 199 
LYS C   O    doub N N 200 
LYS C   OXT  sing N N 201 
LYS CB  CG   sing N N 202 
LYS CB  HB2  sing N N 203 
LYS CB  HB3  sing N N 204 
LYS CG  CD   sing N N 205 
LYS CG  HG2  sing N N 206 
LYS CG  HG3  sing N N 207 
LYS CD  CE   sing N N 208 
LYS CD  HD2  sing N N 209 
LYS CD  HD3  sing N N 210 
LYS CE  NZ   sing N N 211 
LYS CE  HE2  sing N N 212 
LYS CE  HE3  sing N N 213 
LYS NZ  HZ1  sing N N 214 
LYS NZ  HZ2  sing N N 215 
LYS NZ  HZ3  sing N N 216 
LYS OXT HXT  sing N N 217 
NAG C1  C2   sing N N 218 
NAG C1  O1   sing N N 219 
NAG C1  O5   sing N N 220 
NAG C1  H1   sing N N 221 
NAG C2  C3   sing N N 222 
NAG C2  N2   sing N N 223 
NAG C2  H2   sing N N 224 
NAG C3  C4   sing N N 225 
NAG C3  O3   sing N N 226 
NAG C3  H3   sing N N 227 
NAG C4  C5   sing N N 228 
NAG C4  O4   sing N N 229 
NAG C4  H4   sing N N 230 
NAG C5  C6   sing N N 231 
NAG C5  O5   sing N N 232 
NAG C5  H5   sing N N 233 
NAG C6  O6   sing N N 234 
NAG C6  H61  sing N N 235 
NAG C6  H62  sing N N 236 
NAG C7  C8   sing N N 237 
NAG C7  N2   sing N N 238 
NAG C7  O7   doub N N 239 
NAG C8  H81  sing N N 240 
NAG C8  H82  sing N N 241 
NAG C8  H83  sing N N 242 
NAG N2  HN2  sing N N 243 
NAG O1  HO1  sing N N 244 
NAG O3  HO3  sing N N 245 
NAG O4  HO4  sing N N 246 
NAG O6  HO6  sing N N 247 
PCA N   CA   sing N N 248 
PCA N   CD   sing N N 249 
PCA N   H    sing N N 250 
PCA CA  CB   sing N N 251 
PCA CA  C    sing N N 252 
PCA CA  HA   sing N N 253 
PCA CB  CG   sing N N 254 
PCA CB  HB2  sing N N 255 
PCA CB  HB3  sing N N 256 
PCA CG  CD   sing N N 257 
PCA CG  HG2  sing N N 258 
PCA CG  HG3  sing N N 259 
PCA CD  OE   doub N N 260 
PCA C   O    doub N N 261 
PCA C   OXT  sing N N 262 
PCA OXT HXT  sing N N 263 
PRO N   CA   sing N N 264 
PRO N   CD   sing N N 265 
PRO N   H    sing N N 266 
PRO CA  C    sing N N 267 
PRO CA  CB   sing N N 268 
PRO CA  HA   sing N N 269 
PRO C   O    doub N N 270 
PRO C   OXT  sing N N 271 
PRO CB  CG   sing N N 272 
PRO CB  HB2  sing N N 273 
PRO CB  HB3  sing N N 274 
PRO CG  CD   sing N N 275 
PRO CG  HG2  sing N N 276 
PRO CG  HG3  sing N N 277 
PRO CD  HD2  sing N N 278 
PRO CD  HD3  sing N N 279 
PRO OXT HXT  sing N N 280 
SER N   CA   sing N N 281 
SER N   H    sing N N 282 
SER N   H2   sing N N 283 
SER CA  C    sing N N 284 
SER CA  CB   sing N N 285 
SER CA  HA   sing N N 286 
SER C   O    doub N N 287 
SER C   OXT  sing N N 288 
SER CB  OG   sing N N 289 
SER CB  HB2  sing N N 290 
SER CB  HB3  sing N N 291 
SER OG  HG   sing N N 292 
SER OXT HXT  sing N N 293 
THR N   CA   sing N N 294 
THR N   H    sing N N 295 
THR N   H2   sing N N 296 
THR CA  C    sing N N 297 
THR CA  CB   sing N N 298 
THR CA  HA   sing N N 299 
THR C   O    doub N N 300 
THR C   OXT  sing N N 301 
THR CB  OG1  sing N N 302 
THR CB  CG2  sing N N 303 
THR CB  HB   sing N N 304 
THR OG1 HG1  sing N N 305 
THR CG2 HG21 sing N N 306 
THR CG2 HG22 sing N N 307 
THR CG2 HG23 sing N N 308 
THR OXT HXT  sing N N 309 
TRP N   CA   sing N N 310 
TRP N   H    sing N N 311 
TRP N   H2   sing N N 312 
TRP CA  C    sing N N 313 
TRP CA  CB   sing N N 314 
TRP CA  HA   sing N N 315 
TRP C   O    doub N N 316 
TRP C   OXT  sing N N 317 
TRP CB  CG   sing N N 318 
TRP CB  HB2  sing N N 319 
TRP CB  HB3  sing N N 320 
TRP CG  CD1  doub Y N 321 
TRP CG  CD2  sing Y N 322 
TRP CD1 NE1  sing Y N 323 
TRP CD1 HD1  sing N N 324 
TRP CD2 CE2  doub Y N 325 
TRP CD2 CE3  sing Y N 326 
TRP NE1 CE2  sing Y N 327 
TRP NE1 HE1  sing N N 328 
TRP CE2 CZ2  sing Y N 329 
TRP CE3 CZ3  doub Y N 330 
TRP CE3 HE3  sing N N 331 
TRP CZ2 CH2  doub Y N 332 
TRP CZ2 HZ2  sing N N 333 
TRP CZ3 CH2  sing Y N 334 
TRP CZ3 HZ3  sing N N 335 
TRP CH2 HH2  sing N N 336 
TRP OXT HXT  sing N N 337 
TYR N   CA   sing N N 338 
TYR N   H    sing N N 339 
TYR N   H2   sing N N 340 
TYR CA  C    sing N N 341 
TYR CA  CB   sing N N 342 
TYR CA  HA   sing N N 343 
TYR C   O    doub N N 344 
TYR C   OXT  sing N N 345 
TYR CB  CG   sing N N 346 
TYR CB  HB2  sing N N 347 
TYR CB  HB3  sing N N 348 
TYR CG  CD1  doub Y N 349 
TYR CG  CD2  sing Y N 350 
TYR CD1 CE1  sing Y N 351 
TYR CD1 HD1  sing N N 352 
TYR CD2 CE2  doub Y N 353 
TYR CD2 HD2  sing N N 354 
TYR CE1 CZ   doub Y N 355 
TYR CE1 HE1  sing N N 356 
TYR CE2 CZ   sing Y N 357 
TYR CE2 HE2  sing N N 358 
TYR CZ  OH   sing N N 359 
TYR OH  HH   sing N N 360 
TYR OXT HXT  sing N N 361 
VAL N   CA   sing N N 362 
VAL N   H    sing N N 363 
VAL N   H2   sing N N 364 
VAL CA  C    sing N N 365 
VAL CA  CB   sing N N 366 
VAL CA  HA   sing N N 367 
VAL C   O    doub N N 368 
VAL C   OXT  sing N N 369 
VAL CB  CG1  sing N N 370 
VAL CB  CG2  sing N N 371 
VAL CB  HB   sing N N 372 
VAL CG1 HG11 sing N N 373 
VAL CG1 HG12 sing N N 374 
VAL CG1 HG13 sing N N 375 
VAL CG2 HG21 sing N N 376 
VAL CG2 HG22 sing N N 377 
VAL CG2 HG23 sing N N 378 
VAL OXT HXT  sing N N 379 
# 
loop_
_pdbx_entity_branch_list.entity_id 
_pdbx_entity_branch_list.comp_id 
_pdbx_entity_branch_list.num 
_pdbx_entity_branch_list.hetero 
2 NAG 1 n 
2 NAG 2 n 
2 NAG 3 n 
2 NAG 4 n 
# 
_pdbx_initial_refinement_model.id               1 
_pdbx_initial_refinement_model.entity_id_list   ? 
_pdbx_initial_refinement_model.type             'experimental model' 
_pdbx_initial_refinement_model.source_name      PDB 
_pdbx_initial_refinement_model.accession_code   1EIS 
_pdbx_initial_refinement_model.details          ? 
# 
_atom_sites.entry_id                    1EN2 
_atom_sites.fract_transf_matrix[1][1]   -0.02913325 
_atom_sites.fract_transf_matrix[1][2]   -0.01160493 
_atom_sites.fract_transf_matrix[1][3]   0.00205806 
_atom_sites.fract_transf_matrix[2][1]   -0.00848578 
_atom_sites.fract_transf_matrix[2][2]   0.01869530 
_atom_sites.fract_transf_matrix[2][3]   -0.01470344 
_atom_sites.fract_transf_matrix[3][1]   0.00261656 
_atom_sites.fract_transf_matrix[3][2]   -0.00882686 
_atom_sites.fract_transf_matrix[3][3]   -0.01273336 
_atom_sites.fract_transf_vector[1]      0.179176 
_atom_sites.fract_transf_vector[2]      0.083049 
_atom_sites.fract_transf_vector[3]      0.405060 
# 
loop_
_atom_type.symbol 
C 
N 
O 
S 
# 
loop_
_atom_site.group_PDB 
_atom_site.id 
_atom_site.type_symbol 
_atom_site.label_atom_id 
_atom_site.label_alt_id 
_atom_site.label_comp_id 
_atom_site.label_asym_id 
_atom_site.label_entity_id 
_atom_site.label_seq_id 
_atom_site.pdbx_PDB_ins_code 
_atom_site.Cartn_x 
_atom_site.Cartn_y 
_atom_site.Cartn_z 
_atom_site.occupancy 
_atom_site.B_iso_or_equiv 
_atom_site.pdbx_formal_charge 
_atom_site.auth_seq_id 
_atom_site.auth_comp_id 
_atom_site.auth_asym_id 
_atom_site.auth_atom_id 
_atom_site.pdbx_PDB_model_num 
HETATM 1   N N   . PCA A 1 1  ? 2.925   8.469   10.108  1.00 20.26 ? 1   PCA A N   1 
HETATM 2   C CA  . PCA A 1 1  ? 4.227   9.291   10.000  1.00 21.23 ? 1   PCA A CA  1 
HETATM 3   C CB  . PCA A 1 1  ? 5.458   8.313   9.841   1.00 24.73 ? 1   PCA A CB  1 
HETATM 4   C CG  . PCA A 1 1  ? 4.691   7.058   9.840   1.00 22.31 ? 1   PCA A CG  1 
HETATM 5   C CD  . PCA A 1 1  ? 3.137   6.993   10.050  1.00 23.27 ? 1   PCA A CD  1 
HETATM 6   O OE  . PCA A 1 1  ? 2.130   6.344   10.213  1.00 26.24 ? 1   PCA A OE  1 
HETATM 7   C C   . PCA A 1 1  ? 4.222   10.114  8.738   1.00 19.21 ? 1   PCA A C   1 
HETATM 8   O O   . PCA A 1 1  ? 3.141   10.019  7.951   1.00 18.05 ? 1   PCA A O   1 
ATOM   9   N N   . ARG A 1 2  ? 5.193   10.988  8.597   1.00 20.57 ? 2   ARG A N   1 
ATOM   10  C CA  . ARG A 1 2  ? 5.261   11.924  7.451   1.00 20.82 ? 2   ARG A CA  1 
ATOM   11  C C   . ARG A 1 2  ? 5.728   11.257  6.177   1.00 19.55 ? 2   ARG A C   1 
ATOM   12  O O   . ARG A 1 2  ? 6.518   10.309  6.199   1.00 19.99 ? 2   ARG A O   1 
ATOM   13  C CB  . ARG A 1 2  ? 6.165   13.119  7.788   1.00 25.30 ? 2   ARG A CB  1 
ATOM   14  C CG  . ARG A 1 2  ? 5.713   13.834  9.057   1.00 30.98 ? 2   ARG A CG  1 
ATOM   15  C CD  . ARG A 1 2  ? 5.313   15.249  8.829   1.00 31.79 ? 2   ARG A CD  1 
ATOM   16  N NE  . ARG A 1 2  ? 4.262   15.450  7.839   1.00 31.91 ? 2   ARG A NE  1 
ATOM   17  C CZ  . ARG A 1 2  ? 3.864   16.682  7.491   1.00 31.95 ? 2   ARG A CZ  1 
ATOM   18  N NH1 . ARG A 1 2  ? 4.455   17.723  8.073   1.00 33.34 ? 2   ARG A NH1 1 
ATOM   19  N NH2 . ARG A 1 2  ? 2.923   16.864  6.599   1.00 29.59 ? 2   ARG A NH2 1 
ATOM   20  N N   . CYS A 1 3  ? 5.305   11.809  5.035   1.00 15.71 ? 3   CYS A N   1 
ATOM   21  C CA  . CYS A 1 3  ? 5.619   11.255  3.740   1.00 14.13 ? 3   CYS A CA  1 
ATOM   22  C C   . CYS A 1 3  ? 5.379   12.250  2.617   1.00 16.22 ? 3   CYS A C   1 
ATOM   23  O O   . CYS A 1 3  ? 4.730   13.286  2.807   1.00 15.46 ? 3   CYS A O   1 
ATOM   24  C CB  . CYS A 1 3  ? 4.710   9.997   3.501   1.00 13.74 ? 3   CYS A CB  1 
ATOM   25  S SG  . CYS A 1 3  ? 2.966   10.412  3.577   1.00 11.51 ? 3   CYS A SG  1 
ATOM   26  N N   . GLY A 1 4  ? 5.925   11.983  1.445   1.00 15.45 ? 4   GLY A N   1 
ATOM   27  C CA  . GLY A 1 4  ? 5.575   12.666  0.234   1.00 17.05 ? 4   GLY A CA  1 
ATOM   28  C C   . GLY A 1 4  ? 5.957   14.127  0.123   1.00 16.11 ? 4   GLY A C   1 
ATOM   29  O O   . GLY A 1 4  ? 6.902   14.599  0.743   1.00 17.88 ? 4   GLY A O   1 
ATOM   30  N N   . SER A 1 5  ? 5.202   14.846  -0.733  1.00 17.09 ? 5   SER A N   1 
ATOM   31  C CA  . SER A 1 5  ? 5.612   16.214  -1.078  1.00 19.08 ? 5   SER A CA  1 
ATOM   32  C C   . SER A 1 5  ? 5.519   17.175  0.077   1.00 21.30 ? 5   SER A C   1 
ATOM   33  O O   . SER A 1 5  ? 6.346   18.111  0.165   1.00 22.84 ? 5   SER A O   1 
ATOM   34  C CB  . SER A 1 5  ? 4.838   16.717  -2.288  1.00 19.54 ? 5   SER A CB  1 
ATOM   35  O OG  . SER A 1 5  ? 3.488   16.961  -1.995  1.00 21.28 ? 5   SER A OG  1 
ATOM   36  N N   . GLN A 1 6  ? 4.578   16.978  0.992   1.00 20.14 ? 6   GLN A N   1 
ATOM   37  C CA  . GLN A 1 6  ? 4.421   17.879  2.129   1.00 22.55 ? 6   GLN A CA  1 
ATOM   38  C C   . GLN A 1 6  ? 5.172   17.398  3.350   1.00 23.94 ? 6   GLN A C   1 
ATOM   39  O O   . GLN A 1 6  ? 5.277   18.129  4.345   1.00 26.03 ? 6   GLN A O   1 
ATOM   40  C CB  . GLN A 1 6  ? 2.922   18.001  2.465   1.00 22.92 ? 6   GLN A CB  1 
ATOM   41  C CG  . GLN A 1 6  ? 2.151   18.851  1.460   1.00 26.86 ? 6   GLN A CG  1 
ATOM   42  C CD  . GLN A 1 6  ? 2.547   20.324  1.597   1.00 30.27 ? 6   GLN A CD  1 
ATOM   43  O OE1 . GLN A 1 6  ? 3.155   20.882  0.700   1.00 32.91 ? 6   GLN A OE1 1 
ATOM   44  N NE2 . GLN A 1 6  ? 2.222   20.900  2.747   1.00 32.97 ? 6   GLN A NE2 1 
ATOM   45  N N   . GLY A 1 7  ? 5.676   16.161  3.319   1.00 21.65 ? 7   GLY A N   1 
ATOM   46  C CA  . GLY A 1 7  ? 6.276   15.577  4.499   1.00 23.37 ? 7   GLY A CA  1 
ATOM   47  C C   . GLY A 1 7  ? 7.681   15.094  4.371   1.00 24.14 ? 7   GLY A C   1 
ATOM   48  O O   . GLY A 1 7  ? 8.096   14.177  5.118   1.00 27.63 ? 7   GLY A O   1 
ATOM   49  N N   . GLY A 1 8  ? 8.494   15.657  3.474   1.00 24.63 ? 8   GLY A N   1 
ATOM   50  C CA  . GLY A 1 8  ? 9.899   15.329  3.397   1.00 25.88 ? 8   GLY A CA  1 
ATOM   51  C C   . GLY A 1 8  ? 10.288  14.378  2.306   1.00 26.42 ? 8   GLY A C   1 
ATOM   52  O O   . GLY A 1 8  ? 11.498  14.105  2.117   1.00 27.64 ? 8   GLY A O   1 
ATOM   53  N N   . GLY A 1 9  ? 9.339   13.809  1.569   1.00 24.34 ? 9   GLY A N   1 
ATOM   54  C CA  . GLY A 1 9  ? 9.622   12.949  0.455   1.00 25.05 ? 9   GLY A CA  1 
ATOM   55  C C   . GLY A 1 9  ? 9.658   11.472  0.730   1.00 24.44 ? 9   GLY A C   1 
ATOM   56  O O   . GLY A 1 9  ? 9.893   10.689  -0.213  1.00 26.91 ? 9   GLY A O   1 
ATOM   57  N N   A SER A 1 10 ? 9.419   11.022  1.949   0.33 23.87 ? 10  SER A N   1 
ATOM   58  C CA  A SER A 1 10 ? 9.487   9.630   2.316   0.33 23.51 ? 10  SER A CA  1 
ATOM   59  C C   A SER A 1 10 ? 8.343   8.778   1.794   0.33 20.73 ? 10  SER A C   1 
ATOM   60  O O   A SER A 1 10 ? 7.310   9.254   1.311   0.33 18.63 ? 10  SER A O   1 
ATOM   61  C CB  A SER A 1 10 ? 9.578   9.472   3.847   0.33 25.06 ? 10  SER A CB  1 
ATOM   62  O OG  A SER A 1 10 ? 8.316   9.112   4.389   0.33 26.99 ? 10  SER A OG  1 
ATOM   63  N N   B GLY A 1 10 ? 9.419   11.022  1.949   0.67 23.87 ? 10  GLY A N   1 
ATOM   64  C CA  B GLY A 1 10 ? 9.487   9.630   2.316   0.67 23.51 ? 10  GLY A CA  1 
ATOM   65  C C   B GLY A 1 10 ? 8.343   8.778   1.794   0.67 20.73 ? 10  GLY A C   1 
ATOM   66  O O   B GLY A 1 10 ? 7.310   9.254   1.311   0.67 18.63 ? 10  GLY A O   1 
ATOM   67  N N   . THR A 1 11 ? 8.515   7.474   1.909   1.00 18.73 ? 11  THR A N   1 
ATOM   68  C CA  . THR A 1 11 ? 7.528   6.462   1.607   1.00 18.41 ? 11  THR A CA  1 
ATOM   69  C C   . THR A 1 11 ? 7.022   5.883   2.929   1.00 17.02 ? 11  THR A C   1 
ATOM   70  O O   . THR A 1 11 ? 7.848   5.753   3.865   1.00 19.87 ? 11  THR A O   1 
ATOM   71  C CB  . THR A 1 11 ? 8.152   5.311   0.773   1.00 21.54 ? 11  THR A CB  1 
ATOM   72  O OG1 . THR A 1 11 ? 8.580   5.875   -0.488  1.00 24.31 ? 11  THR A OG1 1 
ATOM   73  C CG2 . THR A 1 11 ? 7.112   4.240   0.503   1.00 22.15 ? 11  THR A CG2 1 
ATOM   74  N N   . CYS A 1 12 ? 5.770   5.598   3.074   1.00 14.16 ? 12  CYS A N   1 
ATOM   75  C CA  . CYS A 1 12 ? 5.210   5.133   4.347   1.00 13.37 ? 12  CYS A CA  1 
ATOM   76  C C   . CYS A 1 12 ? 5.676   3.747   4.732   1.00 14.05 ? 12  CYS A C   1 
ATOM   77  O O   . CYS A 1 12 ? 5.719   2.839   3.898   1.00 14.75 ? 12  CYS A O   1 
ATOM   78  C CB  . CYS A 1 12 ? 3.664   5.109   4.200   1.00 11.29 ? 12  CYS A CB  1 
ATOM   79  S SG  . CYS A 1 12 ? 3.010   6.808   3.979   1.00 10.97 ? 12  CYS A SG  1 
ATOM   80  N N   . PRO A 1 13 ? 5.756   3.477   6.041   1.00 13.45 ? 13  PRO A N   1 
ATOM   81  C CA  . PRO A 1 13 ? 5.951   2.116   6.522   1.00 14.93 ? 13  PRO A CA  1 
ATOM   82  C C   . PRO A 1 13 ? 4.834   1.239   5.998   1.00 14.45 ? 13  PRO A C   1 
ATOM   83  O O   . PRO A 1 13 ? 3.661   1.657   5.899   1.00 14.74 ? 13  PRO A O   1 
ATOM   84  C CB  . PRO A 1 13 ? 5.844   2.273   8.042   1.00 15.07 ? 13  PRO A CB  1 
ATOM   85  C CG  . PRO A 1 13 ? 6.331   3.664   8.281   1.00 15.93 ? 13  PRO A CG  1 
ATOM   86  C CD  . PRO A 1 13 ? 5.705   4.473   7.124   1.00 14.96 ? 13  PRO A CD  1 
ATOM   87  N N   A GLY A 1 14 ? 5.169   0.022   5.600   0.44 14.65 ? 14  GLY A N   1 
ATOM   88  C CA  A GLY A 1 14 ? 4.254   -0.959  5.090   0.44 16.97 ? 14  GLY A CA  1 
ATOM   89  C C   A GLY A 1 14 ? 3.669   -0.568  3.720   0.44 14.77 ? 14  GLY A C   1 
ATOM   90  O O   A GLY A 1 14 ? 2.701   -1.181  3.284   0.44 17.39 ? 14  GLY A O   1 
ATOM   91  N N   B ALA A 1 14 ? 5.169   0.022   5.600   0.56 14.65 ? 14  ALA A N   1 
ATOM   92  C CA  B ALA A 1 14 ? 4.254   -0.959  5.090   0.56 16.97 ? 14  ALA A CA  1 
ATOM   93  C C   B ALA A 1 14 ? 3.669   -0.568  3.720   0.56 14.77 ? 14  ALA A C   1 
ATOM   94  O O   B ALA A 1 14 ? 2.701   -1.181  3.284   0.56 17.39 ? 14  ALA A O   1 
ATOM   95  C CB  B ALA A 1 14 ? 3.163   -1.293  6.076   0.56 18.86 ? 14  ALA A CB  1 
ATOM   96  N N   . LEU A 1 15 ? 4.321   0.389   3.087   1.00 13.72 ? 15  LEU A N   1 
ATOM   97  C CA  . LEU A 1 15 ? 3.901   0.890   1.779   1.00 13.52 ? 15  LEU A CA  1 
ATOM   98  C C   . LEU A 1 15 ? 2.466   1.351   1.774   1.00 13.54 ? 15  LEU A C   1 
ATOM   99  O O   . LEU A 1 15 ? 1.721   1.168   0.800   1.00 13.53 ? 15  LEU A O   1 
ATOM   100 C CB  . LEU A 1 15 ? 4.256   -0.086  0.668   1.00 16.99 ? 15  LEU A CB  1 
ATOM   101 C CG  A LEU A 1 15 ? 5.667   -0.080  0.117   0.50 18.92 ? 15  LEU A CG  1 
ATOM   102 C CG  B LEU A 1 15 ? 5.759   -0.435  0.581   0.50 18.16 ? 15  LEU A CG  1 
ATOM   103 C CD1 A LEU A 1 15 ? 5.931   1.158   -0.732  0.50 19.64 ? 15  LEU A CD1 1 
ATOM   104 C CD1 B LEU A 1 15 ? 6.001   -1.531  -0.432  0.50 20.69 ? 15  LEU A CD1 1 
ATOM   105 C CD2 A LEU A 1 15 ? 6.705   -0.191  1.223   0.50 21.59 ? 15  LEU A CD2 1 
ATOM   106 C CD2 B LEU A 1 15 ? 6.576   0.807   0.248   0.50 20.18 ? 15  LEU A CD2 1 
ATOM   107 N N   A ARG A 1 16 ? 2.048   1.982   2.878   0.22 13.28 ? 16  ARG A N   1 
ATOM   108 N N   B ARG A 1 16 ? 2.048   1.982   2.878   0.22 13.28 ? 16  ARG A N   1 
ATOM   109 C CA  A ARG A 1 16 ? 0.733   2.546   3.031   0.22 13.26 ? 16  ARG A CA  1 
ATOM   110 C CA  B ARG A 1 16 ? 0.733   2.546   3.031   0.22 13.26 ? 16  ARG A CA  1 
ATOM   111 C C   A ARG A 1 16 ? 0.578   3.826   2.183   0.22 11.99 ? 16  ARG A C   1 
ATOM   112 C C   B ARG A 1 16 ? 0.578   3.826   2.183   0.22 11.99 ? 16  ARG A C   1 
ATOM   113 O O   A ARG A 1 16 ? 1.523   4.318   1.603   0.22 12.53 ? 16  ARG A O   1 
ATOM   114 O O   B ARG A 1 16 ? 1.523   4.318   1.603   0.22 12.53 ? 16  ARG A O   1 
ATOM   115 C CB  A ARG A 1 16 ? 0.324   2.809   4.463   0.22 13.35 ? 16  ARG A CB  1 
ATOM   116 C CB  B ARG A 1 16 ? 0.507   2.951   4.505   0.22 16.20 ? 16  ARG A CB  1 
ATOM   117 C CG  A ARG A 1 16 ? 0.089   1.576   5.315   0.22 17.64 ? 16  ARG A CG  1 
ATOM   118 C CG  B ARG A 1 16 ? -0.390  2.090   5.319   0.22 21.14 ? 16  ARG A CG  1 
ATOM   119 C CD  A ARG A 1 16 ? -0.326  0.382   4.536   0.22 19.84 ? 16  ARG A CD  1 
ATOM   120 C CD  B ARG A 1 16 ? 0.023   0.636   5.361   0.22 21.56 ? 16  ARG A CD  1 
ATOM   121 N NE  A ARG A 1 16 ? -1.721  0.010   4.588   0.22 21.21 ? 16  ARG A NE  1 
ATOM   122 N NE  B ARG A 1 16 ? -1.103  -0.277  5.289   0.22 24.22 ? 16  ARG A NE  1 
ATOM   123 C CZ  A ARG A 1 16 ? -2.235  -0.883  5.431   0.22 22.06 ? 16  ARG A CZ  1 
ATOM   124 C CZ  B ARG A 1 16 ? -2.136  -0.195  4.471   0.22 25.11 ? 16  ARG A CZ  1 
ATOM   125 N NH1 A ARG A 1 16 ? -1.450  -1.473  6.325   0.22 23.25 ? 16  ARG A NH1 1 
ATOM   126 N NH1 B ARG A 1 16 ? -2.272  0.793   3.591   0.22 26.05 ? 16  ARG A NH1 1 
ATOM   127 N NH2 A ARG A 1 16 ? -3.524  -1.181  5.385   0.22 23.17 ? 16  ARG A NH2 1 
ATOM   128 N NH2 B ARG A 1 16 ? -3.088  -1.128  4.521   0.22 24.63 ? 16  ARG A NH2 1 
ATOM   129 N N   C TRP A 1 16 ? 2.015   1.959   2.875   0.56 11.29 ? 16  TRP A N   1 
ATOM   130 C CA  C TRP A 1 16 ? 0.723   2.584   3.002   0.56 11.25 ? 16  TRP A CA  1 
ATOM   131 C C   C TRP A 1 16 ? 0.618   3.886   2.206   0.56 9.81  ? 16  TRP A C   1 
ATOM   132 O O   C TRP A 1 16 ? 1.581   4.364   1.627   0.56 10.80 ? 16  TRP A O   1 
ATOM   133 C CB  C TRP A 1 16 ? 0.428   2.893   4.489   0.56 15.06 ? 16  TRP A CB  1 
ATOM   134 C CG  C TRP A 1 16 ? -0.087  1.688   5.216   0.56 22.22 ? 16  TRP A CG  1 
ATOM   135 C CD1 C TRP A 1 16 ? 0.378   1.150   6.377   0.56 22.99 ? 16  TRP A CD1 1 
ATOM   136 C CD2 C TRP A 1 16 ? -1.203  0.888   4.812   0.56 23.43 ? 16  TRP A CD2 1 
ATOM   137 N NE1 C TRP A 1 16 ? -0.374  0.051   6.717   0.56 25.66 ? 16  TRP A NE1 1 
ATOM   138 C CE2 C TRP A 1 16 ? -1.350  -0.133  5.774   0.56 25.18 ? 16  TRP A CE2 1 
ATOM   139 C CE3 C TRP A 1 16 ? -2.082  0.928   3.722   0.56 26.28 ? 16  TRP A CE3 1 
ATOM   140 C CZ2 C TRP A 1 16 ? -2.343  -1.103  5.675   0.56 25.91 ? 16  TRP A CZ2 1 
ATOM   141 C CZ3 C TRP A 1 16 ? -3.064  -0.037  3.628   0.56 26.49 ? 16  TRP A CZ3 1 
ATOM   142 C CH2 C TRP A 1 16 ? -3.186  -1.042  4.602   0.56 25.88 ? 16  TRP A CH2 1 
ATOM   143 N N   . CYS A 1 17 ? -0.659  4.320   2.178   1.00 11.64 ? 17  CYS A N   1 
ATOM   144 C CA  . CYS A 1 17 ? -0.972  5.504   1.356   1.00 10.21 ? 17  CYS A CA  1 
ATOM   145 C C   . CYS A 1 17 ? -0.436  6.781   1.978   1.00 10.66 ? 17  CYS A C   1 
ATOM   146 O O   . CYS A 1 17 ? -0.568  6.986   3.197   1.00 12.03 ? 17  CYS A O   1 
ATOM   147 C CB  . CYS A 1 17 ? -2.490  5.686   1.233   1.00 10.96 ? 17  CYS A CB  1 
ATOM   148 S SG  . CYS A 1 17 ? -3.328  4.152   0.770   1.00 11.64 ? 17  CYS A SG  1 
ATOM   149 N N   . CYS A 1 18 ? 0.085   7.678   1.162   1.00 10.28 ? 18  CYS A N   1 
ATOM   150 C CA  . CYS A 1 18 ? 0.467   9.013   1.608   1.00 11.27 ? 18  CYS A CA  1 
ATOM   151 C C   . CYS A 1 18 ? -0.557  10.019  1.133   1.00 10.85 ? 18  CYS A C   1 
ATOM   152 O O   . CYS A 1 18 ? -0.800  10.076  -0.097  1.00 11.54 ? 18  CYS A O   1 
ATOM   153 C CB  . CYS A 1 18 ? 1.844   9.349   1.013   1.00 11.58 ? 18  CYS A CB  1 
ATOM   154 S SG  . CYS A 1 18 ? 2.466   10.941  1.660   1.00 11.18 ? 18  CYS A SG  1 
ATOM   155 N N   . SER A 1 19 ? -1.204  10.742  2.021   1.00 10.63 ? 19  SER A N   1 
ATOM   156 C CA  . SER A 1 19 ? -2.208  11.733  1.621   1.00 10.33 ? 19  SER A CA  1 
ATOM   157 C C   . SER A 1 19 ? -1.538  13.003  1.065   1.00 10.06 ? 19  SER A C   1 
ATOM   158 O O   . SER A 1 19 ? -0.367  13.224  1.234   1.00 10.50 ? 19  SER A O   1 
ATOM   159 C CB  . SER A 1 19 ? -3.021  12.124  2.873   1.00 12.53 ? 19  SER A CB  1 
ATOM   160 O OG  . SER A 1 19 ? -2.239  13.000  3.682   1.00 11.20 ? 19  SER A OG  1 
ATOM   161 N N   . ILE A 1 20 ? -2.403  13.856  0.462   1.00 10.99 ? 20  ILE A N   1 
ATOM   162 C CA  . ILE A 1 20 ? -1.883  15.135  -0.057  1.00 11.86 ? 20  ILE A CA  1 
ATOM   163 C C   . ILE A 1 20 ? -1.417  16.038  1.062   1.00 13.07 ? 20  ILE A C   1 
ATOM   164 O O   . ILE A 1 20 ? -0.719  17.021  0.801   1.00 13.75 ? 20  ILE A O   1 
ATOM   165 C CB  . ILE A 1 20 ? -2.932  15.852  -0.922  1.00 12.91 ? 20  ILE A CB  1 
ATOM   166 C CG1 . ILE A 1 20 ? -4.189  16.164  -0.121  1.00 13.68 ? 20  ILE A CG1 1 
ATOM   167 C CG2 . ILE A 1 20 ? -3.236  15.038  -2.171  1.00 14.60 ? 20  ILE A CG2 1 
ATOM   168 C CD1 . ILE A 1 20 ? -5.167  17.080  -0.873  1.00 15.84 ? 20  ILE A CD1 1 
ATOM   169 N N   . TRP A 1 21 ? -1.748  15.738  2.321   1.00 11.46 ? 21  TRP A N   1 
ATOM   170 C CA  . TRP A 1 21 ? -1.264  16.502  3.451   1.00 11.50 ? 21  TRP A CA  1 
ATOM   171 C C   . TRP A 1 21 ? 0.048   15.996  3.994   1.00 12.13 ? 21  TRP A C   1 
ATOM   172 O O   . TRP A 1 21 ? 0.639   16.592  4.890   1.00 14.34 ? 21  TRP A O   1 
ATOM   173 C CB  . TRP A 1 21 ? -2.326  16.589  4.570   1.00 12.06 ? 21  TRP A CB  1 
ATOM   174 C CG  . TRP A 1 21 ? -3.596  17.231  4.091   1.00 13.41 ? 21  TRP A CG  1 
ATOM   175 C CD1 . TRP A 1 21 ? -3.796  18.606  3.978   1.00 14.87 ? 21  TRP A CD1 1 
ATOM   176 C CD2 . TRP A 1 21 ? -4.785  16.620  3.659   1.00 13.19 ? 21  TRP A CD2 1 
ATOM   177 N NE1 . TRP A 1 21 ? -5.052  18.822  3.488   1.00 14.69 ? 21  TRP A NE1 1 
ATOM   178 C CE2 . TRP A 1 21 ? -5.702  17.632  3.305   1.00 14.96 ? 21  TRP A CE2 1 
ATOM   179 C CE3 . TRP A 1 21 ? -5.189  15.271  3.546   1.00 14.98 ? 21  TRP A CE3 1 
ATOM   180 C CZ2 . TRP A 1 21 ? -6.976  17.343  2.820   1.00 16.73 ? 21  TRP A CZ2 1 
ATOM   181 C CZ3 . TRP A 1 21 ? -6.459  14.996  3.093   1.00 17.06 ? 21  TRP A CZ3 1 
ATOM   182 C CH2 . TRP A 1 21 ? -7.336  16.032  2.718   1.00 18.02 ? 21  TRP A CH2 1 
ATOM   183 N N   . GLY A 1 22 ? 0.598   14.903  3.442   1.00 11.06 ? 22  GLY A N   1 
ATOM   184 C CA  . GLY A 1 22 ? 1.912   14.420  3.830   1.00 11.02 ? 22  GLY A CA  1 
ATOM   185 C C   . GLY A 1 22 ? 1.872   13.484  5.040   1.00 9.47  ? 22  GLY A C   1 
ATOM   186 O O   . GLY A 1 22 ? 2.883   13.472  5.789   1.00 11.91 ? 22  GLY A O   1 
ATOM   187 N N   . TRP A 1 23 ? 0.836   12.725  5.187   1.00 10.13 ? 23  TRP A N   1 
ATOM   188 C CA  . TRP A 1 23 ? 0.736   11.774  6.316   1.00 11.05 ? 23  TRP A CA  1 
ATOM   189 C C   . TRP A 1 23 ? 0.358   10.406  5.781   1.00 11.89 ? 23  TRP A C   1 
ATOM   190 O O   . TRP A 1 23 ? -0.380  10.277  4.805   1.00 11.18 ? 23  TRP A O   1 
ATOM   191 C CB  . TRP A 1 23 ? -0.304  12.253  7.329   1.00 12.91 ? 23  TRP A CB  1 
ATOM   192 C CG  . TRP A 1 23 ? 0.098   13.526  8.024   1.00 14.32 ? 23  TRP A CG  1 
ATOM   193 C CD1 . TRP A 1 23 ? -0.320  14.791  7.736   1.00 15.32 ? 23  TRP A CD1 1 
ATOM   194 C CD2 . TRP A 1 23 ? 1.003   13.634  9.127   1.00 13.59 ? 23  TRP A CD2 1 
ATOM   195 N NE1 . TRP A 1 23 ? 0.262   15.681  8.600   1.00 16.07 ? 23  TRP A NE1 1 
ATOM   196 C CE2 . TRP A 1 23 ? 1.114   15.014  9.437   1.00 15.22 ? 23  TRP A CE2 1 
ATOM   197 C CE3 . TRP A 1 23 ? 1.766   12.717  9.851   1.00 15.09 ? 23  TRP A CE3 1 
ATOM   198 C CZ2 . TRP A 1 23 ? 1.900   15.470  10.497  1.00 17.75 ? 23  TRP A CZ2 1 
ATOM   199 C CZ3 . TRP A 1 23 ? 2.558   13.179  10.893  1.00 19.21 ? 23  TRP A CZ3 1 
ATOM   200 C CH2 . TRP A 1 23 ? 2.612   14.544  11.195  1.00 20.75 ? 23  TRP A CH2 1 
ATOM   201 N N   . CYS A 1 24 ? 0.736   9.370   6.524   1.00 11.52 ? 24  CYS A N   1 
ATOM   202 C CA  . CYS A 1 24 ? 0.500   7.994   6.152   1.00 12.25 ? 24  CYS A CA  1 
ATOM   203 C C   . CYS A 1 24 ? -0.737  7.402   6.767   1.00 11.84 ? 24  CYS A C   1 
ATOM   204 O O   . CYS A 1 24 ? -0.987  7.651   7.972   1.00 13.73 ? 24  CYS A O   1 
ATOM   205 C CB  . CYS A 1 24 ? 1.696   7.118   6.662   1.00 12.40 ? 24  CYS A CB  1 
ATOM   206 S SG  . CYS A 1 24 ? 3.250   7.573   5.843   1.00 11.68 ? 24  CYS A SG  1 
ATOM   207 N N   . GLY A 1 25 ? -1.482  6.591   6.041   1.00 12.17 ? 25  GLY A N   1 
ATOM   208 C CA  . GLY A 1 25 ? -2.642  5.920   6.613   1.00 12.62 ? 25  GLY A CA  1 
ATOM   209 C C   . GLY A 1 25 ? -3.250  4.918   5.647   1.00 13.04 ? 25  GLY A C   1 
ATOM   210 O O   . GLY A 1 25 ? -2.724  4.657   4.566   1.00 13.30 ? 25  GLY A O   1 
ATOM   211 N N   . ASP A 1 26 ? -4.357  4.311   6.069   1.00 15.66 ? 26  ASP A N   1 
ATOM   212 C CA  . ASP A 1 26 ? -4.945  3.199   5.334   1.00 16.94 ? 26  ASP A CA  1 
ATOM   213 C C   . ASP A 1 26 ? -6.421  3.368   5.076   1.00 19.41 ? 26  ASP A C   1 
ATOM   214 O O   . ASP A 1 26 ? -7.081  2.410   4.629   1.00 22.27 ? 26  ASP A O   1 
ATOM   215 C CB  . ASP A 1 26 ? -4.670  1.885   6.095   1.00 22.37 ? 26  ASP A CB  1 
ATOM   216 C CG  . ASP A 1 26 ? -5.129  1.915   7.526   1.00 27.17 ? 26  ASP A CG  1 
ATOM   217 O OD1 . ASP A 1 26 ? -6.036  2.687   7.883   1.00 30.74 ? 26  ASP A OD1 1 
ATOM   218 O OD2 . ASP A 1 26 ? -4.556  1.142   8.346   1.00 33.27 ? 26  ASP A OD2 1 
ATOM   219 N N   . SER A 1 27 ? -6.975  4.545   5.296   1.00 16.57 ? 27  SER A N   1 
ATOM   220 C CA  . SER A 1 27 ? -8.385  4.828   5.095   1.00 18.12 ? 27  SER A CA  1 
ATOM   221 C C   . SER A 1 27 ? -8.602  5.830   3.981   1.00 16.83 ? 27  SER A C   1 
ATOM   222 O O   . SER A 1 27 ? -7.632  6.354   3.415   1.00 15.78 ? 27  SER A O   1 
ATOM   223 C CB  . SER A 1 27 ? -9.007  5.325   6.409   1.00 19.54 ? 27  SER A CB  1 
ATOM   224 O OG  . SER A 1 27 ? -8.310  6.507   6.830   1.00 21.34 ? 27  SER A OG  1 
ATOM   225 N N   . GLU A 1 28 ? -9.837  6.128   3.626   1.00 17.82 ? 28  GLU A N   1 
ATOM   226 C CA  . GLU A 1 28 ? -10.196 6.959   2.493   1.00 18.18 ? 28  GLU A CA  1 
ATOM   227 C C   . GLU A 1 28 ? -9.469  8.271   2.361   1.00 16.44 ? 28  GLU A C   1 
ATOM   228 O O   . GLU A 1 28 ? -9.002  8.627   1.263   1.00 15.84 ? 28  GLU A O   1 
ATOM   229 C CB  A GLU A 1 28 ? -11.727 7.181   2.534   0.50 20.93 ? 28  GLU A CB  1 
ATOM   230 C CB  B GLU A 1 28 ? -11.719 7.166   2.461   0.50 21.15 ? 28  GLU A CB  1 
ATOM   231 C CG  A GLU A 1 28 ? -12.226 8.364   1.744   0.50 22.90 ? 28  GLU A CG  1 
ATOM   232 C CG  B GLU A 1 28 ? -12.296 7.345   1.076   0.50 23.48 ? 28  GLU A CG  1 
ATOM   233 C CD  A GLU A 1 28 ? -11.981 8.223   0.253   0.50 23.94 ? 28  GLU A CD  1 
ATOM   234 C CD  B GLU A 1 28 ? -12.068 8.707   0.475   0.50 25.49 ? 28  GLU A CD  1 
ATOM   235 O OE1 A GLU A 1 28 ? -11.919 7.080   -0.236  0.50 25.78 ? 28  GLU A OE1 1 
ATOM   236 O OE1 B GLU A 1 28 ? -11.968 9.703   1.221   0.50 26.68 ? 28  GLU A OE1 1 
ATOM   237 O OE2 A GLU A 1 28 ? -11.821 9.266   -0.423  0.50 25.81 ? 28  GLU A OE2 1 
ATOM   238 O OE2 B GLU A 1 28 ? -11.988 8.801   -0.778  0.50 28.16 ? 28  GLU A OE2 1 
ATOM   239 N N   . PRO A 1 29 ? -9.361  9.063   3.425   1.00 16.44 ? 29  PRO A N   1 
ATOM   240 C CA  . PRO A 1 29 ? -8.678  10.349  3.349   1.00 17.18 ? 29  PRO A CA  1 
ATOM   241 C C   . PRO A 1 29 ? -7.242  10.241  2.899   1.00 14.68 ? 29  PRO A C   1 
ATOM   242 O O   . PRO A 1 29 ? -6.652  11.180  2.327   1.00 15.00 ? 29  PRO A O   1 
ATOM   243 C CB  . PRO A 1 29 ? -8.791  10.905  4.766   1.00 19.03 ? 29  PRO A CB  1 
ATOM   244 C CG  . PRO A 1 29 ? -9.935  10.189  5.385   1.00 20.48 ? 29  PRO A CG  1 
ATOM   245 C CD  . PRO A 1 29 ? -9.979  8.819   4.735   1.00 18.12 ? 29  PRO A CD  1 
ATOM   246 N N   . TYR A 1 30 ? -6.581  9.109   3.171   1.00 13.61 ? 30  TYR A N   1 
ATOM   247 C CA  . TYR A 1 30 ? -5.219  8.880   2.787   1.00 12.47 ? 30  TYR A CA  1 
ATOM   248 C C   . TYR A 1 30 ? -5.072  8.172   1.428   1.00 12.14 ? 30  TYR A C   1 
ATOM   249 O O   . TYR A 1 30 ? -4.123  8.429   0.715   1.00 12.08 ? 30  TYR A O   1 
ATOM   250 C CB  . TYR A 1 30 ? -4.504  7.979   3.828   1.00 12.23 ? 30  TYR A CB  1 
ATOM   251 C CG  . TYR A 1 30 ? -4.497  8.545   5.229   1.00 12.06 ? 30  TYR A CG  1 
ATOM   252 C CD1 . TYR A 1 30 ? -5.576  8.275   6.077   1.00 13.86 ? 30  TYR A CD1 1 
ATOM   253 C CD2 . TYR A 1 30 ? -3.455  9.306   5.716   1.00 11.48 ? 30  TYR A CD2 1 
ATOM   254 C CE1 . TYR A 1 30 ? -5.601  8.782   7.367   1.00 14.64 ? 30  TYR A CE1 1 
ATOM   255 C CE2 . TYR A 1 30 ? -3.469  9.805   7.019   1.00 12.08 ? 30  TYR A CE2 1 
ATOM   256 C CZ  . TYR A 1 30 ? -4.548  9.536   7.812   1.00 13.37 ? 30  TYR A CZ  1 
ATOM   257 O OH  . TYR A 1 30 ? -4.571  10.035  9.110   1.00 15.25 ? 30  TYR A OH  1 
ATOM   258 N N   . CYS A 1 31 ? -6.025  7.288   1.138   1.00 13.67 ? 31  CYS A N   1 
ATOM   259 C CA  . CYS A 1 31 ? -5.899  6.341   0.043   1.00 12.61 ? 31  CYS A CA  1 
ATOM   260 C C   . CYS A 1 31 ? -6.835  6.593   -1.127  1.00 14.04 ? 31  CYS A C   1 
ATOM   261 O O   . CYS A 1 31 ? -6.642  5.983   -2.193  1.00 14.90 ? 31  CYS A O   1 
ATOM   262 C CB  . CYS A 1 31 ? -6.252  4.918   0.582   1.00 13.30 ? 31  CYS A CB  1 
ATOM   263 S SG  . CYS A 1 31 ? -5.098  4.314   1.819   1.00 12.81 ? 31  CYS A SG  1 
ATOM   264 N N   . GLY A 1 32 ? -7.858  7.402   -0.934  1.00 14.92 ? 32  GLY A N   1 
ATOM   265 C CA  . GLY A 1 32 ? -8.872  7.661   -1.941  1.00 16.76 ? 32  GLY A CA  1 
ATOM   266 C C   . GLY A 1 32 ? -8.580  8.914   -2.756  1.00 16.37 ? 32  GLY A C   1 
ATOM   267 O O   . GLY A 1 32 ? -7.529  9.140   -3.303  1.00 17.28 ? 32  GLY A O   1 
ATOM   268 N N   . ARG A 1 33 ? -9.606  9.798   -2.799  1.00 18.68 ? 33  ARG A N   1 
ATOM   269 C CA  . ARG A 1 33 ? -9.549  11.010  -3.585  1.00 20.22 ? 33  ARG A CA  1 
ATOM   270 C C   . ARG A 1 33 ? -8.430  11.951  -3.204  1.00 19.35 ? 33  ARG A C   1 
ATOM   271 O O   . ARG A 1 33 ? -7.858  12.637  -4.068  1.00 21.59 ? 33  ARG A O   1 
ATOM   272 C CB  . ARG A 1 33 ? -10.909 11.739  -3.507  1.00 23.28 ? 33  ARG A CB  1 
ATOM   273 C CG  . ARG A 1 33 ? -12.032 10.682  -3.118  0.00 20.00 ? 33  ARG A CG  1 
ATOM   274 C CD  . ARG A 1 33 ? -13.401 11.362  -3.091  0.00 20.00 ? 33  ARG A CD  1 
ATOM   275 N NE  . ARG A 1 33 ? -13.508 12.381  -2.038  0.00 20.00 ? 33  ARG A NE  1 
ATOM   276 C CZ  . ARG A 1 33 ? -12.874 13.560  -2.069  0.00 20.00 ? 33  ARG A CZ  1 
ATOM   277 N NH1 . ARG A 1 33 ? -12.081 13.891  -3.095  0.00 20.00 ? 33  ARG A NH1 1 
ATOM   278 N NH2 . ARG A 1 33 ? -12.973 14.488  -1.106  0.00 20.00 ? 33  ARG A NH2 1 
ATOM   279 N N   . THR A 1 34 ? -8.070  11.988  -1.925  1.00 17.05 ? 34  THR A N   1 
ATOM   280 C CA  . THR A 1 34 ? -7.050  12.932  -1.449  1.00 15.55 ? 34  THR A CA  1 
ATOM   281 C C   . THR A 1 34 ? -5.724  12.225  -1.176  1.00 13.76 ? 34  THR A C   1 
ATOM   282 O O   . THR A 1 34 ? -4.925  12.652  -0.362  1.00 14.63 ? 34  THR A O   1 
ATOM   283 C CB  . THR A 1 34 ? -7.534  13.680  -0.206  1.00 15.68 ? 34  THR A CB  1 
ATOM   284 O OG1 . THR A 1 34 ? -8.149  12.763  0.708   1.00 18.28 ? 34  THR A OG1 1 
ATOM   285 C CG2 . THR A 1 34 ? -8.596  14.732  -0.577  1.00 17.63 ? 34  THR A CG2 1 
ATOM   286 N N   . CYS A 1 35 ? -5.477  11.165  -1.961  1.00 12.85 ? 35  CYS A N   1 
ATOM   287 C CA  . CYS A 1 35 ? -4.205  10.446  -1.879  1.00 11.99 ? 35  CYS A CA  1 
ATOM   288 C C   . CYS A 1 35 ? -3.157  10.982  -2.814  1.00 12.75 ? 35  CYS A C   1 
ATOM   289 O O   . CYS A 1 35 ? -3.468  11.276  -3.993  1.00 15.67 ? 35  CYS A O   1 
ATOM   290 C CB  . CYS A 1 35 ? -4.512  8.959   -2.191  1.00 11.83 ? 35  CYS A CB  1 
ATOM   291 S SG  . CYS A 1 35 ? -3.049  7.902   -2.134  1.00 10.89 ? 35  CYS A SG  1 
ATOM   292 N N   . GLU A 1 36 ? -1.912  11.051  -2.409  1.00 10.58 ? 36  GLU A N   1 
ATOM   293 C CA  . GLU A 1 36 ? -0.804  11.455  -3.248  1.00 12.03 ? 36  GLU A CA  1 
ATOM   294 C C   . GLU A 1 36 ? -0.023  10.265  -3.798  1.00 13.55 ? 36  GLU A C   1 
ATOM   295 O O   . GLU A 1 36 ? 0.461   10.348  -4.937  1.00 13.26 ? 36  GLU A O   1 
ATOM   296 C CB  . GLU A 1 36 ? 0.166   12.363  -2.486  1.00 12.59 ? 36  GLU A CB  1 
ATOM   297 C CG  . GLU A 1 36 ? 1.312   12.900  -3.340  1.00 16.20 ? 36  GLU A CG  1 
ATOM   298 C CD  . GLU A 1 36 ? 2.182   13.864  -2.570  1.00 18.54 ? 36  GLU A CD  1 
ATOM   299 O OE1 . GLU A 1 36 ? 3.093   13.437  -1.843  1.00 18.98 ? 36  GLU A OE1 1 
ATOM   300 O OE2 . GLU A 1 36 ? 1.952   15.090  -2.707  1.00 23.44 ? 36  GLU A OE2 1 
ATOM   301 N N   . ASN A 1 37 ? 0.218   9.223   -3.004  1.00 12.95 ? 37  ASN A N   1 
ATOM   302 C CA  . ASN A 1 37 ? 1.057   8.116   -3.472  1.00 12.65 ? 37  ASN A CA  1 
ATOM   303 C C   . ASN A 1 37 ? 0.598   6.814   -2.822  1.00 12.21 ? 37  ASN A C   1 
ATOM   304 O O   . ASN A 1 37 ? 0.078   6.810   -1.703  1.00 12.29 ? 37  ASN A O   1 
ATOM   305 C CB  . ASN A 1 37 ? 2.518   8.365   -3.169  1.00 15.42 ? 37  ASN A CB  1 
ATOM   306 C CG  . ASN A 1 37 ? 3.467   7.467   -3.957  1.00 18.91 ? 37  ASN A CG  1 
ATOM   307 O OD1 . ASN A 1 37 ? 3.146   7.091   -5.072  1.00 20.42 ? 37  ASN A OD1 1 
ATOM   308 N ND2 . ASN A 1 37 ? 4.602   7.157   -3.340  1.00 21.73 ? 37  ASN A ND2 1 
ATOM   309 N N   . LYS A 1 38 ? 0.874   5.722   -3.528  1.00 12.38 ? 38  LYS A N   1 
ATOM   310 C CA  . LYS A 1 38 ? 0.506   4.363   -3.105  1.00 11.24 ? 38  LYS A CA  1 
ATOM   311 C C   . LYS A 1 38 ? -0.959  4.319   -2.772  1.00 11.57 ? 38  LYS A C   1 
ATOM   312 O O   . LYS A 1 38 ? -1.429  3.897   -1.709  1.00 11.73 ? 38  LYS A O   1 
ATOM   313 C CB  . LYS A 1 38 ? 1.366   3.889   -1.935  1.00 12.50 ? 38  LYS A CB  1 
ATOM   314 C CG  . LYS A 1 38 ? 2.853   3.935   -2.140  1.00 13.84 ? 38  LYS A CG  1 
ATOM   315 C CD  . LYS A 1 38 ? 3.325   3.157   -3.369  1.00 16.31 ? 38  LYS A CD  1 
ATOM   316 C CE  . LYS A 1 38 ? 4.850   3.096   -3.377  1.00 17.80 ? 38  LYS A CE  1 
ATOM   317 N NZ  . LYS A 1 38 ? 5.371   2.402   -4.586  1.00 20.45 ? 38  LYS A NZ  1 
ATOM   318 N N   . CYS A 1 39 ? -1.789  4.702   -3.752  1.00 12.02 ? 39  CYS A N   1 
ATOM   319 C CA  . CYS A 1 39 ? -3.201  4.876   -3.611  1.00 11.58 ? 39  CYS A CA  1 
ATOM   320 C C   . CYS A 1 39 ? -4.023  3.673   -4.051  1.00 12.51 ? 39  CYS A C   1 
ATOM   321 O O   . CYS A 1 39 ? -3.507  2.873   -4.853  1.00 13.84 ? 39  CYS A O   1 
ATOM   322 C CB  . CYS A 1 39 ? -3.626  6.112   -4.481  1.00 13.49 ? 39  CYS A CB  1 
ATOM   323 S SG  . CYS A 1 39 ? -2.642  7.599   -4.101  1.00 12.58 ? 39  CYS A SG  1 
ATOM   324 N N   . TRP A 1 40 ? -5.241  3.562   -3.567  1.00 11.50 ? 40  TRP A N   1 
ATOM   325 C CA  . TRP A 1 40 ? -6.080  2.405   -3.920  1.00 14.12 ? 40  TRP A CA  1 
ATOM   326 C C   . TRP A 1 40 ? -6.212  2.289   -5.433  1.00 15.88 ? 40  TRP A C   1 
ATOM   327 O O   . TRP A 1 40 ? -6.235  1.177   -5.964  1.00 17.55 ? 40  TRP A O   1 
ATOM   328 C CB  . TRP A 1 40 ? -7.450  2.533   -3.280  1.00 14.30 ? 40  TRP A CB  1 
ATOM   329 C CG  . TRP A 1 40 ? -7.483  2.266   -1.807  1.00 15.08 ? 40  TRP A CG  1 
ATOM   330 C CD1 . TRP A 1 40 ? -6.599  1.515   -1.079  1.00 14.60 ? 40  TRP A CD1 1 
ATOM   331 C CD2 . TRP A 1 40 ? -8.433  2.774   -0.866  1.00 15.20 ? 40  TRP A CD2 1 
ATOM   332 N NE1 . TRP A 1 40 ? -6.978  1.472   0.241   1.00 16.14 ? 40  TRP A NE1 1 
ATOM   333 C CE2 . TRP A 1 40 ? -8.103  2.255   0.395   1.00 15.90 ? 40  TRP A CE2 1 
ATOM   334 C CE3 . TRP A 1 40 ? -9.560  3.602   -0.982  1.00 18.61 ? 40  TRP A CE3 1 
ATOM   335 C CZ2 . TRP A 1 40 ? -8.829  2.547   1.548   1.00 17.72 ? 40  TRP A CZ2 1 
ATOM   336 C CZ3 . TRP A 1 40 ? -10.288 3.885   0.157   1.00 18.97 ? 40  TRP A CZ3 1 
ATOM   337 C CH2 . TRP A 1 40 ? -9.919  3.365   1.404   1.00 19.39 ? 40  TRP A CH2 1 
ATOM   338 N N   . SER A 1 41 ? -6.379  3.423   -6.100  1.00 15.53 ? 41  SER A N   1 
ATOM   339 C CA  . SER A 1 41 ? -6.613  3.411   -7.548  1.00 17.72 ? 41  SER A CA  1 
ATOM   340 C C   . SER A 1 41 ? -5.397  3.023   -8.333  1.00 16.70 ? 41  SER A C   1 
ATOM   341 O O   . SER A 1 41 ? -5.480  2.844   -9.579  1.00 20.51 ? 41  SER A O   1 
ATOM   342 C CB  . SER A 1 41 ? -7.103  4.821   -7.972  1.00 19.25 ? 41  SER A CB  1 
ATOM   343 O OG  . SER A 1 41 ? -6.060  5.754   -7.823  1.00 25.31 ? 41  SER A OG  1 
ATOM   344 N N   . GLY A 1 42 ? -4.233  2.861   -7.725  1.00 14.48 ? 42  GLY A N   1 
ATOM   345 C CA  . GLY A 1 42 ? -3.006  2.532   -8.342  1.00 14.53 ? 42  GLY A CA  1 
ATOM   346 C C   . GLY A 1 42 ? -2.723  1.039   -8.483  1.00 13.87 ? 42  GLY A C   1 
ATOM   347 O O   . GLY A 1 42 ? -1.639  0.702   -8.988  1.00 16.81 ? 42  GLY A O   1 
ATOM   348 N N   . GLU A 1 43 ? -3.619  0.173   -8.054  1.00 13.36 ? 43  GLU A N   1 
ATOM   349 C CA  . GLU A 1 43 ? -3.382  -1.269  -8.219  1.00 13.28 ? 43  GLU A CA  1 
ATOM   350 C C   . GLU A 1 43 ? -3.264  -1.576  -9.717  1.00 13.80 ? 43  GLU A C   1 
ATOM   351 O O   . GLU A 1 43 ? -4.093  -1.127  -10.512 1.00 15.48 ? 43  GLU A O   1 
ATOM   352 C CB  . GLU A 1 43 ? -4.481  -2.101  -7.587  1.00 11.95 ? 43  GLU A CB  1 
ATOM   353 C CG  . GLU A 1 43 ? -4.143  -3.611  -7.683  1.00 13.25 ? 43  GLU A CG  1 
ATOM   354 C CD  . GLU A 1 43 ? -5.041  -4.514  -6.942  1.00 13.51 ? 43  GLU A CD  1 
ATOM   355 O OE1 . GLU A 1 43 ? -5.580  -4.206  -5.857  1.00 13.57 ? 43  GLU A OE1 1 
ATOM   356 O OE2 . GLU A 1 43 ? -5.261  -5.691  -7.396  1.00 15.32 ? 43  GLU A OE2 1 
ATOM   357 N N   . ARG A 1 44 ? -2.308  -2.409  -10.072 1.00 13.63 ? 44  ARG A N   1 
ATOM   358 C CA  . ARG A 1 44 ? -2.134  -2.852  -11.455 1.00 14.52 ? 44  ARG A CA  1 
ATOM   359 C C   . ARG A 1 44 ? -3.328  -3.673  -11.916 1.00 14.63 ? 44  ARG A C   1 
ATOM   360 O O   . ARG A 1 44 ? -3.950  -4.408  -11.150 1.00 13.65 ? 44  ARG A O   1 
ATOM   361 C CB  . ARG A 1 44 ? -0.877  -3.720  -11.568 1.00 14.38 ? 44  ARG A CB  1 
ATOM   362 C CG  . ARG A 1 44 ? 0.429   -2.986  -11.366 1.00 16.88 ? 44  ARG A CG  1 
ATOM   363 C CD  . ARG A 1 44 ? 1.607   -3.927  -11.352 1.00 18.14 ? 44  ARG A CD  1 
ATOM   364 N NE  . ARG A 1 44 ? 1.693   -4.763  -12.537 1.00 18.73 ? 44  ARG A NE  1 
ATOM   365 C CZ  . ARG A 1 44 ? 2.541   -4.588  -13.539 1.00 23.67 ? 44  ARG A CZ  1 
ATOM   366 N NH1 . ARG A 1 44 ? 3.405   -3.583  -13.529 1.00 26.62 ? 44  ARG A NH1 1 
ATOM   367 N NH2 . ARG A 1 44 ? 2.539   -5.446  -14.556 1.00 24.53 ? 44  ARG A NH2 1 
ATOM   368 N N   . SER A 1 45 ? -3.650  -3.568  -13.217 1.00 16.58 ? 45  SER A N   1 
ATOM   369 C CA  . SER A 1 45 ? -4.750  -4.362  -13.758 1.00 17.75 ? 45  SER A CA  1 
ATOM   370 C C   . SER A 1 45 ? -4.520  -5.858  -13.619 1.00 16.53 ? 45  SER A C   1 
ATOM   371 O O   . SER A 1 45 ? -5.486  -6.609  -13.461 1.00 16.92 ? 45  SER A O   1 
ATOM   372 C CB  . SER A 1 45 ? -4.965  -4.003  -15.245 1.00 19.53 ? 45  SER A CB  1 
ATOM   373 O OG  A SER A 1 45 ? -3.825  -4.439  -15.991 0.50 22.46 ? 45  SER A OG  1 
ATOM   374 O OG  B SER A 1 45 ? -5.400  -2.645  -15.325 0.50 23.41 ? 45  SER A OG  1 
ATOM   375 N N   . ASP A 1 46 ? -3.263  -6.280  -13.603 1.00 16.16 ? 46  ASP A N   1 
ATOM   376 C CA  . ASP A 1 46 ? -2.910  -7.690  -13.466 1.00 15.58 ? 46  ASP A CA  1 
ATOM   377 C C   . ASP A 1 46 ? -2.778  -8.114  -12.012 1.00 16.25 ? 46  ASP A C   1 
ATOM   378 O O   . ASP A 1 46 ? -2.532  -9.299  -11.725 1.00 17.85 ? 46  ASP A O   1 
ATOM   379 C CB  . ASP A 1 46 ? -1.663  -8.027  -14.261 1.00 18.42 ? 46  ASP A CB  1 
ATOM   380 C CG  . ASP A 1 46 ? -0.394  -7.387  -13.806 1.00 18.67 ? 46  ASP A CG  1 
ATOM   381 O OD1 . ASP A 1 46 ? -0.355  -6.722  -12.744 1.00 17.94 ? 46  ASP A OD1 1 
ATOM   382 O OD2 . ASP A 1 46 ? 0.660   -7.531  -14.489 1.00 23.44 ? 46  ASP A OD2 1 
ATOM   383 N N   . HIS A 1 47 ? -2.975  -7.194  -11.077 1.00 13.79 ? 47  HIS A N   1 
ATOM   384 C CA  . HIS A 1 47 ? -2.922  -7.468  -9.660  1.00 13.07 ? 47  HIS A CA  1 
ATOM   385 C C   . HIS A 1 47 ? -1.548  -7.854  -9.149  1.00 13.66 ? 47  HIS A C   1 
ATOM   386 O O   . HIS A 1 47 ? -1.467  -8.267  -7.981  1.00 14.37 ? 47  HIS A O   1 
ATOM   387 C CB  . HIS A 1 47 ? -3.942  -8.538  -9.224  1.00 13.90 ? 47  HIS A CB  1 
ATOM   388 C CG  . HIS A 1 47 ? -5.312  -8.294  -9.767  1.00 14.22 ? 47  HIS A CG  1 
ATOM   389 N ND1 . HIS A 1 47 ? -5.991  -7.118  -9.556  1.00 15.45 ? 47  HIS A ND1 1 
ATOM   390 C CD2 . HIS A 1 47 ? -6.122  -9.075  -10.514 1.00 14.58 ? 47  HIS A CD2 1 
ATOM   391 C CE1 . HIS A 1 47 ? -7.174  -7.176  -10.156 1.00 16.14 ? 47  HIS A CE1 1 
ATOM   392 N NE2 . HIS A 1 47 ? -7.266  -8.363  -10.750 1.00 16.13 ? 47  HIS A NE2 1 
ATOM   393 N N   . ARG A 1 48 ? -0.491  -7.714  -9.905  1.00 13.49 ? 48  ARG A N   1 
ATOM   394 C CA  . ARG A 1 48 ? 0.847   -8.047  -9.413  1.00 14.17 ? 48  ARG A CA  1 
ATOM   395 C C   . ARG A 1 48 ? 1.317   -6.996  -8.418  1.00 15.86 ? 48  ARG A C   1 
ATOM   396 O O   . ARG A 1 48 ? 0.944   -5.817  -8.530  1.00 15.15 ? 48  ARG A O   1 
ATOM   397 C CB  . ARG A 1 48 ? 1.844   -8.152  -10.571 1.00 16.19 ? 48  ARG A CB  1 
ATOM   398 C CG  . ARG A 1 48 ? 1.578   -9.383  -11.454 1.00 21.74 ? 48  ARG A CG  1 
ATOM   399 C CD  . ARG A 1 48 ? 2.675   -9.467  -12.530 1.00 27.15 ? 48  ARG A CD  1 
ATOM   400 N NE  . ARG A 1 48 ? 3.908   -9.975  -11.956 1.00 33.45 ? 48  ARG A NE  1 
ATOM   401 C CZ  . ARG A 1 48 ? 5.110   -9.926  -12.501 1.00 35.53 ? 48  ARG A CZ  1 
ATOM   402 N NH1 . ARG A 1 48 ? 5.304   -9.375  -13.689 1.00 37.75 ? 48  ARG A NH1 1 
ATOM   403 N NH2 . ARG A 1 48 ? 6.153   -10.442 -11.844 1.00 37.26 ? 48  ARG A NH2 1 
ATOM   404 N N   . CYS A 1 49 ? 2.155   -7.389  -7.483  1.00 14.67 ? 49  CYS A N   1 
ATOM   405 C CA  . CYS A 1 49 ? 2.750   -6.425  -6.544  1.00 14.02 ? 49  CYS A CA  1 
ATOM   406 C C   . CYS A 1 49 ? 4.138   -6.903  -6.167  1.00 16.59 ? 49  CYS A C   1 
ATOM   407 O O   . CYS A 1 49 ? 4.592   -7.940  -6.713  1.00 17.70 ? 49  CYS A O   1 
ATOM   408 C CB  . CYS A 1 49 ? 1.859   -6.212  -5.336  1.00 14.60 ? 49  CYS A CB  1 
ATOM   409 S SG  . CYS A 1 49 ? 1.587   -7.702  -4.343  1.00 13.58 ? 49  CYS A SG  1 
ATOM   410 N N   . GLY A 1 50 ? 4.806   -6.208  -5.278  1.00 16.32 ? 50  GLY A N   1 
ATOM   411 C CA  . GLY A 1 50 ? 6.138   -6.631  -4.838  1.00 18.12 ? 50  GLY A CA  1 
ATOM   412 C C   . GLY A 1 50 ? 7.222   -5.916  -5.633  1.00 20.85 ? 50  GLY A C   1 
ATOM   413 O O   . GLY A 1 50 ? 6.980   -5.148  -6.552  1.00 21.47 ? 50  GLY A O   1 
ATOM   414 N N   . ALA A 1 51 ? 8.471   -6.288  -5.329  1.00 23.34 ? 51  ALA A N   1 
ATOM   415 C CA  . ALA A 1 51 ? 9.641   -5.620  -5.837  1.00 26.04 ? 51  ALA A CA  1 
ATOM   416 C C   . ALA A 1 51 ? 9.846   -5.716  -7.323  1.00 27.16 ? 51  ALA A C   1 
ATOM   417 O O   . ALA A 1 51 ? 10.361  -4.763  -7.944  1.00 29.51 ? 51  ALA A O   1 
ATOM   418 C CB  . ALA A 1 51 ? 10.886  -6.144  -5.089  1.00 27.39 ? 51  ALA A CB  1 
ATOM   419 N N   . ALA A 1 52 ? 9.461   -6.814  -7.953  1.00 29.21 ? 52  ALA A N   1 
ATOM   420 C CA  . ALA A 1 52 ? 9.683   -7.013  -9.374  1.00 30.20 ? 52  ALA A CA  1 
ATOM   421 C C   . ALA A 1 52 ? 8.908   -6.047  -10.246 1.00 30.84 ? 52  ALA A C   1 
ATOM   422 O O   . ALA A 1 52 ? 9.277   -5.827  -11.411 1.00 32.25 ? 52  ALA A O   1 
ATOM   423 C CB  . ALA A 1 52 ? 9.381   -8.449  -9.769  1.00 33.09 ? 52  ALA A CB  1 
ATOM   424 N N   . VAL A 1 53 ? 7.806   -5.500  -9.733  1.00 28.71 ? 53  VAL A N   1 
ATOM   425 C CA  . VAL A 1 53 ? 7.010   -4.548  -10.510 1.00 26.18 ? 53  VAL A CA  1 
ATOM   426 C C   . VAL A 1 53 ? 7.002   -3.178  -9.850  1.00 25.00 ? 53  VAL A C   1 
ATOM   427 O O   . VAL A 1 53 ? 6.095   -2.367  -10.046 1.00 24.56 ? 53  VAL A O   1 
ATOM   428 C CB  . VAL A 1 53 ? 5.595   -5.045  -10.765 1.00 25.15 ? 53  VAL A CB  1 
ATOM   429 C CG1 . VAL A 1 53 ? 5.587   -6.201  -11.773 1.00 26.52 ? 53  VAL A CG1 1 
ATOM   430 C CG2 . VAL A 1 53 ? 4.945   -5.510  -9.458  1.00 22.44 ? 53  VAL A CG2 1 
ATOM   431 N N   . GLY A 1 54 ? 8.009   -2.911  -9.021  1.00 23.89 ? 54  GLY A N   1 
ATOM   432 C CA  . GLY A 1 54 ? 8.218   -1.625  -8.416  1.00 23.95 ? 54  GLY A CA  1 
ATOM   433 C C   . GLY A 1 54 ? 7.355   -1.285  -7.231  1.00 23.40 ? 54  GLY A C   1 
ATOM   434 O O   . GLY A 1 54 ? 7.061   -0.097  -6.980  1.00 23.79 ? 54  GLY A O   1 
ATOM   435 N N   . ASN A 1 55 ? 6.958   -2.267  -6.439  1.00 21.36 ? 55  ASN A N   1 
ATOM   436 C CA  . ASN A 1 55 ? 6.191   -2.088  -5.233  1.00 19.27 ? 55  ASN A CA  1 
ATOM   437 C C   . ASN A 1 55 ? 4.963   -1.212  -5.379  1.00 18.15 ? 55  ASN A C   1 
ATOM   438 O O   . ASN A 1 55 ? 4.743   -0.273  -4.591  1.00 18.32 ? 55  ASN A O   1 
ATOM   439 C CB  . ASN A 1 55 ? 7.092   -1.518  -4.115  1.00 21.82 ? 55  ASN A CB  1 
ATOM   440 C CG  . ASN A 1 55 ? 8.136   -2.517  -3.657  1.00 26.16 ? 55  ASN A CG  1 
ATOM   441 O OD1 . ASN A 1 55 ? 7.916   -3.721  -3.633  1.00 26.45 ? 55  ASN A OD1 1 
ATOM   442 N ND2 . ASN A 1 55 ? 9.296   -1.986  -3.269  1.00 29.80 ? 55  ASN A ND2 1 
ATOM   443 N N   . PRO A 1 56 ? 4.064   -1.564  -6.271  1.00 14.99 ? 56  PRO A N   1 
ATOM   444 C CA  . PRO A 1 56 ? 2.817   -0.814  -6.444  1.00 13.73 ? 56  PRO A CA  1 
ATOM   445 C C   . PRO A 1 56 ? 1.876   -1.066  -5.300  1.00 14.07 ? 56  PRO A C   1 
ATOM   446 O O   . PRO A 1 56 ? 1.967   -2.080  -4.580  1.00 15.11 ? 56  PRO A O   1 
ATOM   447 C CB  . PRO A 1 56 ? 2.276   -1.357  -7.756  1.00 14.47 ? 56  PRO A CB  1 
ATOM   448 C CG  . PRO A 1 56 ? 2.731   -2.809  -7.732  1.00 15.83 ? 56  PRO A CG  1 
ATOM   449 C CD  . PRO A 1 56 ? 4.136   -2.735  -7.179  1.00 15.95 ? 56  PRO A CD  1 
ATOM   450 N N   . PRO A 1 57 ? 0.865   -0.228  -5.113  1.00 11.98 ? 57  PRO A N   1 
ATOM   451 C CA  . PRO A 1 57 ? -0.147  -0.416  -4.115  1.00 12.65 ? 57  PRO A CA  1 
ATOM   452 C C   . PRO A 1 57 ? -1.156  -1.504  -4.467  1.00 12.11 ? 57  PRO A C   1 
ATOM   453 O O   . PRO A 1 57 ? -1.172  -1.995  -5.610  1.00 13.60 ? 57  PRO A O   1 
ATOM   454 C CB  . PRO A 1 57 ? -0.875  0.951   -4.075  1.00 12.88 ? 57  PRO A CB  1 
ATOM   455 C CG  . PRO A 1 57 ? -0.714  1.458   -5.478  1.00 12.77 ? 57  PRO A CG  1 
ATOM   456 C CD  . PRO A 1 57 ? 0.665   1.028   -5.901  1.00 14.56 ? 57  PRO A CD  1 
ATOM   457 N N   . CYS A 1 58 ? -2.027  -1.816  -3.532  1.00 11.80 ? 58  CYS A N   1 
ATOM   458 C CA  . CYS A 1 58 ? -3.193  -2.657  -3.780  1.00 12.36 ? 58  CYS A CA  1 
ATOM   459 C C   . CYS A 1 58 ? -4.454  -1.837  -3.464  1.00 13.05 ? 58  CYS A C   1 
ATOM   460 O O   . CYS A 1 58 ? -4.332  -0.785  -2.796  1.00 12.47 ? 58  CYS A O   1 
ATOM   461 C CB  . CYS A 1 58 ? -3.198  -3.927  -2.953  1.00 12.38 ? 58  CYS A CB  1 
ATOM   462 S SG  . CYS A 1 58 ? -1.777  -5.032  -3.173  1.00 12.44 ? 58  CYS A SG  1 
ATOM   463 N N   . GLY A 1 59 ? -5.592  -2.261  -3.949  1.00 13.40 ? 59  GLY A N   1 
ATOM   464 C CA  . GLY A 1 59 ? -6.836  -1.557  -3.720  1.00 13.37 ? 59  GLY A CA  1 
ATOM   465 C C   . GLY A 1 59 ? -7.345  -1.689  -2.304  1.00 15.29 ? 59  GLY A C   1 
ATOM   466 O O   . GLY A 1 59 ? -6.684  -2.253  -1.423  1.00 15.41 ? 59  GLY A O   1 
ATOM   467 N N   . GLN A 1 60 ? -8.548  -1.179  -2.052  1.00 15.49 ? 60  GLN A N   1 
ATOM   468 C CA  . GLN A 1 60 ? -9.160  -1.175  -0.750  1.00 16.65 ? 60  GLN A CA  1 
ATOM   469 C C   . GLN A 1 60 ? -9.368  -2.569  -0.181  1.00 17.24 ? 60  GLN A C   1 
ATOM   470 O O   . GLN A 1 60 ? -9.892  -3.440  -0.888  1.00 17.93 ? 60  GLN A O   1 
ATOM   471 C CB  . GLN A 1 60 ? -10.519 -0.435  -0.815  1.00 21.03 ? 60  GLN A CB  1 
ATOM   472 C CG  . GLN A 1 60 ? -11.148 -0.181  0.523   1.00 24.12 ? 60  GLN A CG  1 
ATOM   473 C CD  . GLN A 1 60 ? -12.368 0.724   0.468   1.00 26.24 ? 60  GLN A CD  1 
ATOM   474 O OE1 . GLN A 1 60 ? -12.802 1.159   -0.592  1.00 28.53 ? 60  GLN A OE1 1 
ATOM   475 N NE2 . GLN A 1 60 ? -12.909 1.029   1.646   1.00 30.08 ? 60  GLN A NE2 1 
ATOM   476 N N   . ASP A 1 61 ? -8.926  -2.790  1.041   1.00 17.93 ? 61  ASP A N   1 
ATOM   477 C CA  . ASP A 1 61 ? -9.098  -4.051  1.736   1.00 20.04 ? 61  ASP A CA  1 
ATOM   478 C C   . ASP A 1 61 ? -8.389  -5.201  1.047   1.00 20.73 ? 61  ASP A C   1 
ATOM   479 O O   . ASP A 1 61 ? -8.769  -6.372  1.120   1.00 21.72 ? 61  ASP A O   1 
ATOM   480 C CB  . ASP A 1 61 ? -10.564 -4.355  2.002   1.00 24.31 ? 61  ASP A CB  1 
ATOM   481 C CG  . ASP A 1 61 ? -11.154 -3.423  3.065   1.00 27.72 ? 61  ASP A CG  1 
ATOM   482 O OD1 . ASP A 1 61 ? -10.527 -3.272  4.130   1.00 33.16 ? 61  ASP A OD1 1 
ATOM   483 O OD2 . ASP A 1 61 ? -12.238 -2.879  2.801   1.00 32.19 ? 61  ASP A OD2 1 
ATOM   484 N N   . ARG A 1 62 ? -7.322  -4.853  0.335   1.00 18.60 ? 62  ARG A N   1 
ATOM   485 C CA  . ARG A 1 62 ? -6.469  -5.842  -0.322  1.00 16.85 ? 62  ARG A CA  1 
ATOM   486 C C   . ARG A 1 62 ? -5.045  -5.672  0.128   1.00 15.70 ? 62  ARG A C   1 
ATOM   487 O O   . ARG A 1 62 ? -4.622  -4.553  0.503   1.00 17.28 ? 62  ARG A O   1 
ATOM   488 C CB  . ARG A 1 62 ? -6.609  -5.691  -1.847  1.00 15.52 ? 62  ARG A CB  1 
ATOM   489 C CG  . ARG A 1 62 ? -8.037  -6.000  -2.324  1.00 16.78 ? 62  ARG A CG  1 
ATOM   490 C CD  . ARG A 1 62 ? -8.315  -5.504  -3.711  1.00 17.30 ? 62  ARG A CD  1 
ATOM   491 N NE  . ARG A 1 62 ? -7.509  -6.069  -4.755  1.00 15.85 ? 62  ARG A NE  1 
ATOM   492 C CZ  . ARG A 1 62 ? -7.704  -7.249  -5.358  1.00 16.22 ? 62  ARG A CZ  1 
ATOM   493 N NH1 . ARG A 1 62 ? -8.720  -8.016  -4.976  1.00 19.33 ? 62  ARG A NH1 1 
ATOM   494 N NH2 . ARG A 1 62 ? -6.908  -7.623  -6.341  1.00 17.20 ? 62  ARG A NH2 1 
ATOM   495 N N   . CYS A 1 63 ? -4.250  -6.722  0.152   1.00 14.67 ? 63  CYS A N   1 
ATOM   496 C CA  . CYS A 1 63 ? -2.887  -6.709  0.607   1.00 14.75 ? 63  CYS A CA  1 
ATOM   497 C C   . CYS A 1 63 ? -1.971  -7.362  -0.414  1.00 12.67 ? 63  CYS A C   1 
ATOM   498 O O   . CYS A 1 63 ? -2.476  -8.148  -1.255  1.00 13.29 ? 63  CYS A O   1 
ATOM   499 C CB  . CYS A 1 63 ? -2.739  -7.514  1.928   1.00 16.49 ? 63  CYS A CB  1 
ATOM   500 S SG  . CYS A 1 63 ? -4.017  -7.121  3.138   1.00 16.96 ? 63  CYS A SG  1 
ATOM   501 N N   . CYS A 1 64 ? -0.705  -7.096  -0.343  1.00 12.88 ? 64  CYS A N   1 
ATOM   502 C CA  . CYS A 1 64 ? 0.275   -7.694  -1.236  1.00 12.83 ? 64  CYS A CA  1 
ATOM   503 C C   . CYS A 1 64 ? 0.884   -8.943  -0.591  1.00 15.34 ? 64  CYS A C   1 
ATOM   504 O O   . CYS A 1 64 ? 1.582   -8.831  0.423   1.00 15.86 ? 64  CYS A O   1 
ATOM   505 C CB  . CYS A 1 64 ? 1.382   -6.663  -1.528  1.00 14.85 ? 64  CYS A CB  1 
ATOM   506 S SG  . CYS A 1 64 ? 2.633   -7.362  -2.649  1.00 13.42 ? 64  CYS A SG  1 
ATOM   507 N N   . SER A 1 65 ? 0.573   -10.103 -1.144  1.00 14.67 ? 65  SER A N   1 
ATOM   508 C CA  . SER A 1 65 ? 1.069   -11.369 -0.561  1.00 16.00 ? 65  SER A CA  1 
ATOM   509 C C   . SER A 1 65 ? 2.546   -11.545 -0.821  1.00 16.63 ? 65  SER A C   1 
ATOM   510 O O   . SER A 1 65 ? 3.153   -10.945 -1.682  1.00 15.54 ? 65  SER A O   1 
ATOM   511 C CB  . SER A 1 65 ? 0.281   -12.548 -1.175  1.00 16.86 ? 65  SER A CB  1 
ATOM   512 O OG  . SER A 1 65 ? 0.884   -12.892 -2.414  1.00 17.06 ? 65  SER A OG  1 
ATOM   513 N N   . VAL A 1 66 ? 3.150   -12.493 -0.033  1.00 18.72 ? 66  VAL A N   1 
ATOM   514 C CA  . VAL A 1 66 ? 4.546   -12.815 -0.232  1.00 19.62 ? 66  VAL A CA  1 
ATOM   515 C C   . VAL A 1 66 ? 4.818   -13.464 -1.584  1.00 19.10 ? 66  VAL A C   1 
ATOM   516 O O   . VAL A 1 66 ? 5.965   -13.497 -2.022  1.00 22.45 ? 66  VAL A O   1 
ATOM   517 C CB  . VAL A 1 66 ? 5.119   -13.725 0.870   1.00 18.76 ? 66  VAL A CB  1 
ATOM   518 C CG1 . VAL A 1 66 ? 5.166   -12.981 2.193   1.00 20.22 ? 66  VAL A CG1 1 
ATOM   519 C CG2 . VAL A 1 66 ? 4.316   -15.009 0.994   1.00 20.88 ? 66  VAL A CG2 1 
ATOM   520 N N   . HIS A 1 67 ? 3.750   -13.888 -2.268  1.00 17.59 ? 67  HIS A N   1 
ATOM   521 C CA  . HIS A 1 67 ? 3.920   -14.489 -3.590  1.00 19.57 ? 67  HIS A CA  1 
ATOM   522 C C   . HIS A 1 67 ? 3.859   -13.462 -4.705  1.00 20.01 ? 67  HIS A C   1 
ATOM   523 O O   . HIS A 1 67 ? 4.038   -13.796 -5.879  1.00 21.59 ? 67  HIS A O   1 
ATOM   524 C CB  . HIS A 1 67 ? 2.903   -15.610 -3.815  1.00 19.55 ? 67  HIS A CB  1 
ATOM   525 C CG  . HIS A 1 67 ? 2.921   -16.608 -2.683  1.00 19.66 ? 67  HIS A CG  1 
ATOM   526 N ND1 . HIS A 1 67 ? 3.968   -17.486 -2.487  1.00 24.79 ? 67  HIS A ND1 1 
ATOM   527 C CD2 . HIS A 1 67 ? 2.050   -16.806 -1.682  1.00 20.78 ? 67  HIS A CD2 1 
ATOM   528 C CE1 . HIS A 1 67 ? 3.715   -18.209 -1.407  1.00 21.81 ? 67  HIS A CE1 1 
ATOM   529 N NE2 . HIS A 1 67 ? 2.561   -17.836 -0.905  1.00 23.01 ? 67  HIS A NE2 1 
ATOM   530 N N   . GLY A 1 68 ? 3.548   -12.210 -4.362  1.00 18.21 ? 68  GLY A N   1 
ATOM   531 C CA  . GLY A 1 68 ? 3.597   -11.119 -5.322  1.00 17.97 ? 68  GLY A CA  1 
ATOM   532 C C   . GLY A 1 68 ? 2.264   -10.786 -5.973  1.00 13.37 ? 68  GLY A C   1 
ATOM   533 O O   . GLY A 1 68 ? 2.290   -10.320 -7.138  1.00 15.56 ? 68  GLY A O   1 
ATOM   534 N N   . TRP A 1 69 ? 1.163   -10.999 -5.304  1.00 12.34 ? 69  TRP A N   1 
ATOM   535 C CA  . TRP A 1 69 ? -0.144  -10.645 -5.863  1.00 12.62 ? 69  TRP A CA  1 
ATOM   536 C C   . TRP A 1 69 ? -0.984  -9.923  -4.825  1.00 13.75 ? 69  TRP A C   1 
ATOM   537 O O   . TRP A 1 69 ? -0.920  -10.184 -3.629  1.00 13.58 ? 69  TRP A O   1 
ATOM   538 C CB  . TRP A 1 69 ? -0.894  -11.911 -6.312  1.00 16.11 ? 69  TRP A CB  1 
ATOM   539 C CG  . TRP A 1 69 ? -0.142  -12.746 -7.308  1.00 18.96 ? 69  TRP A CG  1 
ATOM   540 C CD1 . TRP A 1 69 ? 0.733   -13.772 -7.016  1.00 18.72 ? 69  TRP A CD1 1 
ATOM   541 C CD2 . TRP A 1 69 ? -0.167  -12.638 -8.727  1.00 20.84 ? 69  TRP A CD2 1 
ATOM   542 N NE1 . TRP A 1 69 ? 1.231   -14.294 -8.172  1.00 21.95 ? 69  TRP A NE1 1 
ATOM   543 C CE2 . TRP A 1 69 ? 0.695   -13.618 -9.247  1.00 19.50 ? 69  TRP A CE2 1 
ATOM   544 C CE3 . TRP A 1 69 ? -0.846  -11.796 -9.615  1.00 20.51 ? 69  TRP A CE3 1 
ATOM   545 C CZ2 . TRP A 1 69 ? 0.910   -13.789 -10.609 1.00 22.79 ? 69  TRP A CZ2 1 
ATOM   546 C CZ3 . TRP A 1 69 ? -0.628  -11.954 -10.972 1.00 22.68 ? 69  TRP A CZ3 1 
ATOM   547 C CH2 . TRP A 1 69 ? 0.238   -12.950 -11.458 1.00 23.67 ? 69  TRP A CH2 1 
ATOM   548 N N   . CYS A 1 70 ? -1.779  -8.945  -5.291  1.00 13.10 ? 70  CYS A N   1 
ATOM   549 C CA  . CYS A 1 70 ? -2.737  -8.270  -4.436  1.00 13.78 ? 70  CYS A CA  1 
ATOM   550 C C   . CYS A 1 70 ? -4.001  -9.127  -4.306  1.00 13.92 ? 70  CYS A C   1 
ATOM   551 O O   . CYS A 1 70 ? -4.432  -9.711  -5.328  1.00 15.28 ? 70  CYS A O   1 
ATOM   552 C CB  . CYS A 1 70 ? -3.161  -6.925  -5.073  1.00 14.26 ? 70  CYS A CB  1 
ATOM   553 S SG  . CYS A 1 70 ? -1.939  -5.632  -5.118  1.00 12.08 ? 70  CYS A SG  1 
ATOM   554 N N   . GLY A 1 71 ? -4.667  -9.093  -3.178  1.00 14.37 ? 71  GLY A N   1 
ATOM   555 C CA  . GLY A 1 71 ? -5.950  -9.774  -3.024  1.00 15.37 ? 71  GLY A CA  1 
ATOM   556 C C   . GLY A 1 71 ? -6.474  -9.565  -1.604  1.00 18.20 ? 71  GLY A C   1 
ATOM   557 O O   . GLY A 1 71 ? -5.775  -9.032  -0.758  1.00 16.44 ? 71  GLY A O   1 
ATOM   558 N N   . GLY A 1 72 ? -7.692  -10.054 -1.374  1.00 19.67 ? 72  GLY A N   1 
ATOM   559 C CA  . GLY A 1 72 ? -8.287  -9.889  -0.039  1.00 22.41 ? 72  GLY A CA  1 
ATOM   560 C C   . GLY A 1 72 ? -8.308  -11.213 0.712   1.00 24.30 ? 72  GLY A C   1 
ATOM   561 O O   . GLY A 1 72 ? -8.243  -12.284 0.112   1.00 26.21 ? 72  GLY A O   1 
ATOM   562 N N   . GLY A 1 73 ? -8.362  -11.123 2.040   1.00 25.36 ? 73  GLY A N   1 
ATOM   563 C CA  . GLY A 1 73 ? -8.478  -12.299 2.880   1.00 26.44 ? 73  GLY A CA  1 
ATOM   564 C C   . GLY A 1 73 ? -7.159  -12.781 3.447   1.00 27.24 ? 73  GLY A C   1 
ATOM   565 O O   . GLY A 1 73 ? -6.079  -12.309 3.115   1.00 26.15 ? 73  GLY A O   1 
ATOM   566 N N   . ASN A 1 74 ? -7.241  -13.823 4.281   1.00 27.53 ? 74  ASN A N   1 
ATOM   567 C CA  . ASN A 1 74 ? -6.122  -14.377 4.995   1.00 27.66 ? 74  ASN A CA  1 
ATOM   568 C C   . ASN A 1 74 ? -4.937  -14.764 4.144   1.00 25.55 ? 74  ASN A C   1 
ATOM   569 O O   . ASN A 1 74 ? -3.780  -14.648 4.585   1.00 26.18 ? 74  ASN A O   1 
ATOM   570 C CB  . ASN A 1 74 ? -6.616  -15.620 5.786   1.00 32.27 ? 74  ASN A CB  1 
ATOM   571 C CG  A ASN A 1 74 ? -5.508  -16.379 6.463   0.50 33.40 ? 74  ASN A CG  1 
ATOM   572 C CG  B ASN A 1 74 ? -7.703  -15.250 6.773   0.50 34.22 ? 74  ASN A CG  1 
ATOM   573 O OD1 A ASN A 1 74 ? -5.070  -17.431 5.983   0.50 35.56 ? 74  ASN A OD1 1 
ATOM   574 O OD1 B ASN A 1 74 ? -7.534  -14.344 7.589   0.50 36.46 ? 74  ASN A OD1 1 
ATOM   575 N ND2 A ASN A 1 74 ? -5.040  -15.882 7.604   0.50 34.86 ? 74  ASN A ND2 1 
ATOM   576 N ND2 B ASN A 1 74 ? -8.827  -15.954 6.713   0.50 36.27 ? 74  ASN A ND2 1 
ATOM   577 N N   . ASP A 1 75 ? -5.180  -15.323 2.956   1.00 25.87 ? 75  ASP A N   1 
ATOM   578 C CA  . ASP A 1 75 ? -4.101  -15.790 2.110   1.00 25.73 ? 75  ASP A CA  1 
ATOM   579 C C   . ASP A 1 75 ? -3.206  -14.683 1.592   1.00 23.25 ? 75  ASP A C   1 
ATOM   580 O O   . ASP A 1 75 ? -2.052  -14.921 1.226   1.00 22.95 ? 75  ASP A O   1 
ATOM   581 C CB  . ASP A 1 75 ? -4.647  -16.623 0.942   1.00 31.03 ? 75  ASP A CB  1 
ATOM   582 C CG  . ASP A 1 75 ? -3.972  -17.997 0.928   1.00 37.03 ? 75  ASP A CG  1 
ATOM   583 O OD1 . ASP A 1 75 ? -4.426  -18.865 1.704   1.00 40.33 ? 75  ASP A OD1 1 
ATOM   584 O OD2 . ASP A 1 75 ? -2.999  -18.164 0.178   1.00 39.88 ? 75  ASP A OD2 1 
ATOM   585 N N   . TYR A 1 76 ? -3.705  -13.442 1.609   1.00 21.83 ? 76  TYR A N   1 
ATOM   586 C CA  . TYR A 1 76 ? -2.917  -12.304 1.167   1.00 20.29 ? 76  TYR A CA  1 
ATOM   587 C C   . TYR A 1 76 ? -2.506  -11.396 2.330   1.00 20.48 ? 76  TYR A C   1 
ATOM   588 O O   . TYR A 1 76 ? -1.493  -10.719 2.255   1.00 20.48 ? 76  TYR A O   1 
ATOM   589 C CB  . TYR A 1 76 ? -3.757  -11.447 0.188   1.00 18.44 ? 76  TYR A CB  1 
ATOM   590 C CG  . TYR A 1 76 ? -4.102  -12.132 -1.109  1.00 15.85 ? 76  TYR A CG  1 
ATOM   591 C CD1 . TYR A 1 76 ? -5.200  -12.976 -1.192  1.00 16.59 ? 76  TYR A CD1 1 
ATOM   592 C CD2 . TYR A 1 76 ? -3.332  -11.934 -2.249  1.00 14.97 ? 76  TYR A CD2 1 
ATOM   593 C CE1 . TYR A 1 76 ? -5.518  -13.617 -2.376  1.00 16.24 ? 76  TYR A CE1 1 
ATOM   594 C CE2 . TYR A 1 76 ? -3.654  -12.561 -3.443  1.00 14.15 ? 76  TYR A CE2 1 
ATOM   595 C CZ  . TYR A 1 76 ? -4.724  -13.422 -3.484  1.00 15.60 ? 76  TYR A CZ  1 
ATOM   596 O OH  . TYR A 1 76 ? -5.069  -14.035 -4.671  1.00 17.09 ? 76  TYR A OH  1 
ATOM   597 N N   . CYS A 1 77 ? -3.335  -11.360 3.367   1.00 22.81 ? 77  CYS A N   1 
ATOM   598 C CA  . CYS A 1 77 ? -3.239  -10.351 4.397   1.00 23.23 ? 77  CYS A CA  1 
ATOM   599 C C   . CYS A 1 77 ? -2.715  -10.775 5.741   1.00 27.50 ? 77  CYS A C   1 
ATOM   600 O O   . CYS A 1 77 ? -2.352  -9.886  6.551   1.00 27.57 ? 77  CYS A O   1 
ATOM   601 C CB  . CYS A 1 77 ? -4.644  -9.712  4.587   1.00 21.70 ? 77  CYS A CB  1 
ATOM   602 S SG  . CYS A 1 77 ? -5.201  -8.781  3.127   1.00 19.69 ? 77  CYS A SG  1 
ATOM   603 N N   . SER A 1 78 ? -2.643  -12.061 6.050   1.00 29.47 ? 78  SER A N   1 
ATOM   604 C CA  . SER A 1 78 ? -2.287  -12.520 7.383   1.00 32.50 ? 78  SER A CA  1 
ATOM   605 C C   . SER A 1 78 ? -0.810  -12.771 7.592   1.00 33.17 ? 78  SER A C   1 
ATOM   606 O O   . SER A 1 78 ? -0.126  -13.327 6.701   1.00 35.05 ? 78  SER A O   1 
ATOM   607 C CB  . SER A 1 78 ? -3.118  -13.769 7.737   1.00 35.08 ? 78  SER A CB  1 
ATOM   608 O OG  . SER A 1 78 ? -4.507  -13.473 7.680   1.00 38.49 ? 78  SER A OG  1 
ATOM   609 N N   A GLY A 1 79 ? -0.250  -12.253 8.681   0.56 32.73 ? 79  GLY A N   1 
ATOM   610 N N   B GLY A 1 79 ? -0.348  -12.637 8.821   0.44 33.24 ? 79  GLY A N   1 
ATOM   611 C CA  A GLY A 1 79 ? 1.120   -12.365 9.040   0.56 32.16 ? 79  GLY A CA  1 
ATOM   612 C CA  B GLY A 1 79 ? 1.014   -12.886 9.206   0.44 32.77 ? 79  GLY A CA  1 
ATOM   613 C C   A GLY A 1 79 ? 2.073   -12.864 7.976   0.56 32.04 ? 79  GLY A C   1 
ATOM   614 C C   B GLY A 1 79 ? 1.679   -14.000 8.418   0.44 32.18 ? 79  GLY A C   1 
ATOM   615 O O   A GLY A 1 79 ? 2.508   -12.104 7.109   0.56 32.01 ? 79  GLY A O   1 
ATOM   616 O O   B GLY A 1 79 ? 1.187   -15.126 8.360   0.44 32.81 ? 79  GLY A O   1 
ATOM   617 N N   A GLY A 1 80 ? 2.832   -13.691 7.826   0.44 31.90 ? 80  GLY A N   1 
ATOM   618 C CA  A GLY A 1 80 ? 3.571   -14.656 7.033   0.44 30.90 ? 80  GLY A CA  1 
ATOM   619 C C   A GLY A 1 80 ? 3.083   -14.693 5.589   0.44 29.74 ? 80  GLY A C   1 
ATOM   620 O O   A GLY A 1 80 ? 3.894   -14.839 4.671   0.44 31.09 ? 80  GLY A O   1 
ATOM   621 N N   B SER A 1 80 ? 2.423   -14.143 8.048   0.56 31.46 ? 80  SER A N   1 
ATOM   622 C CA  B SER A 1 80 ? 3.394   -14.754 7.177   0.56 31.14 ? 80  SER A CA  1 
ATOM   623 C C   B SER A 1 80 ? 2.921   -14.922 5.744   0.56 30.28 ? 80  SER A C   1 
ATOM   624 O O   B SER A 1 80 ? 3.661   -15.469 4.911   0.56 30.92 ? 80  SER A O   1 
ATOM   625 C CB  B SER A 1 80 ? 3.814   -16.131 7.738   0.56 32.24 ? 80  SER A CB  1 
ATOM   626 O OG  B SER A 1 80 ? 2.666   -16.904 8.052   0.56 33.96 ? 80  SER A OG  1 
ATOM   627 N N   A ASN A 1 81 ? 1.776   -14.590 5.393   0.44 28.30 ? 81  ASN A N   1 
ATOM   628 C CA  A ASN A 1 81 ? 1.201   -14.626 4.054   0.44 26.39 ? 81  ASN A CA  1 
ATOM   629 C C   A ASN A 1 81 ? 1.357   -13.281 3.343   0.44 24.18 ? 81  ASN A C   1 
ATOM   630 O O   A ASN A 1 81 ? 1.201   -13.204 2.126   0.44 23.07 ? 81  ASN A O   1 
ATOM   631 C CB  A ASN A 1 81 ? -0.298  -14.962 4.134   0.44 27.87 ? 81  ASN A CB  1 
ATOM   632 C CG  A ASN A 1 81 ? -0.557  -16.442 4.331   0.44 29.21 ? 81  ASN A CG  1 
ATOM   633 O OD1 A ASN A 1 81 ? 0.299   -17.268 4.028   0.44 28.74 ? 81  ASN A OD1 1 
ATOM   634 N ND2 A ASN A 1 81 ? -1.740  -16.767 4.832   0.44 30.49 ? 81  ASN A ND2 1 
ATOM   635 N N   B LYS A 1 81 ? 1.696   -14.514 5.455   0.56 29.23 ? 81  LYS A N   1 
ATOM   636 C CA  B LYS A 1 81 ? 1.162   -14.620 4.092   0.56 28.16 ? 81  LYS A CA  1 
ATOM   637 C C   B LYS A 1 81 ? 1.354   -13.295 3.349   0.56 26.65 ? 81  LYS A C   1 
ATOM   638 O O   B LYS A 1 81 ? 1.615   -13.279 2.147   0.56 24.90 ? 81  LYS A O   1 
ATOM   639 C CB  B LYS A 1 81 ? -0.307  -15.001 4.114   0.56 29.85 ? 81  LYS A CB  1 
ATOM   640 C CG  B LYS A 1 81 ? -0.607  -16.411 4.601   0.56 32.07 ? 81  LYS A CG  1 
ATOM   641 C CD  B LYS A 1 81 ? -2.108  -16.590 4.825   0.56 33.72 ? 81  LYS A CD  1 
ATOM   642 C CE  B LYS A 1 81 ? -2.393  -17.889 5.560   0.56 35.00 ? 81  LYS A CE  1 
ATOM   643 N NZ  B LYS A 1 81 ? -3.809  -17.976 6.007   0.56 35.39 ? 81  LYS A NZ  1 
ATOM   644 N N   . CYS A 1 82 ? 1.661   -12.240 4.102   1.00 22.45 ? 82  CYS A N   1 
ATOM   645 C CA  . CYS A 1 82 ? 1.609   -10.870 3.577   1.00 21.45 ? 82  CYS A CA  1 
ATOM   646 C C   . CYS A 1 82 ? 2.928   -10.153 3.593   1.00 22.09 ? 82  CYS A C   1 
ATOM   647 O O   . CYS A 1 82 ? 3.652   -10.182 4.609   1.00 22.87 ? 82  CYS A O   1 
ATOM   648 C CB  . CYS A 1 82 ? 0.590   -10.092 4.447   1.00 18.44 ? 82  CYS A CB  1 
ATOM   649 S SG  . CYS A 1 82 ? 0.345   -8.398  3.851   1.00 17.39 ? 82  CYS A SG  1 
ATOM   650 N N   . GLN A 1 83 ? 3.279   -9.437  2.517   1.00 20.84 ? 83  GLN A N   1 
ATOM   651 C CA  . GLN A 1 83 ? 4.509   -8.691  2.459   1.00 20.12 ? 83  GLN A CA  1 
ATOM   652 C C   . GLN A 1 83 ? 4.337   -7.210  2.754   1.00 20.04 ? 83  GLN A C   1 
ATOM   653 O O   . GLN A 1 83 ? 5.225   -6.612  3.387   1.00 21.43 ? 83  GLN A O   1 
ATOM   654 C CB  . GLN A 1 83 ? 5.345   -8.926  1.238   1.00 22.18 ? 83  GLN A CB  1 
ATOM   655 C CG  . GLN A 1 83 ? 4.831   -8.472  -0.099  1.00 23.67 ? 83  GLN A CG  1 
ATOM   656 C CD  . GLN A 1 83 ? 5.867   -8.614  -1.200  1.00 22.91 ? 83  GLN A CD  1 
ATOM   657 O OE1 . GLN A 1 83 ? 6.916   -7.961  -1.173  1.00 26.53 ? 83  GLN A OE1 1 
ATOM   658 N NE2 . GLN A 1 83 ? 5.608   -9.469  -2.178  1.00 21.79 ? 83  GLN A NE2 1 
ATOM   659 N N   . TYR A 1 84 ? 3.259   -6.590  2.302   1.00 17.66 ? 84  TYR A N   1 
ATOM   660 C CA  . TYR A 1 84 ? 3.003   -5.181  2.610   1.00 16.39 ? 84  TYR A CA  1 
ATOM   661 C C   . TYR A 1 84 ? 1.523   -4.853  2.489   1.00 15.08 ? 84  TYR A C   1 
ATOM   662 O O   . TYR A 1 84 ? 0.717   -5.604  1.960   1.00 15.01 ? 84  TYR A O   1 
ATOM   663 C CB  . TYR A 1 84 ? 3.867   -4.214  1.894   1.00 15.78 ? 84  TYR A CB  1 
ATOM   664 C CG  . TYR A 1 84 ? 3.822   -4.148  0.389   1.00 14.92 ? 84  TYR A CG  1 
ATOM   665 C CD1 . TYR A 1 84 ? 2.722   -3.563  -0.264  1.00 15.62 ? 84  TYR A CD1 1 
ATOM   666 C CD2 . TYR A 1 84 ? 4.883   -4.574  -0.382  1.00 16.69 ? 84  TYR A CD2 1 
ATOM   667 C CE1 . TYR A 1 84 ? 2.721   -3.452  -1.644  1.00 15.02 ? 84  TYR A CE1 1 
ATOM   668 C CE2 . TYR A 1 84 ? 4.894   -4.457  -1.754  1.00 15.77 ? 84  TYR A CE2 1 
ATOM   669 C CZ  . TYR A 1 84 ? 3.780   -3.897  -2.380  1.00 14.45 ? 84  TYR A CZ  1 
ATOM   670 O OH  . TYR A 1 84 ? 3.790   -3.784  -3.755  1.00 14.64 ? 84  TYR A OH  1 
ATOM   671 N N   . ARG A 1 85 ? 1.143   -3.691  3.059   1.00 15.20 ? 85  ARG A N   1 
ATOM   672 C CA  . ARG A 1 85 ? -0.233  -3.276  3.151   1.00 14.16 ? 85  ARG A CA  1 
ATOM   673 C C   . ARG A 1 85 ? -1.105  -4.343  3.802   1.00 15.58 ? 85  ARG A C   1 
ATOM   674 O O   . ARG A 1 85 ? -2.174  -4.702  3.358   1.00 18.52 ? 85  ARG A O   1 
ATOM   675 C CB  . ARG A 1 85 ? -0.816  -2.819  1.805   1.00 15.31 ? 85  ARG A CB  1 
ATOM   676 C CG  . ARG A 1 85 ? -0.158  -1.522  1.317   1.00 12.89 ? 85  ARG A CG  1 
ATOM   677 C CD  . ARG A 1 85 ? -0.396  -1.283  -0.158  1.00 13.54 ? 85  ARG A CD  1 
ATOM   678 N NE  . ARG A 1 85 ? -1.662  -0.653  -0.471  1.00 12.05 ? 85  ARG A NE  1 
ATOM   679 C CZ  . ARG A 1 85 ? -1.813  0.703   -0.537  1.00 10.84 ? 85  ARG A CZ  1 
ATOM   680 N NH1 . ARG A 1 85 ? -0.828  1.511   -0.281  1.00 12.54 ? 85  ARG A NH1 1 
ATOM   681 N NH2 . ARG A 1 85 ? -3.004  1.132   -0.931  1.00 12.10 ? 85  ARG A NH2 1 
ATOM   682 N N   . CYS A 1 86 ? -0.580  -4.856  4.932   1.00 19.00 ? 86  CYS A N   1 
ATOM   683 C CA  . CYS A 1 86 ? -1.180  -5.972  5.631   1.00 21.08 ? 86  CYS A CA  1 
ATOM   684 C C   . CYS A 1 86 ? -2.216  -5.602  6.659   1.00 23.22 ? 86  CYS A C   1 
ATOM   685 O O   . CYS A 1 86 ? -2.185  -4.466  7.180   1.00 25.66 ? 86  CYS A O   1 
ATOM   686 C CB  . CYS A 1 86 ? -0.033  -6.761  6.344   1.00 21.37 ? 86  CYS A CB  1 
ATOM   687 S SG  . CYS A 1 86 ? 1.279   -7.231  5.210   1.00 19.98 ? 86  CYS A SG  1 
HETATM 688 C C1  . NAG B 2 .  ? -9.529  22.747  4.414   1.00 35.33 ? 1   NAG B C1  1 
HETATM 689 C C2  . NAG B 2 .  ? -9.910  21.297  4.721   1.00 35.66 ? 1   NAG B C2  1 
HETATM 690 C C3  . NAG B 2 .  ? -9.185  20.855  5.982   1.00 35.20 ? 1   NAG B C3  1 
HETATM 691 C C4  . NAG B 2 .  ? -7.667  21.027  5.770   1.00 33.37 ? 1   NAG B C4  1 
HETATM 692 C C5  . NAG B 2 .  ? -7.302  22.444  5.255   1.00 33.27 ? 1   NAG B C5  1 
HETATM 693 C C6  . NAG B 2 .  ? -5.863  22.400  4.706   1.00 32.57 ? 1   NAG B C6  1 
HETATM 694 C C7  . NAG B 2 .  ? -11.858 20.238  3.471   0.00 40.22 ? 1   NAG B C7  1 
HETATM 695 C C8  . NAG B 2 .  ? -13.245 19.751  3.588   0.00 40.07 ? 1   NAG B C8  1 
HETATM 696 N N2  . NAG B 2 .  ? -11.368 21.169  4.913   1.00 37.41 ? 1   NAG B N2  1 
HETATM 697 O O3  . NAG B 2 .  ? -9.487  19.473  6.200   1.00 36.78 ? 1   NAG B O3  1 
HETATM 698 O O4  . NAG B 2 .  ? -6.975  20.864  7.027   1.00 29.35 ? 1   NAG B O4  1 
HETATM 699 O O5  . NAG B 2 .  ? -8.113  22.795  4.168   1.00 34.32 ? 1   NAG B O5  1 
HETATM 700 O O6  . NAG B 2 .  ? -5.801  21.653  3.532   1.00 31.85 ? 1   NAG B O6  1 
HETATM 701 O O7  . NAG B 2 .  ? -11.196 20.034  2.539   0.00 43.75 ? 1   NAG B O7  1 
HETATM 702 C C1  . NAG B 2 .  ? -6.124  19.707  6.984   1.00 22.68 ? 2   NAG B C1  1 
HETATM 703 C C2  . NAG B 2 .  ? -5.239  19.808  8.200   1.00 23.40 ? 2   NAG B C2  1 
HETATM 704 C C3  . NAG B 2 .  ? -4.320  18.589  8.299   1.00 21.15 ? 2   NAG B C3  1 
HETATM 705 C C4  . NAG B 2 .  ? -5.172  17.316  8.182   1.00 19.08 ? 2   NAG B C4  1 
HETATM 706 C C5  . NAG B 2 .  ? -6.080  17.344  6.934   1.00 20.09 ? 2   NAG B C5  1 
HETATM 707 C C6  . NAG B 2 .  ? -6.984  16.150  6.866   1.00 20.74 ? 2   NAG B C6  1 
HETATM 708 C C7  . NAG B 2 .  ? -4.528  22.078  8.955   1.00 30.04 ? 2   NAG B C7  1 
HETATM 709 C C8  . NAG B 2 .  ? -3.420  23.068  8.878   1.00 30.86 ? 2   NAG B C8  1 
HETATM 710 N N2  . NAG B 2 .  ? -4.381  21.013  8.127   1.00 26.09 ? 2   NAG B N2  1 
HETATM 711 O O3  . NAG B 2 .  ? -3.666  18.672  9.558   1.00 22.73 ? 2   NAG B O3  1 
HETATM 712 O O4  . NAG B 2 .  ? -4.307  16.156  8.012   1.00 16.48 ? 2   NAG B O4  1 
HETATM 713 O O5  . NAG B 2 .  ? -6.911  18.513  7.030   1.00 21.12 ? 2   NAG B O5  1 
HETATM 714 O O6  . NAG B 2 .  ? -7.830  16.022  7.971   1.00 23.92 ? 2   NAG B O6  1 
HETATM 715 O O7  . NAG B 2 .  ? -5.433  22.197  9.639   1.00 31.92 ? 2   NAG B O7  1 
HETATM 716 C C1  . NAG B 2 .  ? -4.137  15.401  9.231   1.00 15.08 ? 3   NAG B C1  1 
HETATM 717 C C2  . NAG B 2 .  ? -3.625  14.015  8.763   1.00 13.08 ? 3   NAG B C2  1 
HETATM 718 C C3  . NAG B 2 .  ? -3.344  13.194  10.016  1.00 14.61 ? 3   NAG B C3  1 
HETATM 719 C C4  . NAG B 2 .  ? -2.345  13.950  10.897  1.00 14.25 ? 3   NAG B C4  1 
HETATM 720 C C5  . NAG B 2 .  ? -2.831  15.389  11.206  1.00 15.30 ? 3   NAG B C5  1 
HETATM 721 C C6  . NAG B 2 .  ? -1.746  16.169  11.897  1.00 17.09 ? 3   NAG B C6  1 
HETATM 722 C C7  . NAG B 2 .  ? -4.451  13.059  6.612   1.00 12.64 ? 3   NAG B C7  1 
HETATM 723 C C8  . NAG B 2 .  ? -5.591  12.378  5.974   1.00 14.46 ? 3   NAG B C8  1 
HETATM 724 N N2  . NAG B 2 .  ? -4.610  13.356  7.925   1.00 14.12 ? 3   NAG B N2  1 
HETATM 725 O O3  . NAG B 2 .  ? -2.786  11.941  9.636   1.00 14.67 ? 3   NAG B O3  1 
HETATM 726 O O4  . NAG B 2 .  ? -2.259  13.269  12.198  1.00 13.33 ? 3   NAG B O4  1 
HETATM 727 O O5  . NAG B 2 .  ? -3.081  16.017  9.937   1.00 16.15 ? 3   NAG B O5  1 
HETATM 728 O O6  . NAG B 2 .  ? -2.163  17.449  12.275  1.00 21.57 ? 3   NAG B O6  1 
HETATM 729 O O7  . NAG B 2 .  ? -3.459  13.331  6.074   1.00 13.02 ? 3   NAG B O7  1 
HETATM 730 C C1  . NAG B 2 .  ? -1.065  12.619  12.467  1.00 13.00 ? 4   NAG B C1  1 
HETATM 731 C C2  . NAG B 2 .  ? -0.987  12.330  13.996  1.00 14.42 ? 4   NAG B C2  1 
HETATM 732 C C3  . NAG B 2 .  ? 0.233   11.496  14.273  1.00 14.65 ? 4   NAG B C3  1 
HETATM 733 C C4  . NAG B 2 .  ? 0.069   10.146  13.481  1.00 14.34 ? 4   NAG B C4  1 
HETATM 734 C C5  . NAG B 2 .  ? -0.070  10.506  11.968  1.00 14.77 ? 4   NAG B C5  1 
HETATM 735 C C6  . NAG B 2 .  ? -0.368  9.212   11.194  1.00 14.26 ? 4   NAG B C6  1 
HETATM 736 C C7  . NAG B 2 .  ? -2.002  14.127  15.376  1.00 14.97 ? 4   NAG B C7  1 
HETATM 737 C C8  . NAG B 2 .  ? -1.847  15.549  15.803  1.00 15.87 ? 4   NAG B C8  1 
HETATM 738 N N2  . NAG B 2 .  ? -0.911  13.629  14.717  1.00 15.79 ? 4   NAG B N2  1 
HETATM 739 O O3  . NAG B 2 .  ? 0.223   11.151  15.675  1.00 16.72 ? 4   NAG B O3  1 
HETATM 740 O O4  . NAG B 2 .  ? 1.307   9.411   13.617  1.00 16.83 ? 4   NAG B O4  1 
HETATM 741 O O5  . NAG B 2 .  ? -1.216  11.322  11.822  1.00 14.49 ? 4   NAG B O5  1 
HETATM 742 O O6  . NAG B 2 .  ? 0.054   9.429   9.842   1.00 17.10 ? 4   NAG B O6  1 
HETATM 743 O O7  . NAG B 2 .  ? -2.961  13.508  15.539  1.00 15.81 ? 4   NAG B O7  1 
HETATM 744 O O   . HOH C 3 .  ? -0.563  -3.516  -8.007  1.00 15.09 ? 94  HOH A O   1 
HETATM 745 O O   . HOH C 3 .  ? -4.210  -1.864  0.037   1.00 16.76 ? 95  HOH A O   1 
HETATM 746 O O   . HOH C 3 .  ? -7.356  5.920   -4.819  1.00 20.11 ? 96  HOH A O   1 
HETATM 747 O O   . HOH C 3 .  ? 3.872   5.871   0.761   1.00 18.64 ? 97  HOH A O   1 
HETATM 748 O O   . HOH C 3 .  ? -0.664  5.290   -6.541  1.00 20.18 ? 98  HOH A O   1 
HETATM 749 O O   . HOH C 3 .  ? 7.586   -1.772  6.150   1.00 19.37 ? 99  HOH A O   1 
HETATM 750 O O   . HOH C 3 .  ? -6.706  -7.916  -15.639 1.00 19.15 ? 100 HOH A O   1 
HETATM 751 O O   . HOH C 3 .  ? 2.182   15.187  0.584   1.00 19.03 ? 101 HOH A O   1 
HETATM 752 O O   . HOH C 3 .  ? 4.930   8.651   -0.305  1.00 20.14 ? 102 HOH A O   1 
HETATM 753 O O   . HOH C 3 .  ? 2.207   3.637   7.405   1.00 27.68 ? 103 HOH A O   1 
HETATM 754 O O   . HOH C 3 .  ? -7.912  -0.377  -7.395  1.00 27.47 ? 104 HOH A O   1 
HETATM 755 O O   . HOH C 3 .  ? -5.811  5.382   8.627   1.00 27.80 ? 105 HOH A O   1 
HETATM 756 O O   . HOH C 3 .  ? 1.816   8.977   16.889  1.00 30.54 ? 106 HOH A O   1 
HETATM 757 O O   . HOH C 3 .  ? -0.138  18.225  -1.575  1.00 27.36 ? 107 HOH A O   1 
HETATM 758 O O   . HOH C 3 .  ? -6.888  12.610  9.634   1.00 31.81 ? 108 HOH A O   1 
HETATM 759 O O   . HOH C 3 .  ? -1.076  -4.660  -15.217 1.00 26.40 ? 109 HOH A O   1 
HETATM 760 O O   . HOH C 3 .  ? 1.506   15.337  14.322  1.00 27.21 ? 110 HOH A O   1 
HETATM 761 O O   . HOH C 3 .  ? 1.444   6.690   13.805  1.00 26.18 ? 111 HOH A O   1 
HETATM 762 O O   . HOH C 3 .  ? -3.000  6.795   9.991   1.00 29.55 ? 112 HOH A O   1 
HETATM 763 O O   . HOH C 3 .  ? -2.698  -1.284  -14.668 1.00 33.90 ? 113 HOH A O   1 
HETATM 764 O O   . HOH C 3 .  ? -4.043  -11.727 -11.640 1.00 29.39 ? 114 HOH A O   1 
HETATM 765 O O   . HOH C 3 .  ? -6.674  -3.732  -10.390 1.00 31.81 ? 115 HOH A O   1 
HETATM 766 O O   . HOH C 3 .  ? -0.010  16.555  -4.117  1.00 29.17 ? 116 HOH A O   1 
HETATM 767 O O   . HOH C 3 .  ? -11.907 4.398   4.570   1.00 34.99 ? 117 HOH A O   1 
HETATM 768 O O   . HOH C 3 .  ? -6.184  -11.182 -6.765  1.00 34.01 ? 118 HOH A O   1 
HETATM 769 O O   . HOH C 3 .  ? -5.407  -3.620  3.120   1.00 37.64 ? 119 HOH A O   1 
HETATM 770 O O   . HOH C 3 .  ? -11.944 1.774   -3.186  1.00 39.63 ? 120 HOH A O   1 
HETATM 771 O O   . HOH C 3 .  ? 5.400   -4.410  5.308   1.00 38.54 ? 121 HOH A O   1 
HETATM 772 O O   . HOH C 3 .  ? 2.048   -3.909  6.183   1.00 37.18 ? 122 HOH A O   1 
HETATM 773 O O   . HOH C 3 .  ? 3.990   -1.389  -11.578 1.00 29.03 ? 123 HOH A O   1 
HETATM 774 O O   . HOH C 3 .  ? 8.849   -8.215  -3.062  1.00 30.94 ? 124 HOH A O   1 
HETATM 775 O O   . HOH C 3 .  ? -10.040 -0.061  -4.274  1.00 26.56 ? 125 HOH A O   1 
HETATM 776 O O   . HOH C 3 .  ? 0.190   19.411  4.831   1.00 28.85 ? 126 HOH A O   1 
HETATM 777 O O   . HOH C 3 .  ? -8.294  -3.219  -6.822  1.00 39.44 ? 127 HOH A O   1 
HETATM 778 O O   . HOH C 3 .  ? -6.758  8.187   -6.461  1.00 37.93 ? 128 HOH A O   1 
HETATM 779 O O   . HOH C 3 .  ? -0.114  3.975   8.566   1.00 39.95 ? 129 HOH A O   1 
HETATM 780 O O   . HOH C 3 .  ? -8.153  -9.982  -7.517  1.00 36.31 ? 130 HOH A O   1 
HETATM 781 O O   . HOH C 3 .  ? -10.756 -8.030  -2.969  1.00 37.22 ? 131 HOH A O   1 
HETATM 782 O O   . HOH C 3 .  ? -11.050 -7.406  -0.154  1.00 39.90 ? 132 HOH A O   1 
HETATM 783 O O   . HOH C 3 .  ? -9.506  14.212  6.545   1.00 64.04 ? 133 HOH A O   1 
HETATM 784 O O   . HOH C 3 .  ? -11.640 -3.595  -2.879  1.00 37.41 ? 134 HOH A O   1 
HETATM 785 O O   . HOH C 3 .  ? 5.415   -3.389  -15.423 1.00 47.91 ? 135 HOH A O   1 
HETATM 786 O O   . HOH C 3 .  ? 9.146   2.082   -6.805  1.00 53.05 ? 136 HOH A O   1 
HETATM 787 O O   . HOH C 3 .  ? -0.310  18.578  8.401   1.00 35.86 ? 137 HOH A O   1 
HETATM 788 O O   . HOH C 3 .  ? -4.561  8.278   11.334  1.00 31.62 ? 138 HOH A O   1 
HETATM 789 O O   . HOH C 3 .  ? 8.184   2.469   -4.099  1.00 40.05 ? 139 HOH A O   1 
HETATM 790 O O   . HOH C 3 .  ? 3.936   10.488  13.365  1.00 36.88 ? 140 HOH A O   1 
HETATM 791 O O   . HOH C 3 .  ? 9.295   12.037  4.601   1.00 36.00 ? 141 HOH A O   1 
HETATM 792 O O   . HOH C 3 .  ? -9.111  -8.380  3.170   1.00 44.33 ? 142 HOH A O   1 
HETATM 793 O O   . HOH C 3 .  ? 11.024  6.816   3.096   1.00 40.92 ? 143 HOH A O   1 
HETATM 794 O O   . HOH C 3 .  ? -7.186  -1.226  2.606   1.00 32.76 ? 144 HOH A O   1 
HETATM 795 O O   . HOH C 3 .  ? -8.846  -11.686 -3.466  1.00 38.43 ? 145 HOH A O   1 
HETATM 796 O O   . HOH C 3 .  ? 7.226   -10.197 -4.413  1.00 36.51 ? 146 HOH A O   1 
HETATM 797 O O   . HOH C 3 .  ? 6.767   5.750   -4.602  1.00 35.06 ? 147 HOH A O   1 
HETATM 798 O O   . HOH C 3 .  ? 9.213   6.376   6.412   1.00 46.84 ? 148 HOH A O   1 
HETATM 799 O O   . HOH C 3 .  ? -9.371  17.763  8.830   1.00 49.80 ? 149 HOH A O   1 
HETATM 800 O O   . HOH C 3 .  ? 8.497   17.903  1.810   1.00 40.31 ? 150 HOH A O   1 
HETATM 801 O O   . HOH C 3 .  ? 0.280   -2.328  8.146   1.00 54.97 ? 151 HOH A O   1 
HETATM 802 O O   . HOH C 3 .  ? -4.399  -21.365 1.853   1.00 46.47 ? 152 HOH A O   1 
HETATM 803 O O   . HOH C 3 .  ? 7.172   -9.326  -7.030  1.00 45.42 ? 153 HOH A O   1 
HETATM 804 O O   . HOH C 3 .  ? -5.203  0.387   2.031   1.00 39.36 ? 154 HOH A O   1 
HETATM 805 O O   . HOH C 3 .  ? -10.085 2.161   -6.100  1.00 48.06 ? 155 HOH A O   1 
HETATM 806 O O   . HOH C 3 .  ? 5.045   -16.240 -6.666  1.00 45.67 ? 156 HOH A O   1 
HETATM 807 O O   . HOH C 3 .  ? -4.150  13.763  -5.332  1.00 40.12 ? 157 HOH A O   1 
HETATM 808 O O   . HOH C 3 .  ? 5.974   -11.794 5.602   1.00 54.15 ? 158 HOH A O   1 
HETATM 809 O O   . HOH C 3 .  ? 7.103   11.414  10.834  1.00 43.85 ? 159 HOH A O   1 
HETATM 810 O O   . HOH C 3 .  ? -0.606  -17.346 0.604   1.00 34.56 ? 160 HOH A O   1 
HETATM 811 O O   . HOH C 3 .  ? -10.119 5.101   -5.278  1.00 43.43 ? 161 HOH A O   1 
HETATM 812 O O   . HOH C 3 .  ? -4.997  10.059  -6.046  1.00 56.63 ? 162 HOH A O   1 
HETATM 813 O O   . HOH C 3 .  ? 11.090  4.047   -1.692  1.00 45.90 ? 163 HOH A O   1 
HETATM 814 O O   . HOH C 3 .  ? 3.817   -11.192 -9.422  1.00 42.73 ? 164 HOH A O   1 
HETATM 815 O O   . HOH C 3 .  ? -10.525 17.449  4.763   1.00 44.27 ? 165 HOH A O   1 
HETATM 816 O O   . HOH C 3 .  ? -10.657 18.127  1.634   1.00 57.40 ? 166 HOH A O   1 
HETATM 817 O O   . HOH C 3 .  ? 4.463   2.932   -7.089  1.00 43.92 ? 167 HOH A O   1 
HETATM 818 O O   . HOH C 3 .  ? 4.725   4.913   -6.265  1.00 45.39 ? 168 HOH A O   1 
HETATM 819 O O   . HOH C 3 .  ? 8.283   -6.101  0.604   1.00 43.95 ? 169 HOH A O   1 
# 
